data_2XPB
# 
_entry.id   2XPB 
# 
_audit_conform.dict_name       mmcif_pdbx.dic 
_audit_conform.dict_version    5.383 
_audit_conform.dict_location   http://mmcif.pdb.org/dictionaries/ascii/mmcif_pdbx.dic 
# 
loop_
_database_2.database_id 
_database_2.database_code 
_database_2.pdbx_database_accession 
_database_2.pdbx_DOI 
PDB   2XPB         pdb_00002xpb 10.2210/pdb2xpb/pdb 
PDBE  EBI-45166    ?            ?                   
WWPDB D_1290045166 ?            ?                   
# 
loop_
_pdbx_database_related.db_name 
_pdbx_database_related.db_id 
_pdbx_database_related.content_type 
_pdbx_database_related.details 
PDB 1F8A unspecified 'STRUCTURAL BASIS FOR THE PHOSPHOSERINE-PROLINE RECOGNITIONBY GROUP IV WW DOMAINS'                 
PDB 1I8G unspecified 'SOLUTION STRUCTURE OF PIN1 WW DOMAIN COMPLEXED WITH CDC25PHOSPHOTHREONINE PEPTIDE'                
PDB 1PIN unspecified 'PIN1 PEPTIDYL-PROLYL CIS-TRANS ISOMERASE FROM HOMO SAPIENS'                                       
PDB 2XP3 unspecified 'DISCOVERY OF CELL-ACTIVE PHENYL-IMIDAZOLE PIN1 INHIBITORS BY STRUCTURE-GUIDED FRAGMENT EVOLUTION' 
PDB 2XP8 unspecified 'DISCOVERY OF CELL-ACTIVE PHENYL-IMIDAZOLE PIN1 INHIBITORS BY STRUCTURE-GUIDED FRAGMENT EVOLUTION' 
PDB 2XP5 unspecified 'DISCOVERY OF CELL-ACTIVE PHENYL-IMIDAZOLE PIN1 INHIBITORS BY STRUCTURE-GUIDED FRAGMENT EVOLUTION' 
PDB 1NMV unspecified 'SOLUTION STRUCTURE OF HUMAN PIN1'                                                                 
PDB 2XP9 unspecified 'DISCOVERY OF CELL-ACTIVE PHENYL-IMIDAZOLE PIN1 INHIBITORS BY STRUCTURE-GUIDED FRAGMENT EVOLUTION' 
PDB 1NMW unspecified 'SOLUTION STRUCTURE OF THE PPIASE DOMAIN OF HUMAN PIN1'                                            
PDB 1ZCN unspecified 'HUMAN PIN1 NG MUTANT'                                                                             
PDB 2XP4 unspecified 'DISCOVERY OF CELL-ACTIVE PHENYL-IMIDAZOLE PIN1 INHIBITORS BY STRUCTURE-GUIDED FRAGMENT EVOLUTION' 
PDB 2XP7 unspecified 'DISCOVERY OF CELL-ACTIVE PHENYL-IMIDAZOLE PIN1 INHIBITORS BY STRUCTURE-GUIDED FRAGMENT EVOLUTION' 
PDB 2F21 unspecified 'HUMAN PIN1 FIP MUTANT'                                                                            
PDB 2XP6 unspecified 'DISCOVERY OF CELL-ACTIVE PHENYL-IMIDAZOLE PIN1 INHIBITORS BY STRUCTURE-GUIDED FRAGMENT EVOLUTION' 
PDB 1I8H unspecified 'SOLUTION STRUCTURE OF PIN1 WW DOMAIN COMPLEXED WITH HUMANTAU PHOSPHOTHREONINE PEPTIDE'            
PDB 2XPA unspecified 'DISCOVERY OF CELL-ACTIVE PHENYL-IMIDAZOLE PIN1 INHIBITORS BY STRUCTURE-GUIDED FRAGMENT EVOLUTION' 
PDB 1I6C unspecified 'SOLUTION STRUCTURE OF PIN1 WW DOMAIN'                                                             
# 
_pdbx_database_status.status_code                     REL 
_pdbx_database_status.entry_id                        2XPB 
_pdbx_database_status.deposit_site                    PDBE 
_pdbx_database_status.process_site                    PDBE 
_pdbx_database_status.SG_entry                        . 
_pdbx_database_status.recvd_initial_deposition_date   2010-08-25 
_pdbx_database_status.pdb_format_compatible           Y 
_pdbx_database_status.status_code_sf                  REL 
_pdbx_database_status.status_code_mr                  ? 
_pdbx_database_status.status_code_cs                  ? 
_pdbx_database_status.methods_development_category    ? 
_pdbx_database_status.status_code_nmr_data            ? 
# 
loop_
_audit_author.name 
_audit_author.pdbx_ordinal 
'Potter, A.'       1  
'Oldfield, V.'     2  
'Nunns, C.'        3  
'Fromont, C.'      4  
'Ray, S.'          5  
'Northfield, C.J.' 6  
'Bryant, C.J.'     7  
'Scrace, S.F.'     8  
'Robinson, D.'     9  
'Matossova, N.'    10 
'Baker, L.'        11 
'Dokurno, P.'      12 
'Surgenor, A.E.'   13 
'Davis, B.E.'      14 
'Richardson, C.M.' 15 
'Murray, J.B.'     16 
'Moore, J.D.'      17 
# 
_citation.id                        primary 
_citation.title                     
'Discovery of Cell-Active Phenyl-Imidazole Pin1 Inhibitors by Structure-Guided Fragment Evolution.' 
_citation.journal_abbrev            Bioorg.Med.Chem.Lett. 
_citation.journal_volume            20 
_citation.page_first                6483 
_citation.page_last                 ? 
_citation.year                      2010 
_citation.journal_id_ASTM           BMCLE8 
_citation.country                   UK 
_citation.journal_id_ISSN           0960-894X 
_citation.journal_id_CSD            1127 
_citation.book_publisher            ? 
_citation.pdbx_database_id_PubMed   20932746 
_citation.pdbx_database_id_DOI      10.1016/J.BMCL.2010.09.063 
# 
loop_
_citation_author.citation_id 
_citation_author.name 
_citation_author.ordinal 
_citation_author.identifier_ORCID 
primary 'Potter, A.'       1  ? 
primary 'Oldfield, V.'     2  ? 
primary 'Nunns, C.'        3  ? 
primary 'Fromont, C.'      4  ? 
primary 'Ray, S.'          5  ? 
primary 'Northfield, C.J.' 6  ? 
primary 'Bryant, C.J.'     7  ? 
primary 'Scrace, S.F.'     8  ? 
primary 'Robinson, D.'     9  ? 
primary 'Matossova, N.'    10 ? 
primary 'Baker, L.'        11 ? 
primary 'Dokurno, P.'      12 ? 
primary 'Surgenor, A.E.'   13 ? 
primary 'Davis, B.E.'      14 ? 
primary 'Richardson, C.M.' 15 ? 
primary 'Murray, J.B.'     16 ? 
primary 'Moore, J.D.'      17 ? 
# 
_cell.entry_id           2XPB 
_cell.length_a           68.668 
_cell.length_b           68.668 
_cell.length_c           79.477 
_cell.angle_alpha        90.00 
_cell.angle_beta         90.00 
_cell.angle_gamma        120.00 
_cell.Z_PDB              6 
_cell.pdbx_unique_axis   ? 
# 
_symmetry.entry_id                         2XPB 
_symmetry.space_group_name_H-M             'P 31 2 1' 
_symmetry.pdbx_full_space_group_name_H-M   ? 
_symmetry.cell_setting                     ? 
_symmetry.Int_Tables_number                152 
# 
loop_
_entity.id 
_entity.type 
_entity.src_method 
_entity.pdbx_description 
_entity.formula_weight 
_entity.pdbx_number_of_molecules 
_entity.pdbx_ec 
_entity.pdbx_mutation 
_entity.pdbx_fragment 
_entity.details 
1 polymer     man 'PEPTIDYL-PROLYL CIS-TRANS ISOMERASE NIMA-INTERACTING 1'                        18524.525 1   5.2.1.8 YES ? ? 
2 non-polymer syn 'DODECAETHYLENE GLYCOL'                                                         546.646   1   ?       ?   ? ? 
3 non-polymer syn '5-[BENZYL(METHYL)CARBAMOYL]-2-(3-CHLOROPHENYL)-1H-IMIDAZOLE-4-CARBOXYLIC ACID' 369.802   1   ?       ?   ? ? 
4 water       nat water                                                                           18.015    104 ?       ?   ? ? 
# 
_entity_name_com.entity_id   1 
_entity_name_com.name        'PEPTIDYL-PROLYL CIS-TRANS ISOMERASE PIN1, PIN1, PPIASE PIN1, ROTAMASE PIN1' 
# 
_entity_poly.entity_id                      1 
_entity_poly.type                           'polypeptide(L)' 
_entity_poly.nstd_linkage                   no 
_entity_poly.nstd_monomer                   no 
_entity_poly.pdbx_seq_one_letter_code       
;GSHGMADEEKLPPGWEKAMSRSSGRVYYFNHITNASQWERPSGNSSSGGKNGQGEPARVRCSHLLVKHSQSRRPSSWRQE
KITRTKEEALELINGYIQKIKSGEEDFESLASQFSDCSSAKARGDLGAFSRGQMQKPFEDASFALRTGEMSGPVFTDSGI
HIILRTE
;
_entity_poly.pdbx_seq_one_letter_code_can   
;GSHGMADEEKLPPGWEKAMSRSSGRVYYFNHITNASQWERPSGNSSSGGKNGQGEPARVRCSHLLVKHSQSRRPSSWRQE
KITRTKEEALELINGYIQKIKSGEEDFESLASQFSDCSSAKARGDLGAFSRGQMQKPFEDASFALRTGEMSGPVFTDSGI
HIILRTE
;
_entity_poly.pdbx_strand_id                 A 
_entity_poly.pdbx_target_identifier         ? 
# 
loop_
_entity_poly_seq.entity_id 
_entity_poly_seq.num 
_entity_poly_seq.mon_id 
_entity_poly_seq.hetero 
1 1   GLY n 
1 2   SER n 
1 3   HIS n 
1 4   GLY n 
1 5   MET n 
1 6   ALA n 
1 7   ASP n 
1 8   GLU n 
1 9   GLU n 
1 10  LYS n 
1 11  LEU n 
1 12  PRO n 
1 13  PRO n 
1 14  GLY n 
1 15  TRP n 
1 16  GLU n 
1 17  LYS n 
1 18  ALA n 
1 19  MET n 
1 20  SER n 
1 21  ARG n 
1 22  SER n 
1 23  SER n 
1 24  GLY n 
1 25  ARG n 
1 26  VAL n 
1 27  TYR n 
1 28  TYR n 
1 29  PHE n 
1 30  ASN n 
1 31  HIS n 
1 32  ILE n 
1 33  THR n 
1 34  ASN n 
1 35  ALA n 
1 36  SER n 
1 37  GLN n 
1 38  TRP n 
1 39  GLU n 
1 40  ARG n 
1 41  PRO n 
1 42  SER n 
1 43  GLY n 
1 44  ASN n 
1 45  SER n 
1 46  SER n 
1 47  SER n 
1 48  GLY n 
1 49  GLY n 
1 50  LYS n 
1 51  ASN n 
1 52  GLY n 
1 53  GLN n 
1 54  GLY n 
1 55  GLU n 
1 56  PRO n 
1 57  ALA n 
1 58  ARG n 
1 59  VAL n 
1 60  ARG n 
1 61  CYS n 
1 62  SER n 
1 63  HIS n 
1 64  LEU n 
1 65  LEU n 
1 66  VAL n 
1 67  LYS n 
1 68  HIS n 
1 69  SER n 
1 70  GLN n 
1 71  SER n 
1 72  ARG n 
1 73  ARG n 
1 74  PRO n 
1 75  SER n 
1 76  SER n 
1 77  TRP n 
1 78  ARG n 
1 79  GLN n 
1 80  GLU n 
1 81  LYS n 
1 82  ILE n 
1 83  THR n 
1 84  ARG n 
1 85  THR n 
1 86  LYS n 
1 87  GLU n 
1 88  GLU n 
1 89  ALA n 
1 90  LEU n 
1 91  GLU n 
1 92  LEU n 
1 93  ILE n 
1 94  ASN n 
1 95  GLY n 
1 96  TYR n 
1 97  ILE n 
1 98  GLN n 
1 99  LYS n 
1 100 ILE n 
1 101 LYS n 
1 102 SER n 
1 103 GLY n 
1 104 GLU n 
1 105 GLU n 
1 106 ASP n 
1 107 PHE n 
1 108 GLU n 
1 109 SER n 
1 110 LEU n 
1 111 ALA n 
1 112 SER n 
1 113 GLN n 
1 114 PHE n 
1 115 SER n 
1 116 ASP n 
1 117 CYS n 
1 118 SER n 
1 119 SER n 
1 120 ALA n 
1 121 LYS n 
1 122 ALA n 
1 123 ARG n 
1 124 GLY n 
1 125 ASP n 
1 126 LEU n 
1 127 GLY n 
1 128 ALA n 
1 129 PHE n 
1 130 SER n 
1 131 ARG n 
1 132 GLY n 
1 133 GLN n 
1 134 MET n 
1 135 GLN n 
1 136 LYS n 
1 137 PRO n 
1 138 PHE n 
1 139 GLU n 
1 140 ASP n 
1 141 ALA n 
1 142 SER n 
1 143 PHE n 
1 144 ALA n 
1 145 LEU n 
1 146 ARG n 
1 147 THR n 
1 148 GLY n 
1 149 GLU n 
1 150 MET n 
1 151 SER n 
1 152 GLY n 
1 153 PRO n 
1 154 VAL n 
1 155 PHE n 
1 156 THR n 
1 157 ASP n 
1 158 SER n 
1 159 GLY n 
1 160 ILE n 
1 161 HIS n 
1 162 ILE n 
1 163 ILE n 
1 164 LEU n 
1 165 ARG n 
1 166 THR n 
1 167 GLU n 
# 
_entity_src_gen.entity_id                          1 
_entity_src_gen.pdbx_src_id                        1 
_entity_src_gen.pdbx_alt_source_flag               sample 
_entity_src_gen.pdbx_seq_type                      ? 
_entity_src_gen.pdbx_beg_seq_num                   ? 
_entity_src_gen.pdbx_end_seq_num                   ? 
_entity_src_gen.gene_src_common_name               HUMAN 
_entity_src_gen.gene_src_genus                     ? 
_entity_src_gen.pdbx_gene_src_gene                 ? 
_entity_src_gen.gene_src_species                   ? 
_entity_src_gen.gene_src_strain                    ? 
_entity_src_gen.gene_src_tissue                    ? 
_entity_src_gen.gene_src_tissue_fraction           ? 
_entity_src_gen.gene_src_details                   ? 
_entity_src_gen.pdbx_gene_src_fragment             ? 
_entity_src_gen.pdbx_gene_src_scientific_name      'HOMO SAPIENS' 
_entity_src_gen.pdbx_gene_src_ncbi_taxonomy_id     9606 
_entity_src_gen.pdbx_gene_src_variant              ? 
_entity_src_gen.pdbx_gene_src_cell_line            ? 
_entity_src_gen.pdbx_gene_src_atcc                 ? 
_entity_src_gen.pdbx_gene_src_organ                ? 
_entity_src_gen.pdbx_gene_src_organelle            ? 
_entity_src_gen.pdbx_gene_src_cell                 ? 
_entity_src_gen.pdbx_gene_src_cellular_location    ? 
_entity_src_gen.host_org_common_name               ? 
_entity_src_gen.pdbx_host_org_scientific_name      'ESCHERICHIA COLI' 
_entity_src_gen.pdbx_host_org_ncbi_taxonomy_id     469008 
_entity_src_gen.host_org_genus                     ? 
_entity_src_gen.pdbx_host_org_gene                 ? 
_entity_src_gen.pdbx_host_org_organ                ? 
_entity_src_gen.host_org_species                   ? 
_entity_src_gen.pdbx_host_org_tissue               ? 
_entity_src_gen.pdbx_host_org_tissue_fraction      ? 
_entity_src_gen.pdbx_host_org_strain               'BL21(DE3)' 
_entity_src_gen.pdbx_host_org_variant              ? 
_entity_src_gen.pdbx_host_org_cell_line            ? 
_entity_src_gen.pdbx_host_org_atcc                 ? 
_entity_src_gen.pdbx_host_org_culture_collection   ? 
_entity_src_gen.pdbx_host_org_cell                 ? 
_entity_src_gen.pdbx_host_org_organelle            ? 
_entity_src_gen.pdbx_host_org_cellular_location    ? 
_entity_src_gen.pdbx_host_org_vector_type          PLASMID 
_entity_src_gen.pdbx_host_org_vector               ? 
_entity_src_gen.host_org_details                   ? 
_entity_src_gen.expression_system_id               ? 
_entity_src_gen.plasmid_name                       PET28A 
_entity_src_gen.plasmid_details                    ? 
_entity_src_gen.pdbx_description                   ? 
# 
_struct_ref.id                         1 
_struct_ref.db_name                    UNP 
_struct_ref.db_code                    PIN1_HUMAN 
_struct_ref.entity_id                  1 
_struct_ref.pdbx_seq_one_letter_code   ? 
_struct_ref.pdbx_align_begin           ? 
_struct_ref.pdbx_db_accession          Q13526 
_struct_ref.pdbx_db_isoform            ? 
# 
_struct_ref_seq.align_id                      1 
_struct_ref_seq.ref_id                        1 
_struct_ref_seq.pdbx_PDB_id_code              2XPB 
_struct_ref_seq.pdbx_strand_id                A 
_struct_ref_seq.seq_align_beg                 5 
_struct_ref_seq.pdbx_seq_align_beg_ins_code   ? 
_struct_ref_seq.seq_align_end                 167 
_struct_ref_seq.pdbx_seq_align_end_ins_code   ? 
_struct_ref_seq.pdbx_db_accession             Q13526 
_struct_ref_seq.db_align_beg                  1 
_struct_ref_seq.pdbx_db_align_beg_ins_code    ? 
_struct_ref_seq.db_align_end                  163 
_struct_ref_seq.pdbx_db_align_end_ins_code    ? 
_struct_ref_seq.pdbx_auth_seq_align_beg       1 
_struct_ref_seq.pdbx_auth_seq_align_end       163 
# 
loop_
_struct_ref_seq_dif.align_id 
_struct_ref_seq_dif.pdbx_pdb_id_code 
_struct_ref_seq_dif.mon_id 
_struct_ref_seq_dif.pdbx_pdb_strand_id 
_struct_ref_seq_dif.seq_num 
_struct_ref_seq_dif.pdbx_pdb_ins_code 
_struct_ref_seq_dif.pdbx_seq_db_name 
_struct_ref_seq_dif.pdbx_seq_db_accession_code 
_struct_ref_seq_dif.db_mon_id 
_struct_ref_seq_dif.pdbx_seq_db_seq_num 
_struct_ref_seq_dif.details 
_struct_ref_seq_dif.pdbx_auth_seq_num 
_struct_ref_seq_dif.pdbx_ordinal 
1 2XPB GLY A 1  ? UNP Q13526 ?   ?  'expression tag'      -3 1 
1 2XPB SER A 2  ? UNP Q13526 ?   ?  'expression tag'      -2 2 
1 2XPB HIS A 3  ? UNP Q13526 ?   ?  'expression tag'      -1 3 
1 2XPB GLY A 4  ? UNP Q13526 ?   ?  'expression tag'      0  4 
1 2XPB ALA A 18 ? UNP Q13526 ARG 14 'engineered mutation' 14 5 
# 
loop_
_chem_comp.id 
_chem_comp.type 
_chem_comp.mon_nstd_flag 
_chem_comp.name 
_chem_comp.pdbx_synonyms 
_chem_comp.formula 
_chem_comp.formula_weight 
12P non-polymer         . 'DODECAETHYLENE GLYCOL'                                                         
'POLYETHYLENE GLYCOL PEG400' 'C24 H50 O13'      546.646 
4GE non-polymer         . '5-[BENZYL(METHYL)CARBAMOYL]-2-(3-CHLOROPHENYL)-1H-IMIDAZOLE-4-CARBOXYLIC ACID' ? 'C19 H16 Cl N3 O3' 
369.802 
ALA 'L-peptide linking' y ALANINE                                                                         ? 'C3 H7 N O2'       
89.093  
ARG 'L-peptide linking' y ARGININE                                                                        ? 'C6 H15 N4 O2 1'   
175.209 
ASN 'L-peptide linking' y ASPARAGINE                                                                      ? 'C4 H8 N2 O3'      
132.118 
ASP 'L-peptide linking' y 'ASPARTIC ACID'                                                                 ? 'C4 H7 N O4'       
133.103 
CYS 'L-peptide linking' y CYSTEINE                                                                        ? 'C3 H7 N O2 S'     
121.158 
GLN 'L-peptide linking' y GLUTAMINE                                                                       ? 'C5 H10 N2 O3'     
146.144 
GLU 'L-peptide linking' y 'GLUTAMIC ACID'                                                                 ? 'C5 H9 N O4'       
147.129 
GLY 'peptide linking'   y GLYCINE                                                                         ? 'C2 H5 N O2'       
75.067  
HIS 'L-peptide linking' y HISTIDINE                                                                       ? 'C6 H10 N3 O2 1'   
156.162 
HOH non-polymer         . WATER                                                                           ? 'H2 O'             
18.015  
ILE 'L-peptide linking' y ISOLEUCINE                                                                      ? 'C6 H13 N O2'      
131.173 
LEU 'L-peptide linking' y LEUCINE                                                                         ? 'C6 H13 N O2'      
131.173 
LYS 'L-peptide linking' y LYSINE                                                                          ? 'C6 H15 N2 O2 1'   
147.195 
MET 'L-peptide linking' y METHIONINE                                                                      ? 'C5 H11 N O2 S'    
149.211 
PHE 'L-peptide linking' y PHENYLALANINE                                                                   ? 'C9 H11 N O2'      
165.189 
PRO 'L-peptide linking' y PROLINE                                                                         ? 'C5 H9 N O2'       
115.130 
SER 'L-peptide linking' y SERINE                                                                          ? 'C3 H7 N O3'       
105.093 
THR 'L-peptide linking' y THREONINE                                                                       ? 'C4 H9 N O3'       
119.119 
TRP 'L-peptide linking' y TRYPTOPHAN                                                                      ? 'C11 H12 N2 O2'    
204.225 
TYR 'L-peptide linking' y TYROSINE                                                                        ? 'C9 H11 N O3'      
181.189 
VAL 'L-peptide linking' y VALINE                                                                          ? 'C5 H11 N O2'      
117.146 
# 
_exptl.entry_id          2XPB 
_exptl.method            'X-RAY DIFFRACTION' 
_exptl.crystals_number   1 
# 
_exptl_crystal.id                    1 
_exptl_crystal.density_meas          ? 
_exptl_crystal.density_Matthews      2.87 
_exptl_crystal.density_percent_sol   57 
_exptl_crystal.description           NONE 
_exptl_crystal.preparation           ? 
# 
_exptl_crystal_grow.crystal_id      1 
_exptl_crystal_grow.method          'VAPOR DIFFUSION, HANGING DROP' 
_exptl_crystal_grow.temp            277 
_exptl_crystal_grow.temp_details    ? 
_exptl_crystal_grow.pH              7.5 
_exptl_crystal_grow.pdbx_pH_range   ? 
_exptl_crystal_grow.pdbx_details    
'2.2M AMMONIUM SULPHATE, 0.1M HEPES BUFFER, 1% PEG 400, 5MM DTT, PH 7.5, VAPOR DIFFUSION, HANGING DROP, TEMPERATURE 277.0K' 
# 
_diffrn.id                               1 
_diffrn.ambient_temp                     277.0 
_diffrn.ambient_temp_details             ? 
_diffrn.crystal_id                       1 
_diffrn.pdbx_serial_crystal_experiment   ? 
# 
_diffrn_detector.diffrn_id              1 
_diffrn_detector.detector               'IMAGE PLATE' 
_diffrn_detector.type                   'RIGAKU IMAGE PLATE' 
_diffrn_detector.pdbx_collection_date   ? 
_diffrn_detector.details                MIRRORS 
# 
_diffrn_radiation.diffrn_id                        1 
_diffrn_radiation.wavelength_id                    1 
_diffrn_radiation.pdbx_monochromatic_or_laue_m_l   M 
_diffrn_radiation.monochromator                    'CU FILTER' 
_diffrn_radiation.pdbx_diffrn_protocol             'SINGLE WAVELENGTH' 
_diffrn_radiation.pdbx_scattering_type             x-ray 
# 
_diffrn_radiation_wavelength.id           1 
_diffrn_radiation_wavelength.wavelength   1.5418 
_diffrn_radiation_wavelength.wt           1.0 
# 
_diffrn_source.diffrn_id                   1 
_diffrn_source.source                      'ROTATING ANODE' 
_diffrn_source.type                        'RIGAKU RUH3R' 
_diffrn_source.pdbx_synchrotron_site       ? 
_diffrn_source.pdbx_synchrotron_beamline   ? 
_diffrn_source.pdbx_wavelength             1.5418 
_diffrn_source.pdbx_wavelength_list        ? 
# 
_reflns.pdbx_diffrn_id               1 
_reflns.pdbx_ordinal                 1 
_reflns.entry_id                     2XPB 
_reflns.observed_criterion_sigma_I   2.0 
_reflns.observed_criterion_sigma_F   ? 
_reflns.d_resolution_low             30.00 
_reflns.d_resolution_high            2.00 
_reflns.number_obs                   14643 
_reflns.number_all                   ? 
_reflns.percent_possible_obs         97.1 
_reflns.pdbx_Rmerge_I_obs            0.09 
_reflns.pdbx_Rsym_value              ? 
_reflns.pdbx_netI_over_sigmaI        5.80 
_reflns.B_iso_Wilson_estimate        ? 
_reflns.pdbx_redundancy              2.21 
# 
_reflns_shell.pdbx_diffrn_id         1 
_reflns_shell.pdbx_ordinal           1 
_reflns_shell.d_res_high             2.00 
_reflns_shell.d_res_low              2.08 
_reflns_shell.percent_possible_all   97.5 
_reflns_shell.Rmerge_I_obs           0.46 
_reflns_shell.pdbx_Rsym_value        ? 
_reflns_shell.meanI_over_sigI_obs    1.50 
_reflns_shell.pdbx_redundancy        2.15 
# 
_refine.pdbx_refine_id                           'X-RAY DIFFRACTION' 
_refine.entry_id                                 2XPB 
_refine.pdbx_diffrn_id                           1 
_refine.pdbx_TLS_residual_ADP_flag               ? 
_refine.ls_number_reflns_obs                     13886 
_refine.ls_number_reflns_all                     ? 
_refine.pdbx_ls_sigma_I                          ? 
_refine.pdbx_ls_sigma_F                          . 
_refine.pdbx_data_cutoff_high_absF               ? 
_refine.pdbx_data_cutoff_low_absF                ? 
_refine.pdbx_data_cutoff_high_rms_absF           ? 
_refine.ls_d_res_low                             59.44 
_refine.ls_d_res_high                            2.00 
_refine.ls_percent_reflns_obs                    96.91 
_refine.ls_R_factor_obs                          0.22544 
_refine.ls_R_factor_all                          ? 
_refine.ls_R_factor_R_work                       0.22258 
_refine.ls_R_factor_R_free                       0.27699 
_refine.ls_R_factor_R_free_error                 ? 
_refine.ls_R_factor_R_free_error_details         ? 
_refine.ls_percent_reflns_R_free                 5.0 
_refine.ls_number_reflns_R_free                  736 
_refine.ls_number_parameters                     ? 
_refine.ls_number_restraints                     ? 
_refine.occupancy_min                            ? 
_refine.occupancy_max                            ? 
_refine.correlation_coeff_Fo_to_Fc               0.942 
_refine.correlation_coeff_Fo_to_Fc_free          0.914 
_refine.B_iso_mean                               29.074 
_refine.aniso_B[1][1]                            0.76 
_refine.aniso_B[2][2]                            0.76 
_refine.aniso_B[3][3]                            -1.14 
_refine.aniso_B[1][2]                            0.38 
_refine.aniso_B[1][3]                            0.00 
_refine.aniso_B[2][3]                            0.00 
_refine.solvent_model_details                    MASK 
_refine.solvent_model_param_ksol                 ? 
_refine.solvent_model_param_bsol                 ? 
_refine.pdbx_solvent_vdw_probe_radii             1.40 
_refine.pdbx_solvent_ion_probe_radii             0.80 
_refine.pdbx_solvent_shrinkage_radii             0.80 
_refine.pdbx_ls_cross_valid_method               THROUGHOUT 
_refine.details                                  'HYDROGENS HAVE BEEN ADDED IN THE RIDING POSITIONS.' 
_refine.pdbx_starting_model                      'PDB ENTRY 3KCE' 
_refine.pdbx_method_to_determine_struct          'MOLECULAR REPLACEMENT' 
_refine.pdbx_isotropic_thermal_model             ? 
_refine.pdbx_stereochemistry_target_values       'MAXIMUM LIKELIHOOD' 
_refine.pdbx_stereochem_target_val_spec_case     ? 
_refine.pdbx_R_Free_selection_details            RANDOM 
_refine.pdbx_overall_ESU_R                       0.177 
_refine.pdbx_overall_ESU_R_Free                  0.174 
_refine.overall_SU_ML                            0.137 
_refine.pdbx_overall_phase_error                 ? 
_refine.overall_SU_B                             5.068 
_refine.overall_SU_R_Cruickshank_DPI             ? 
_refine.pdbx_overall_SU_R_free_Cruickshank_DPI   ? 
_refine.pdbx_overall_SU_R_Blow_DPI               ? 
_refine.pdbx_overall_SU_R_free_Blow_DPI          ? 
# 
_refine_hist.pdbx_refine_id                   'X-RAY DIFFRACTION' 
_refine_hist.cycle_id                         LAST 
_refine_hist.pdbx_number_atoms_protein        1156 
_refine_hist.pdbx_number_atoms_nucleic_acid   0 
_refine_hist.pdbx_number_atoms_ligand         35 
_refine_hist.number_atoms_solvent             104 
_refine_hist.number_atoms_total               1295 
_refine_hist.d_res_high                       2.00 
_refine_hist.d_res_low                        59.44 
# 
loop_
_refine_ls_restr.type 
_refine_ls_restr.dev_ideal 
_refine_ls_restr.dev_ideal_target 
_refine_ls_restr.weight 
_refine_ls_restr.number 
_refine_ls_restr.pdbx_refine_id 
_refine_ls_restr.pdbx_restraint_function 
r_bond_refined_d             0.022  0.021  ? 1217 'X-RAY DIFFRACTION' ? 
r_bond_other_d               ?      ?      ? ?    'X-RAY DIFFRACTION' ? 
r_angle_refined_deg          1.832  1.971  ? 1632 'X-RAY DIFFRACTION' ? 
r_angle_other_deg            ?      ?      ? ?    'X-RAY DIFFRACTION' ? 
r_dihedral_angle_1_deg       7.630  5.000  ? 144  'X-RAY DIFFRACTION' ? 
r_dihedral_angle_2_deg       35.636 22.456 ? 57   'X-RAY DIFFRACTION' ? 
r_dihedral_angle_3_deg       18.220 15.000 ? 209  'X-RAY DIFFRACTION' ? 
r_dihedral_angle_4_deg       19.308 15.000 ? 13   'X-RAY DIFFRACTION' ? 
r_chiral_restr               0.126  0.200  ? 162  'X-RAY DIFFRACTION' ? 
r_gen_planes_refined         0.009  0.021  ? 941  'X-RAY DIFFRACTION' ? 
r_gen_planes_other           ?      ?      ? ?    'X-RAY DIFFRACTION' ? 
r_nbd_refined                ?      ?      ? ?    'X-RAY DIFFRACTION' ? 
r_nbd_other                  ?      ?      ? ?    'X-RAY DIFFRACTION' ? 
r_nbtor_refined              ?      ?      ? ?    'X-RAY DIFFRACTION' ? 
r_nbtor_other                ?      ?      ? ?    'X-RAY DIFFRACTION' ? 
r_xyhbond_nbd_refined        ?      ?      ? ?    'X-RAY DIFFRACTION' ? 
r_xyhbond_nbd_other          ?      ?      ? ?    'X-RAY DIFFRACTION' ? 
r_metal_ion_refined          ?      ?      ? ?    'X-RAY DIFFRACTION' ? 
r_metal_ion_other            ?      ?      ? ?    'X-RAY DIFFRACTION' ? 
r_symmetry_vdw_refined       ?      ?      ? ?    'X-RAY DIFFRACTION' ? 
r_symmetry_vdw_other         ?      ?      ? ?    'X-RAY DIFFRACTION' ? 
r_symmetry_hbond_refined     ?      ?      ? ?    'X-RAY DIFFRACTION' ? 
r_symmetry_hbond_other       ?      ?      ? ?    'X-RAY DIFFRACTION' ? 
r_symmetry_metal_ion_refined ?      ?      ? ?    'X-RAY DIFFRACTION' ? 
r_symmetry_metal_ion_other   ?      ?      ? ?    'X-RAY DIFFRACTION' ? 
r_mcbond_it                  1.145  1.500  ? 725  'X-RAY DIFFRACTION' ? 
r_mcbond_other               ?      ?      ? ?    'X-RAY DIFFRACTION' ? 
r_mcangle_it                 2.037  2.000  ? 1159 'X-RAY DIFFRACTION' ? 
r_mcangle_other              ?      ?      ? ?    'X-RAY DIFFRACTION' ? 
r_scbond_it                  3.206  3.000  ? 492  'X-RAY DIFFRACTION' ? 
r_scbond_other               ?      ?      ? ?    'X-RAY DIFFRACTION' ? 
r_scangle_it                 5.052  4.500  ? 473  'X-RAY DIFFRACTION' ? 
r_scangle_other              ?      ?      ? ?    'X-RAY DIFFRACTION' ? 
r_long_range_B_refined       ?      ?      ? ?    'X-RAY DIFFRACTION' ? 
r_long_range_B_other         ?      ?      ? ?    'X-RAY DIFFRACTION' ? 
r_rigid_bond_restr           ?      ?      ? ?    'X-RAY DIFFRACTION' ? 
r_sphericity_free            ?      ?      ? ?    'X-RAY DIFFRACTION' ? 
r_sphericity_bonded          ?      ?      ? ?    'X-RAY DIFFRACTION' ? 
# 
_refine_ls_shell.pdbx_refine_id                   'X-RAY DIFFRACTION' 
_refine_ls_shell.pdbx_total_number_of_bins_used   20 
_refine_ls_shell.d_res_high                       2.000 
_refine_ls_shell.d_res_low                        2.052 
_refine_ls_shell.number_reflns_R_work             991 
_refine_ls_shell.R_factor_R_work                  0.342 
_refine_ls_shell.percent_reflns_obs               97.06 
_refine_ls_shell.R_factor_R_free                  0.464 
_refine_ls_shell.R_factor_R_free_error            ? 
_refine_ls_shell.percent_reflns_R_free            ? 
_refine_ls_shell.number_reflns_R_free             67 
_refine_ls_shell.number_reflns_all                ? 
_refine_ls_shell.R_factor_all                     ? 
# 
_struct.entry_id                  2XPB 
_struct.title                     
'DISCOVERY OF CELL-ACTIVE PHENYL-IMIDAZOLE PIN1 INHIBITORS BY STRUCTURE-GUIDED FRAGMENT EVOLUTION' 
_struct.pdbx_model_details        ? 
_struct.pdbx_CASP_flag            ? 
_struct.pdbx_model_type_details   ? 
# 
_struct_keywords.entry_id        2XPB 
_struct_keywords.pdbx_keywords   ISOMERASE 
_struct_keywords.text            'ISOMERASE, PROLINE DIRECTED KINASE, CELL CYCLE, ONCOGENIC TRANSFORMATION' 
# 
loop_
_struct_asym.id 
_struct_asym.pdbx_blank_PDB_chainid_flag 
_struct_asym.pdbx_modified 
_struct_asym.entity_id 
_struct_asym.details 
A N N 1 ? 
B N N 2 ? 
C N N 3 ? 
D N N 4 ? 
# 
loop_
_struct_conf.conf_type_id 
_struct_conf.id 
_struct_conf.pdbx_PDB_helix_id 
_struct_conf.beg_label_comp_id 
_struct_conf.beg_label_asym_id 
_struct_conf.beg_label_seq_id 
_struct_conf.pdbx_beg_PDB_ins_code 
_struct_conf.end_label_comp_id 
_struct_conf.end_label_asym_id 
_struct_conf.end_label_seq_id 
_struct_conf.pdbx_end_PDB_ins_code 
_struct_conf.beg_auth_comp_id 
_struct_conf.beg_auth_asym_id 
_struct_conf.beg_auth_seq_id 
_struct_conf.end_auth_comp_id 
_struct_conf.end_auth_asym_id 
_struct_conf.end_auth_seq_id 
_struct_conf.pdbx_PDB_helix_class 
_struct_conf.details 
_struct_conf.pdbx_PDB_helix_length 
HELX_P HELX_P1 1 THR A 85  ? GLY A 103 ? THR A 81  GLY A 99  1 ? 19 
HELX_P HELX_P2 2 ASP A 106 ? SER A 115 ? ASP A 102 SER A 111 1 ? 10 
HELX_P HELX_P3 3 CYS A 117 ? ARG A 123 ? CYS A 113 ARG A 119 5 ? 7  
HELX_P HELX_P4 4 GLN A 135 ? LEU A 145 ? GLN A 131 LEU A 141 1 ? 11 
# 
_struct_conf_type.id          HELX_P 
_struct_conf_type.criteria    ? 
_struct_conf_type.reference   ? 
# 
loop_
_struct_sheet.id 
_struct_sheet.type 
_struct_sheet.number_strands 
_struct_sheet.details 
AA ? 3 ? 
AB ? 4 ? 
# 
loop_
_struct_sheet_order.sheet_id 
_struct_sheet_order.range_id_1 
_struct_sheet_order.range_id_2 
_struct_sheet_order.offset 
_struct_sheet_order.sense 
AA 1 2 ? anti-parallel 
AA 2 3 ? anti-parallel 
AB 1 2 ? anti-parallel 
AB 2 3 ? anti-parallel 
AB 3 4 ? anti-parallel 
# 
loop_
_struct_sheet_range.sheet_id 
_struct_sheet_range.id 
_struct_sheet_range.beg_label_comp_id 
_struct_sheet_range.beg_label_asym_id 
_struct_sheet_range.beg_label_seq_id 
_struct_sheet_range.pdbx_beg_PDB_ins_code 
_struct_sheet_range.end_label_comp_id 
_struct_sheet_range.end_label_asym_id 
_struct_sheet_range.end_label_seq_id 
_struct_sheet_range.pdbx_end_PDB_ins_code 
_struct_sheet_range.beg_auth_comp_id 
_struct_sheet_range.beg_auth_asym_id 
_struct_sheet_range.beg_auth_seq_id 
_struct_sheet_range.end_auth_comp_id 
_struct_sheet_range.end_auth_asym_id 
_struct_sheet_range.end_auth_seq_id 
AA 1 TRP A 15  ? MET A 19  ? TRP A 11  MET A 15  
AA 2 VAL A 26  ? ASN A 30  ? VAL A 22  ASN A 26  
AA 3 SER A 36  ? GLN A 37  ? SER A 32  GLN A 33  
AB 1 ASP A 125 ? SER A 130 ? ASP A 121 SER A 126 
AB 2 ARG A 58  ? VAL A 66  ? ARG A 54  VAL A 62  
AB 3 GLY A 159 ? GLU A 167 ? GLY A 155 GLU A 163 
AB 4 VAL A 154 ? THR A 156 ? VAL A 150 THR A 152 
# 
loop_
_pdbx_struct_sheet_hbond.sheet_id 
_pdbx_struct_sheet_hbond.range_id_1 
_pdbx_struct_sheet_hbond.range_id_2 
_pdbx_struct_sheet_hbond.range_1_label_atom_id 
_pdbx_struct_sheet_hbond.range_1_label_comp_id 
_pdbx_struct_sheet_hbond.range_1_label_asym_id 
_pdbx_struct_sheet_hbond.range_1_label_seq_id 
_pdbx_struct_sheet_hbond.range_1_PDB_ins_code 
_pdbx_struct_sheet_hbond.range_1_auth_atom_id 
_pdbx_struct_sheet_hbond.range_1_auth_comp_id 
_pdbx_struct_sheet_hbond.range_1_auth_asym_id 
_pdbx_struct_sheet_hbond.range_1_auth_seq_id 
_pdbx_struct_sheet_hbond.range_2_label_atom_id 
_pdbx_struct_sheet_hbond.range_2_label_comp_id 
_pdbx_struct_sheet_hbond.range_2_label_asym_id 
_pdbx_struct_sheet_hbond.range_2_label_seq_id 
_pdbx_struct_sheet_hbond.range_2_PDB_ins_code 
_pdbx_struct_sheet_hbond.range_2_auth_atom_id 
_pdbx_struct_sheet_hbond.range_2_auth_comp_id 
_pdbx_struct_sheet_hbond.range_2_auth_asym_id 
_pdbx_struct_sheet_hbond.range_2_auth_seq_id 
AA 1 2 N ALA A 18  ? N ALA A 14  O TYR A 27  ? O TYR A 23  
AA 2 3 N TYR A 28  ? N TYR A 24  O GLN A 37  ? O GLN A 33  
AB 1 2 N PHE A 129 ? N PHE A 125 O VAL A 59  ? O VAL A 55  
AB 2 3 N VAL A 66  ? N VAL A 62  O ILE A 160 ? O ILE A 156 
AB 3 4 N HIS A 161 ? N HIS A 157 O VAL A 154 ? O VAL A 150 
# 
loop_
_struct_site.id 
_struct_site.pdbx_evidence_code 
_struct_site.pdbx_auth_asym_id 
_struct_site.pdbx_auth_comp_id 
_struct_site.pdbx_auth_seq_id 
_struct_site.pdbx_auth_ins_code 
_struct_site.pdbx_num_residues 
_struct_site.details 
AC1 Software A 12P 1164 ? 9  'BINDING SITE FOR RESIDUE 12P A 1164' 
AC2 Software A 4GE 1165 ? 12 'BINDING SITE FOR RESIDUE 4GE A 1165' 
# 
loop_
_struct_site_gen.id 
_struct_site_gen.site_id 
_struct_site_gen.pdbx_num_res 
_struct_site_gen.label_comp_id 
_struct_site_gen.label_asym_id 
_struct_site_gen.label_seq_id 
_struct_site_gen.pdbx_auth_ins_code 
_struct_site_gen.auth_comp_id 
_struct_site_gen.auth_asym_id 
_struct_site_gen.auth_seq_id 
_struct_site_gen.label_atom_id 
_struct_site_gen.label_alt_id 
_struct_site_gen.symmetry 
_struct_site_gen.details 
1  AC1 9  TYR A 27  ? TYR A 23   . ? 1_555 ? 
2  AC1 9  TRP A 38  ? TRP A 34   . ? 1_555 ? 
3  AC1 9  LYS A 101 ? LYS A 97   . ? 6_555 ? 
4  AC1 9  LYS A 101 ? LYS A 97   . ? 1_555 ? 
5  AC1 9  SER A 102 ? SER A 98   . ? 6_555 ? 
6  AC1 9  HOH D .   ? HOH A 2006 . ? 1_555 ? 
7  AC1 9  HOH D .   ? HOH A 2015 . ? 1_555 ? 
8  AC1 9  HOH D .   ? HOH A 2101 . ? 1_555 ? 
9  AC1 9  HOH D .   ? HOH A 2102 . ? 1_555 ? 
10 AC2 12 LYS A 67  ? LYS A 63   . ? 1_555 ? 
11 AC2 12 ARG A 72  ? ARG A 68   . ? 1_555 ? 
12 AC2 12 ARG A 73  ? ARG A 69   . ? 1_555 ? 
13 AC2 12 CYS A 117 ? CYS A 113  . ? 1_555 ? 
14 AC2 12 SER A 118 ? SER A 114  . ? 1_555 ? 
15 AC2 12 LEU A 126 ? LEU A 122  . ? 1_555 ? 
16 AC2 12 GLN A 135 ? GLN A 131  . ? 1_555 ? 
17 AC2 12 PHE A 138 ? PHE A 134  . ? 1_555 ? 
18 AC2 12 SER A 158 ? SER A 154  . ? 1_555 ? 
19 AC2 12 HIS A 161 ? HIS A 157  . ? 1_555 ? 
20 AC2 12 HOH D .   ? HOH A 2072 . ? 1_555 ? 
21 AC2 12 HOH D .   ? HOH A 2103 . ? 1_555 ? 
# 
_atom_sites.entry_id                    2XPB 
_atom_sites.fract_transf_matrix[1][1]   -0.00162942 
_atom_sites.fract_transf_matrix[1][2]   -0.01673680 
_atom_sites.fract_transf_matrix[1][3]   0.00000986 
_atom_sites.fract_transf_matrix[2][1]   0.00870892 
_atom_sites.fract_transf_matrix[2][2]   -0.00930211 
_atom_sites.fract_transf_matrix[2][3]   -0.01097284 
_atom_sites.fract_transf_matrix[3][1]   0.00944027 
_atom_sites.fract_transf_matrix[3][2]   -0.00091419 
_atom_sites.fract_transf_matrix[3][3]   0.00826754 
_atom_sites.fract_transf_vector[1]      0.239497 
_atom_sites.fract_transf_vector[2]      -0.395170 
_atom_sites.fract_transf_vector[3]      0.184740 
# 
loop_
_atom_type.symbol 
C  
CL 
N  
O  
S  
# 
loop_
_atom_site.group_PDB 
_atom_site.id 
_atom_site.type_symbol 
_atom_site.label_atom_id 
_atom_site.label_alt_id 
_atom_site.label_comp_id 
_atom_site.label_asym_id 
_atom_site.label_entity_id 
_atom_site.label_seq_id 
_atom_site.pdbx_PDB_ins_code 
_atom_site.Cartn_x 
_atom_site.Cartn_y 
_atom_site.Cartn_z 
_atom_site.occupancy 
_atom_site.B_iso_or_equiv 
_atom_site.pdbx_formal_charge 
_atom_site.auth_seq_id 
_atom_site.auth_comp_id 
_atom_site.auth_asym_id 
_atom_site.auth_atom_id 
_atom_site.pdbx_PDB_model_num 
ATOM   1    N  N   . LEU A 1 11  ? -4.348  10.880  18.445  1.00 38.08 ? 7    LEU A N   1 
ATOM   2    C  CA  . LEU A 1 11  ? -4.323  10.597  16.962  1.00 38.68 ? 7    LEU A CA  1 
ATOM   3    C  C   . LEU A 1 11  ? -5.005  9.238   16.755  1.00 38.92 ? 7    LEU A C   1 
ATOM   4    O  O   . LEU A 1 11  ? -4.960  8.406   17.654  1.00 39.61 ? 7    LEU A O   1 
ATOM   5    C  CB  . LEU A 1 11  ? -2.864  10.569  16.447  1.00 38.48 ? 7    LEU A CB  1 
ATOM   6    C  CG  . LEU A 1 11  ? -1.928  11.776  16.729  1.00 39.98 ? 7    LEU A CG  1 
ATOM   7    C  CD1 . LEU A 1 11  ? -0.509  11.409  17.193  1.00 39.91 ? 7    LEU A CD1 1 
ATOM   8    C  CD2 . LEU A 1 11  ? -1.842  12.760  15.547  1.00 39.71 ? 7    LEU A CD2 1 
ATOM   9    N  N   . PRO A 1 12  ? -5.628  8.987   15.584  1.00 38.99 ? 8    PRO A N   1 
ATOM   10   C  CA  . PRO A 1 12  ? -6.262  7.666   15.334  1.00 38.36 ? 8    PRO A CA  1 
ATOM   11   C  C   . PRO A 1 12  ? -5.263  6.455   15.339  1.00 37.37 ? 8    PRO A C   1 
ATOM   12   O  O   . PRO A 1 12  ? -4.016  6.666   15.291  1.00 36.91 ? 8    PRO A O   1 
ATOM   13   C  CB  . PRO A 1 12  ? -6.912  7.836   13.953  1.00 38.92 ? 8    PRO A CB  1 
ATOM   14   C  CG  . PRO A 1 12  ? -6.709  9.282   13.572  1.00 39.47 ? 8    PRO A CG  1 
ATOM   15   C  CD  . PRO A 1 12  ? -5.552  9.782   14.349  1.00 38.95 ? 8    PRO A CD  1 
ATOM   16   N  N   . PRO A 1 13  ? -5.792  5.200   15.427  1.00 36.26 ? 9    PRO A N   1 
ATOM   17   C  CA  . PRO A 1 13  ? -4.926  4.003   15.578  1.00 35.57 ? 9    PRO A CA  1 
ATOM   18   C  C   . PRO A 1 13  ? -3.694  3.940   14.643  1.00 35.12 ? 9    PRO A C   1 
ATOM   19   O  O   . PRO A 1 13  ? -3.826  4.046   13.375  1.00 33.31 ? 9    PRO A O   1 
ATOM   20   C  CB  . PRO A 1 13  ? -5.889  2.822   15.293  1.00 35.91 ? 9    PRO A CB  1 
ATOM   21   C  CG  . PRO A 1 13  ? -7.214  3.333   15.835  1.00 37.37 ? 9    PRO A CG  1 
ATOM   22   C  CD  . PRO A 1 13  ? -7.229  4.834   15.477  1.00 36.29 ? 9    PRO A CD  1 
ATOM   23   N  N   . GLY A 1 14  ? -2.519  3.763   15.277  1.00 33.81 ? 10   GLY A N   1 
ATOM   24   C  CA  . GLY A 1 14  ? -1.229  3.645   14.567  1.00 32.36 ? 10   GLY A CA  1 
ATOM   25   C  C   . GLY A 1 14  ? -0.407  4.905   14.291  1.00 31.24 ? 10   GLY A C   1 
ATOM   26   O  O   . GLY A 1 14  ? 0.763   4.835   13.878  1.00 30.00 ? 10   GLY A O   1 
ATOM   27   N  N   . TRP A 1 15  ? -1.019  6.055   14.515  1.00 31.20 ? 11   TRP A N   1 
ATOM   28   C  CA  . TRP A 1 15  ? -0.446  7.322   14.106  1.00 31.08 ? 11   TRP A CA  1 
ATOM   29   C  C   . TRP A 1 15  ? 0.473   7.776   15.190  1.00 31.92 ? 11   TRP A C   1 
ATOM   30   O  O   . TRP A 1 15  ? 0.159   7.587   16.351  1.00 32.60 ? 11   TRP A O   1 
ATOM   31   C  CB  . TRP A 1 15  ? -1.537  8.371   13.845  1.00 30.17 ? 11   TRP A CB  1 
ATOM   32   C  CG  . TRP A 1 15  ? -2.151  8.252   12.478  1.00 27.99 ? 11   TRP A CG  1 
ATOM   33   C  CD1 . TRP A 1 15  ? -3.388  7.746   12.172  1.00 26.59 ? 11   TRP A CD1 1 
ATOM   34   C  CD2 . TRP A 1 15  ? -1.545  8.618   11.217  1.00 29.88 ? 11   TRP A CD2 1 
ATOM   35   N  NE1 . TRP A 1 15  ? -3.602  7.784   10.810  1.00 27.20 ? 11   TRP A NE1 1 
ATOM   36   C  CE2 . TRP A 1 15  ? -2.503  8.324   10.195  1.00 27.74 ? 11   TRP A CE2 1 
ATOM   37   C  CE3 . TRP A 1 15  ? -0.278  9.155   10.841  1.00 25.31 ? 11   TRP A CE3 1 
ATOM   38   C  CZ2 . TRP A 1 15  ? -2.244  8.549   8.840   1.00 24.95 ? 11   TRP A CZ2 1 
ATOM   39   C  CZ3 . TRP A 1 15  ? -0.036  9.403   9.481   1.00 22.95 ? 11   TRP A CZ3 1 
ATOM   40   C  CH2 . TRP A 1 15  ? -1.007  9.086   8.504   1.00 26.75 ? 11   TRP A CH2 1 
ATOM   41   N  N   . GLU A 1 16  ? 1.620   8.333   14.793  1.00 32.32 ? 12   GLU A N   1 
ATOM   42   C  CA  . GLU A 1 16  ? 2.596   8.919   15.710  1.00 33.23 ? 12   GLU A CA  1 
ATOM   43   C  C   . GLU A 1 16  ? 3.251   10.201  15.129  1.00 34.27 ? 12   GLU A C   1 
ATOM   44   O  O   . GLU A 1 16  ? 3.318   10.408  13.897  1.00 33.46 ? 12   GLU A O   1 
ATOM   45   C  CB  . GLU A 1 16  ? 3.650   7.890   16.107  1.00 32.75 ? 12   GLU A CB  1 
ATOM   46   N  N   . LYS A 1 17  ? 3.708   11.068  16.029  1.00 36.01 ? 13   LYS A N   1 
ATOM   47   C  CA  . LYS A 1 17  ? 4.318   12.349  15.669  1.00 37.31 ? 13   LYS A CA  1 
ATOM   48   C  C   . LYS A 1 17  ? 5.819   12.195  15.548  1.00 38.01 ? 13   LYS A C   1 
ATOM   49   O  O   . LYS A 1 17  ? 6.443   11.443  16.273  1.00 38.46 ? 13   LYS A O   1 
ATOM   50   C  CB  . LYS A 1 17  ? 3.966   13.404  16.728  1.00 38.64 ? 13   LYS A CB  1 
ATOM   51   C  CG  . LYS A 1 17  ? 4.031   14.877  16.228  1.00 40.59 ? 13   LYS A CG  1 
ATOM   52   C  CD  . LYS A 1 17  ? 3.730   15.934  17.339  1.00 43.34 ? 13   LYS A CD  1 
ATOM   53   C  CE  . LYS A 1 17  ? 2.244   16.006  17.753  1.00 47.50 ? 13   LYS A CE  1 
ATOM   54   N  NZ  . LYS A 1 17  ? 2.001   17.072  18.798  1.00 48.38 ? 13   LYS A NZ  1 
ATOM   55   N  N   . ALA A 1 18  ? 6.420   12.896  14.610  1.00 38.45 ? 14   ALA A N   1 
ATOM   56   C  CA  . ALA A 1 18  ? 7.845   12.794  14.461  1.00 39.52 ? 14   ALA A CA  1 
ATOM   57   C  C   . ALA A 1 18  ? 8.388   14.097  13.885  1.00 40.63 ? 14   ALA A C   1 
ATOM   58   O  O   . ALA A 1 18  ? 7.616   14.993  13.480  1.00 39.79 ? 14   ALA A O   1 
ATOM   59   C  CB  . ALA A 1 18  ? 8.181   11.599  13.562  1.00 39.31 ? 14   ALA A CB  1 
ATOM   60   N  N   . MET A 1 19  ? 9.709   14.203  13.867  1.00 41.42 ? 15   MET A N   1 
ATOM   61   C  CA  . MET A 1 19  ? 10.379  15.374  13.304  1.00 42.46 ? 15   MET A CA  1 
ATOM   62   C  C   . MET A 1 19  ? 11.055  14.991  12.004  1.00 41.10 ? 15   MET A C   1 
ATOM   63   O  O   . MET A 1 19  ? 11.715  13.974  11.939  1.00 40.62 ? 15   MET A O   1 
ATOM   64   C  CB  . MET A 1 19  ? 11.441  15.891  14.291  1.00 42.76 ? 15   MET A CB  1 
ATOM   65   C  CG  . MET A 1 19  ? 11.694  17.390  14.214  1.00 47.58 ? 15   MET A CG  1 
ATOM   66   S  SD  . MET A 1 19  ? 10.392  18.306  15.170  1.00 62.75 ? 15   MET A SD  1 
ATOM   67   C  CE  . MET A 1 19  ? 9.741   17.096  16.377  1.00 61.00 ? 15   MET A CE  1 
ATOM   68   N  N   . SER A 1 20  ? 10.910  15.808  10.980  1.00 41.06 ? 16   SER A N   1 
ATOM   69   C  CA  . SER A 1 20  ? 11.585  15.558  9.690   1.00 42.34 ? 16   SER A CA  1 
ATOM   70   C  C   . SER A 1 20  ? 13.126  15.751  9.734   1.00 42.98 ? 16   SER A C   1 
ATOM   71   O  O   . SER A 1 20  ? 13.581  16.696  10.358  1.00 42.71 ? 16   SER A O   1 
ATOM   72   C  CB  . SER A 1 20  ? 11.016  16.524  8.654   1.00 41.62 ? 16   SER A CB  1 
ATOM   73   O  OG  . SER A 1 20  ? 11.759  16.460  7.445   1.00 44.67 ? 16   SER A OG  1 
ATOM   74   N  N   . ARG A 1 21  ? 13.910  14.890  9.068   1.00 43.93 ? 17   ARG A N   1 
ATOM   75   C  CA  . ARG A 1 21  ? 15.387  15.079  8.977   1.00 45.15 ? 17   ARG A CA  1 
ATOM   76   C  C   . ARG A 1 21  ? 15.771  16.368  8.254   1.00 45.78 ? 17   ARG A C   1 
ATOM   77   O  O   . ARG A 1 21  ? 16.592  17.103  8.757   1.00 45.40 ? 17   ARG A O   1 
ATOM   78   C  CB  . ARG A 1 21  ? 16.101  13.965  8.205   1.00 45.14 ? 17   ARG A CB  1 
ATOM   79   C  CG  . ARG A 1 21  ? 16.227  12.641  8.861   1.00 45.42 ? 17   ARG A CG  1 
ATOM   80   C  CD  . ARG A 1 21  ? 16.983  12.687  10.142  1.00 48.95 ? 17   ARG A CD  1 
ATOM   81   N  NE  . ARG A 1 21  ? 16.273  11.798  11.042  1.00 51.77 ? 17   ARG A NE  1 
ATOM   82   C  CZ  . ARG A 1 21  ? 16.486  10.487  11.152  1.00 49.38 ? 17   ARG A CZ  1 
ATOM   83   N  NH1 . ARG A 1 21  ? 17.477  9.873   10.483  1.00 45.71 ? 17   ARG A NH1 1 
ATOM   84   N  NH2 . ARG A 1 21  ? 15.695  9.809   11.980  1.00 49.61 ? 17   ARG A NH2 1 
ATOM   85   N  N   . SER A 1 22  ? 15.192  16.602  7.065   1.00 46.28 ? 18   SER A N   1 
ATOM   86   C  CA  . SER A 1 22  ? 15.580  17.720  6.184   1.00 46.01 ? 18   SER A CA  1 
ATOM   87   C  C   . SER A 1 22  ? 15.103  19.080  6.656   1.00 45.57 ? 18   SER A C   1 
ATOM   88   O  O   . SER A 1 22  ? 15.894  20.044  6.711   1.00 45.75 ? 18   SER A O   1 
ATOM   89   C  CB  . SER A 1 22  ? 15.077  17.484  4.756   1.00 47.54 ? 18   SER A CB  1 
ATOM   90   O  OG  . SER A 1 22  ? 15.787  16.421  4.125   1.00 48.32 ? 18   SER A OG  1 
ATOM   91   N  N   . SER A 1 23  ? 13.832  19.154  7.036   1.00 43.81 ? 19   SER A N   1 
ATOM   92   C  CA  . SER A 1 23  ? 13.184  20.445  7.294   1.00 42.81 ? 19   SER A CA  1 
ATOM   93   C  C   . SER A 1 23  ? 13.178  20.851  8.741   1.00 41.98 ? 19   SER A C   1 
ATOM   94   O  O   . SER A 1 23  ? 13.215  22.040  9.042   1.00 41.98 ? 19   SER A O   1 
ATOM   95   C  CB  . SER A 1 23  ? 11.744  20.448  6.760   1.00 42.32 ? 19   SER A CB  1 
ATOM   96   O  OG  . SER A 1 23  ? 11.388  19.192  6.212   1.00 42.39 ? 19   SER A OG  1 
ATOM   97   N  N   . GLY A 1 24  ? 13.107  19.866  9.640   1.00 40.88 ? 20   GLY A N   1 
ATOM   98   C  CA  . GLY A 1 24  ? 12.910  20.142  11.071  1.00 39.54 ? 20   GLY A CA  1 
ATOM   99   C  C   . GLY A 1 24  ? 11.416  20.301  11.336  1.00 38.58 ? 20   GLY A C   1 
ATOM   100  O  O   . GLY A 1 24  ? 10.957  20.479  12.463  1.00 39.61 ? 20   GLY A O   1 
ATOM   101  N  N   . ARG A 1 25  ? 10.640  20.231  10.276  1.00 37.07 ? 21   ARG A N   1 
ATOM   102  C  CA  . ARG A 1 25  ? 9.221   20.259  10.419  1.00 35.90 ? 21   ARG A CA  1 
ATOM   103  C  C   . ARG A 1 25  ? 8.683   18.918  10.993  1.00 33.76 ? 21   ARG A C   1 
ATOM   104  O  O   . ARG A 1 25  ? 9.156   17.825  10.675  1.00 34.92 ? 21   ARG A O   1 
ATOM   105  C  CB  . ARG A 1 25  ? 8.583   20.646  9.068   1.00 36.07 ? 21   ARG A CB  1 
ATOM   106  C  CG  . ARG A 1 25  ? 7.321   21.495  9.214   1.00 38.95 ? 21   ARG A CG  1 
ATOM   107  C  CD  . ARG A 1 25  ? 7.110   22.518  8.076   1.00 39.86 ? 21   ARG A CD  1 
ATOM   108  N  NE  . ARG A 1 25  ? 7.599   22.058  6.778   1.00 40.97 ? 21   ARG A NE  1 
ATOM   109  C  CZ  . ARG A 1 25  ? 6.944   21.289  5.910   1.00 43.76 ? 21   ARG A CZ  1 
ATOM   110  N  NH1 . ARG A 1 25  ? 5.711   20.820  6.133   1.00 40.49 ? 21   ARG A NH1 1 
ATOM   111  N  NH2 . ARG A 1 25  ? 7.547   21.008  4.768   1.00 46.95 ? 21   ARG A NH2 1 
ATOM   112  N  N   . VAL A 1 26  ? 7.715   19.035  11.856  1.00 30.00 ? 22   VAL A N   1 
ATOM   113  C  CA  . VAL A 1 26  ? 6.964   17.907  12.368  1.00 30.20 ? 22   VAL A CA  1 
ATOM   114  C  C   . VAL A 1 26  ? 6.151   17.212  11.199  1.00 28.22 ? 22   VAL A C   1 
ATOM   115  O  O   . VAL A 1 26  ? 5.648   17.870  10.268  1.00 26.52 ? 22   VAL A O   1 
ATOM   116  C  CB  . VAL A 1 26  ? 6.073   18.449  13.542  1.00 30.58 ? 22   VAL A CB  1 
ATOM   117  C  CG1 . VAL A 1 26  ? 4.606   18.109  13.405  1.00 31.98 ? 22   VAL A CG1 1 
ATOM   118  C  CG2 . VAL A 1 26  ? 6.662   18.076  14.914  1.00 33.08 ? 22   VAL A CG2 1 
ATOM   119  N  N   . TYR A 1 27  ? 6.059   15.892  11.243  1.00 26.61 ? 23   TYR A N   1 
ATOM   120  C  CA  . TYR A 1 27  ? 5.089   15.188  10.390  1.00 25.50 ? 23   TYR A CA  1 
ATOM   121  C  C   . TYR A 1 27  ? 4.446   14.083  11.210  1.00 25.12 ? 23   TYR A C   1 
ATOM   122  O  O   . TYR A 1 27  ? 4.683   14.010  12.416  1.00 23.56 ? 23   TYR A O   1 
ATOM   123  C  CB  . TYR A 1 27  ? 5.738   14.633  9.160   1.00 24.14 ? 23   TYR A CB  1 
ATOM   124  C  CG  . TYR A 1 27  ? 6.749   13.564  9.458   1.00 27.18 ? 23   TYR A CG  1 
ATOM   125  C  CD1 . TYR A 1 27  ? 6.468   12.215  9.178   1.00 24.80 ? 23   TYR A CD1 1 
ATOM   126  C  CD2 . TYR A 1 27  ? 8.015   13.901  9.959   1.00 29.74 ? 23   TYR A CD2 1 
ATOM   127  C  CE1 . TYR A 1 27  ? 7.371   11.241  9.407   1.00 25.27 ? 23   TYR A CE1 1 
ATOM   128  C  CE2 . TYR A 1 27  ? 8.946   12.943  10.197  1.00 27.55 ? 23   TYR A CE2 1 
ATOM   129  C  CZ  . TYR A 1 27  ? 8.611   11.607  9.913   1.00 31.45 ? 23   TYR A CZ  1 
ATOM   130  O  OH  . TYR A 1 27  ? 9.525   10.648  10.165  1.00 32.53 ? 23   TYR A OH  1 
ATOM   131  N  N   . TYR A 1 28  ? 3.648   13.230  10.538  1.00 23.57 ? 24   TYR A N   1 
ATOM   132  C  CA  . TYR A 1 28  ? 2.923   12.165  11.176  1.00 23.30 ? 24   TYR A CA  1 
ATOM   133  C  C   . TYR A 1 28  ? 3.134   10.940  10.344  1.00 24.47 ? 24   TYR A C   1 
ATOM   134  O  O   . TYR A 1 28  ? 3.109   11.017  9.100   1.00 23.84 ? 24   TYR A O   1 
ATOM   135  C  CB  . TYR A 1 28  ? 1.450   12.507  11.262  1.00 23.63 ? 24   TYR A CB  1 
ATOM   136  C  CG  . TYR A 1 28  ? 1.262   13.754  12.095  1.00 26.93 ? 24   TYR A CG  1 
ATOM   137  C  CD1 . TYR A 1 28  ? 1.363   15.051  11.533  1.00 29.50 ? 24   TYR A CD1 1 
ATOM   138  C  CD2 . TYR A 1 28  ? 1.010   13.635  13.456  1.00 32.45 ? 24   TYR A CD2 1 
ATOM   139  C  CE1 . TYR A 1 28  ? 1.224   16.197  12.334  1.00 31.94 ? 24   TYR A CE1 1 
ATOM   140  C  CE2 . TYR A 1 28  ? 0.844   14.740  14.271  1.00 33.33 ? 24   TYR A CE2 1 
ATOM   141  C  CZ  . TYR A 1 28  ? 0.955   16.010  13.719  1.00 36.90 ? 24   TYR A CZ  1 
ATOM   142  O  OH  . TYR A 1 28  ? 0.797   17.048  14.594  1.00 39.97 ? 24   TYR A OH  1 
ATOM   143  N  N   . PHE A 1 29  ? 3.326   9.827   11.051  1.00 23.51 ? 25   PHE A N   1 
ATOM   144  C  CA  . PHE A 1 29  ? 3.710   8.548   10.501  1.00 25.86 ? 25   PHE A CA  1 
ATOM   145  C  C   . PHE A 1 29  ? 2.716   7.514   11.059  1.00 24.76 ? 25   PHE A C   1 
ATOM   146  O  O   . PHE A 1 29  ? 2.284   7.647   12.201  1.00 25.61 ? 25   PHE A O   1 
ATOM   147  C  CB  . PHE A 1 29  ? 5.106   8.185   11.024  1.00 27.06 ? 25   PHE A CB  1 
ATOM   148  C  CG  . PHE A 1 29  ? 5.532   6.854   10.586  1.00 32.30 ? 25   PHE A CG  1 
ATOM   149  C  CD1 . PHE A 1 29  ? 5.679   6.584   9.176   1.00 36.19 ? 25   PHE A CD1 1 
ATOM   150  C  CD2 . PHE A 1 29  ? 5.734   5.820   11.510  1.00 32.04 ? 25   PHE A CD2 1 
ATOM   151  C  CE1 . PHE A 1 29  ? 6.083   5.253   8.659   1.00 35.74 ? 25   PHE A CE1 1 
ATOM   152  C  CE2 . PHE A 1 29  ? 6.114   4.489   11.000  1.00 36.69 ? 25   PHE A CE2 1 
ATOM   153  C  CZ  . PHE A 1 29  ? 6.279   4.226   9.539   1.00 33.23 ? 25   PHE A CZ  1 
ATOM   154  N  N   . ASN A 1 30  ? 2.354   6.502   10.279  1.00 23.13 ? 26   ASN A N   1 
ATOM   155  C  CA  . ASN A 1 30  ? 1.500   5.431   10.801  1.00 22.06 ? 26   ASN A CA  1 
ATOM   156  C  C   . ASN A 1 30  ? 2.222   4.092   10.699  1.00 20.38 ? 26   ASN A C   1 
ATOM   157  O  O   . ASN A 1 30  ? 2.630   3.661   9.610   1.00 20.51 ? 26   ASN A O   1 
ATOM   158  C  CB  . ASN A 1 30  ? 0.103   5.414   10.140  1.00 21.86 ? 26   ASN A CB  1 
ATOM   159  C  CG  . ASN A 1 30  ? -0.850  4.440   10.818  1.00 21.15 ? 26   ASN A CG  1 
ATOM   160  O  OD1 . ASN A 1 30  ? -0.550  3.267   10.969  1.00 21.76 ? 26   ASN A OD1 1 
ATOM   161  N  ND2 . ASN A 1 30  ? -2.016  4.925   11.176  1.00 23.46 ? 26   ASN A ND2 1 
ATOM   162  N  N   . HIS A 1 31  ? 2.415   3.442   11.849  1.00 19.93 ? 27   HIS A N   1 
ATOM   163  C  CA  . HIS A 1 31  ? 3.325   2.302   11.860  1.00 18.78 ? 27   HIS A CA  1 
ATOM   164  C  C   . HIS A 1 31  ? 2.603   1.025   11.442  1.00 18.51 ? 27   HIS A C   1 
ATOM   165  O  O   . HIS A 1 31  ? 3.267   -0.015  11.254  1.00 17.30 ? 27   HIS A O   1 
ATOM   166  C  CB  . HIS A 1 31  ? 4.032   2.139   13.264  1.00 18.65 ? 27   HIS A CB  1 
ATOM   167  C  CG  . HIS A 1 31  ? 3.098   1.837   14.396  1.00 21.11 ? 27   HIS A CG  1 
ATOM   168  N  ND1 . HIS A 1 31  ? 2.645   2.806   15.273  1.00 26.34 ? 27   HIS A ND1 1 
ATOM   169  C  CD2 . HIS A 1 31  ? 2.553   0.661   14.815  1.00 23.53 ? 27   HIS A CD2 1 
ATOM   170  C  CE1 . HIS A 1 31  ? 1.832   2.245   16.159  1.00 25.10 ? 27   HIS A CE1 1 
ATOM   171  N  NE2 . HIS A 1 31  ? 1.776   0.946   15.910  1.00 25.61 ? 27   HIS A NE2 1 
ATOM   172  N  N   . ILE A 1 32  ? 1.264   1.102   11.310  1.00 18.56 ? 28   ILE A N   1 
ATOM   173  C  CA  . ILE A 1 32  ? 0.458   -0.044  10.832  1.00 20.39 ? 28   ILE A CA  1 
ATOM   174  C  C   . ILE A 1 32  ? 0.388   0.028   9.287   1.00 21.21 ? 28   ILE A C   1 
ATOM   175  O  O   . ILE A 1 32  ? 0.600   -0.985  8.585   1.00 23.03 ? 28   ILE A O   1 
ATOM   176  C  CB  . ILE A 1 32  ? -0.941  -0.081  11.469  1.00 19.54 ? 28   ILE A CB  1 
ATOM   177  C  CG1 . ILE A 1 32  ? -0.880  -0.014  13.001  1.00 22.10 ? 28   ILE A CG1 1 
ATOM   178  C  CG2 . ILE A 1 32  ? -1.695  -1.374  11.073  1.00 18.16 ? 28   ILE A CG2 1 
ATOM   179  C  CD1 . ILE A 1 32  ? -2.190  0.466   13.580  1.00 23.01 ? 28   ILE A CD1 1 
ATOM   180  N  N   . THR A 1 33  ? 0.182   1.243   8.757   1.00 21.94 ? 29   THR A N   1 
ATOM   181  C  CA  . THR A 1 33  ? -0.036  1.434   7.306   1.00 20.78 ? 29   THR A CA  1 
ATOM   182  C  C   . THR A 1 33  ? 1.187   1.945   6.568   1.00 22.19 ? 29   THR A C   1 
ATOM   183  O  O   . THR A 1 33  ? 1.175   1.957   5.323   1.00 21.97 ? 29   THR A O   1 
ATOM   184  C  CB  . THR A 1 33  ? -1.116  2.463   7.041   1.00 20.38 ? 29   THR A CB  1 
ATOM   185  O  OG1 . THR A 1 33  ? -0.623  3.729   7.470   1.00 20.36 ? 29   THR A OG1 1 
ATOM   186  C  CG2 . THR A 1 33  ? -2.454  2.156   7.777   1.00 17.79 ? 29   THR A CG2 1 
ATOM   187  N  N   . ASN A 1 34  ? 2.210   2.400   7.320   1.00 21.07 ? 30   ASN A N   1 
ATOM   188  C  CA  . ASN A 1 34  ? 3.423   2.976   6.725   1.00 20.66 ? 30   ASN A CA  1 
ATOM   189  C  C   . ASN A 1 34  ? 3.157   4.306   5.937   1.00 19.86 ? 30   ASN A C   1 
ATOM   190  O  O   . ASN A 1 34  ? 4.008   4.773   5.161   1.00 19.42 ? 30   ASN A O   1 
ATOM   191  C  CB  . ASN A 1 34  ? 4.121   1.924   5.888   1.00 20.47 ? 30   ASN A CB  1 
ATOM   192  C  CG  . ASN A 1 34  ? 4.950   0.943   6.749   1.00 22.35 ? 30   ASN A CG  1 
ATOM   193  O  OD1 . ASN A 1 34  ? 5.180   -0.219  6.387   1.00 21.11 ? 30   ASN A OD1 1 
ATOM   194  N  ND2 . ASN A 1 34  ? 5.371   1.414   7.878   1.00 15.14 ? 30   ASN A ND2 1 
ATOM   195  N  N   . ALA A 1 35  ? 1.997   4.912   6.181   1.00 17.96 ? 31   ALA A N   1 
ATOM   196  C  CA  . ALA A 1 35  ? 1.671   6.240   5.655   1.00 20.67 ? 31   ALA A CA  1 
ATOM   197  C  C   . ALA A 1 35  ? 2.435   7.286   6.409   1.00 20.47 ? 31   ALA A C   1 
ATOM   198  O  O   . ALA A 1 35  ? 2.682   7.170   7.626   1.00 20.76 ? 31   ALA A O   1 
ATOM   199  C  CB  . ALA A 1 35  ? 0.157   6.582   5.769   1.00 19.36 ? 31   ALA A CB  1 
ATOM   200  N  N   . SER A 1 36  ? 2.788   8.328   5.690   1.00 20.60 ? 32   SER A N   1 
ATOM   201  C  CA  . SER A 1 36  ? 3.378   9.477   6.334   1.00 21.90 ? 32   SER A CA  1 
ATOM   202  C  C   . SER A 1 36  ? 2.907   10.740  5.636   1.00 23.16 ? 32   SER A C   1 
ATOM   203  O  O   . SER A 1 36  ? 2.741   10.738  4.427   1.00 22.64 ? 32   SER A O   1 
ATOM   204  C  CB  . SER A 1 36  ? 4.896   9.381   6.316   1.00 21.48 ? 32   SER A CB  1 
ATOM   205  O  OG  . SER A 1 36  ? 5.355   9.219   4.982   1.00 24.14 ? 32   SER A OG  1 
ATOM   206  N  N   . GLN A 1 37  ? 2.673   11.792  6.413   1.00 24.55 ? 33   GLN A N   1 
ATOM   207  C  CA  . GLN A 1 37  ? 2.130   13.040  5.896   1.00 25.74 ? 33   GLN A CA  1 
ATOM   208  C  C   . GLN A 1 37  ? 2.534   14.217  6.780   1.00 27.29 ? 33   GLN A C   1 
ATOM   209  O  O   . GLN A 1 37  ? 2.723   14.035  7.973   1.00 28.70 ? 33   GLN A O   1 
ATOM   210  C  CB  . GLN A 1 37  ? 0.593   12.954  5.806   1.00 24.55 ? 33   GLN A CB  1 
ATOM   211  C  CG  . GLN A 1 37  ? -0.128  12.489  7.016   1.00 23.10 ? 33   GLN A CG  1 
ATOM   212  C  CD  . GLN A 1 37  ? -1.570  12.165  6.694   1.00 31.67 ? 33   GLN A CD  1 
ATOM   213  O  OE1 . GLN A 1 37  ? -1.814  11.537  5.684   1.00 33.00 ? 33   GLN A OE1 1 
ATOM   214  N  NE2 . GLN A 1 37  ? -2.537  12.556  7.574   1.00 29.98 ? 33   GLN A NE2 1 
ATOM   215  N  N   . TRP A 1 38  ? 2.640   15.413  6.198   1.00 28.35 ? 34   TRP A N   1 
ATOM   216  C  CA  . TRP A 1 38  ? 2.776   16.660  6.990   1.00 29.76 ? 34   TRP A CA  1 
ATOM   217  C  C   . TRP A 1 38  ? 1.614   16.979  7.908   1.00 31.28 ? 34   TRP A C   1 
ATOM   218  O  O   . TRP A 1 38  ? 1.824   17.378  9.048   1.00 30.55 ? 34   TRP A O   1 
ATOM   219  C  CB  . TRP A 1 38  ? 3.019   17.864  6.081   1.00 28.70 ? 34   TRP A CB  1 
ATOM   220  C  CG  . TRP A 1 38  ? 4.259   17.677  5.319   1.00 28.36 ? 34   TRP A CG  1 
ATOM   221  C  CD1 . TRP A 1 38  ? 4.375   17.485  3.957   1.00 25.43 ? 34   TRP A CD1 1 
ATOM   222  C  CD2 . TRP A 1 38  ? 5.581   17.598  5.854   1.00 26.71 ? 34   TRP A CD2 1 
ATOM   223  N  NE1 . TRP A 1 38  ? 5.693   17.325  3.618   1.00 29.05 ? 34   TRP A NE1 1 
ATOM   224  C  CE2 . TRP A 1 38  ? 6.461   17.400  4.754   1.00 27.00 ? 34   TRP A CE2 1 
ATOM   225  C  CE3 . TRP A 1 38  ? 6.113   17.708  7.155   1.00 27.05 ? 34   TRP A CE3 1 
ATOM   226  C  CZ2 . TRP A 1 38  ? 7.848   17.269  4.910   1.00 26.31 ? 34   TRP A CZ2 1 
ATOM   227  C  CZ3 . TRP A 1 38  ? 7.479   17.600  7.318   1.00 26.59 ? 34   TRP A CZ3 1 
ATOM   228  C  CH2 . TRP A 1 38  ? 8.337   17.364  6.196   1.00 27.76 ? 34   TRP A CH2 1 
ATOM   229  N  N   . GLU A 1 39  ? 0.391   16.796  7.428   1.00 33.81 ? 35   GLU A N   1 
ATOM   230  C  CA  . GLU A 1 39  ? -0.781  17.232  8.187   1.00 37.49 ? 35   GLU A CA  1 
ATOM   231  C  C   . GLU A 1 39  ? -1.193  16.241  9.229   1.00 38.89 ? 35   GLU A C   1 
ATOM   232  O  O   . GLU A 1 39  ? -1.013  15.027  9.047   1.00 37.83 ? 35   GLU A O   1 
ATOM   233  C  CB  . GLU A 1 39  ? -1.945  17.453  7.237   1.00 38.51 ? 35   GLU A CB  1 
ATOM   234  C  CG  . GLU A 1 39  ? -1.642  18.615  6.381   1.00 43.29 ? 35   GLU A CG  1 
ATOM   235  C  CD  . GLU A 1 39  ? -1.794  18.322  4.917   1.00 44.47 ? 35   GLU A CD  1 
ATOM   236  O  OE1 . GLU A 1 39  ? -2.908  18.074  4.472   1.00 48.52 ? 35   GLU A OE1 1 
ATOM   237  O  OE2 . GLU A 1 39  ? -0.677  18.369  4.144   1.00 42.70 ? 35   GLU A OE2 1 
ATOM   238  N  N   . ARG A 1 40  ? -1.768  16.761  10.303  1.00 41.91 ? 36   ARG A N   1 
ATOM   239  C  CA  . ARG A 1 40  ? -2.230  15.931  11.371  1.00 45.77 ? 36   ARG A CA  1 
ATOM   240  C  C   . ARG A 1 40  ? -3.412  15.046  10.935  1.00 48.18 ? 36   ARG A C   1 
ATOM   241  O  O   . ARG A 1 40  ? -4.241  15.464  10.129  1.00 47.00 ? 36   ARG A O   1 
ATOM   242  C  CB  . ARG A 1 40  ? -2.644  16.781  12.558  1.00 46.61 ? 36   ARG A CB  1 
ATOM   243  C  CG  . ARG A 1 40  ? -2.991  15.943  13.786  1.00 49.14 ? 36   ARG A CG  1 
ATOM   244  C  CD  . ARG A 1 40  ? -3.255  16.778  15.043  1.00 55.51 ? 36   ARG A CD  1 
ATOM   245  N  NE  . ARG A 1 40  ? -2.103  16.790  15.955  1.00 60.34 ? 36   ARG A NE  1 
ATOM   246  C  CZ  . ARG A 1 40  ? -2.109  16.332  17.207  1.00 60.63 ? 36   ARG A CZ  1 
ATOM   247  N  NH1 . ARG A 1 40  ? -3.217  15.816  17.741  1.00 59.15 ? 36   ARG A NH1 1 
ATOM   248  N  NH2 . ARG A 1 40  ? -0.994  16.396  17.925  1.00 60.60 ? 36   ARG A NH2 1 
ATOM   249  N  N   . PRO A 1 41  ? -3.474  13.803  11.452  1.00 50.53 ? 37   PRO A N   1 
ATOM   250  C  CA  . PRO A 1 41  ? -4.779  13.159  11.496  1.00 52.87 ? 37   PRO A CA  1 
ATOM   251  C  C   . PRO A 1 41  ? -5.257  13.070  12.991  1.00 55.25 ? 37   PRO A C   1 
ATOM   252  O  O   . PRO A 1 41  ? -4.529  12.572  13.884  1.00 56.02 ? 37   PRO A O   1 
ATOM   253  C  CB  . PRO A 1 41  ? -4.471  11.792  10.885  1.00 52.90 ? 37   PRO A CB  1 
ATOM   254  C  CG  . PRO A 1 41  ? -2.995  11.535  11.323  1.00 51.57 ? 37   PRO A CG  1 
ATOM   255  C  CD  . PRO A 1 41  ? -2.391  12.841  11.735  1.00 50.50 ? 37   PRO A CD  1 
ATOM   256  N  N   . SER A 1 42  ? -6.434  13.596  13.295  1.00 56.93 ? 38   SER A N   1 
ATOM   257  C  CA  . SER A 1 42  ? -7.015  13.350  14.630  1.00 58.41 ? 38   SER A CA  1 
ATOM   258  C  C   . SER A 1 42  ? -8.248  12.456  14.413  1.00 58.96 ? 38   SER A C   1 
ATOM   259  O  O   . SER A 1 42  ? -8.480  11.464  15.138  1.00 58.94 ? 38   SER A O   1 
ATOM   260  C  CB  . SER A 1 42  ? -7.316  14.661  15.408  1.00 59.01 ? 38   SER A CB  1 
ATOM   261  O  OG  . SER A 1 42  ? -7.290  15.824  14.572  1.00 59.79 ? 38   SER A OG  1 
ATOM   262  N  N   . GLY A 1 43  ? -9.009  12.838  13.384  1.00 59.29 ? 39   GLY A N   1 
ATOM   263  C  CA  . GLY A 1 43  ? -9.937  11.964  12.706  1.00 59.04 ? 39   GLY A CA  1 
ATOM   264  C  C   . GLY A 1 43  ? -9.164  11.463  11.500  1.00 58.78 ? 39   GLY A C   1 
ATOM   265  O  O   . GLY A 1 43  ? -8.205  12.094  11.046  1.00 58.27 ? 39   GLY A O   1 
ATOM   266  N  N   . GLU A 1 55  ? -14.063 1.151   14.493  1.00 49.44 ? 51   GLU A N   1 
ATOM   267  C  CA  . GLU A 1 55  ? -13.676 0.154   13.482  1.00 48.88 ? 51   GLU A CA  1 
ATOM   268  C  C   . GLU A 1 55  ? -14.900 -0.506  12.818  1.00 48.51 ? 51   GLU A C   1 
ATOM   269  O  O   . GLU A 1 55  ? -15.748 -1.062  13.532  1.00 48.50 ? 51   GLU A O   1 
ATOM   270  C  CB  . GLU A 1 55  ? -12.707 -0.925  14.047  1.00 48.83 ? 51   GLU A CB  1 
ATOM   271  C  CG  . GLU A 1 55  ? -12.160 -1.845  12.914  1.00 47.94 ? 51   GLU A CG  1 
ATOM   272  C  CD  . GLU A 1 55  ? -11.068 -2.824  13.317  1.00 44.35 ? 51   GLU A CD  1 
ATOM   273  O  OE1 . GLU A 1 55  ? -11.280 -4.057  13.153  1.00 42.49 ? 51   GLU A OE1 1 
ATOM   274  O  OE2 . GLU A 1 55  ? -9.992  -2.365  13.748  1.00 42.43 ? 51   GLU A OE2 1 
ATOM   275  N  N   . PRO A 1 56  ? -14.983 -0.463  11.436  1.00 48.29 ? 52   PRO A N   1 
ATOM   276  C  CA  . PRO A 1 56  ? -16.111 -1.123  10.703  1.00 46.48 ? 52   PRO A CA  1 
ATOM   277  C  C   . PRO A 1 56  ? -15.873 -2.621  10.553  1.00 44.90 ? 52   PRO A C   1 
ATOM   278  O  O   . PRO A 1 56  ? -14.719 -3.065  10.603  1.00 45.42 ? 52   PRO A O   1 
ATOM   279  C  CB  . PRO A 1 56  ? -16.084 -0.458  9.328   1.00 46.98 ? 52   PRO A CB  1 
ATOM   280  C  CG  . PRO A 1 56  ? -14.613 -0.050  9.140   1.00 47.17 ? 52   PRO A CG  1 
ATOM   281  C  CD  . PRO A 1 56  ? -14.015 0.183   10.507  1.00 47.90 ? 52   PRO A CD  1 
ATOM   282  N  N   . ALA A 1 57  ? -16.943 -3.388  10.379  1.00 41.94 ? 53   ALA A N   1 
ATOM   283  C  CA  . ALA A 1 57  ? -16.824 -4.824  10.089  1.00 38.86 ? 53   ALA A CA  1 
ATOM   284  C  C   . ALA A 1 57  ? -16.172 -5.125  8.756   1.00 36.29 ? 53   ALA A C   1 
ATOM   285  O  O   . ALA A 1 57  ? -15.528 -6.175  8.587   1.00 33.81 ? 53   ALA A O   1 
ATOM   286  C  CB  . ALA A 1 57  ? -18.195 -5.493  10.150  1.00 39.99 ? 53   ALA A CB  1 
ATOM   287  N  N   . ARG A 1 58  ? -16.346 -4.207  7.799   1.00 33.48 ? 54   ARG A N   1 
ATOM   288  C  CA  . ARG A 1 58  ? -15.935 -4.468  6.455   0.50 30.43 ? 54   ARG A CA  1 
ATOM   289  C  C   . ARG A 1 58  ? -15.271 -3.236  5.869   1.00 29.21 ? 54   ARG A C   1 
ATOM   290  O  O   . ARG A 1 58  ? -15.686 -2.105  6.136   1.00 30.41 ? 54   ARG A O   1 
ATOM   291  C  CB  . ARG A 1 58  ? -17.159 -4.847  5.637   0.50 30.38 ? 54   ARG A CB  1 
ATOM   292  C  CG  . ARG A 1 58  ? -17.601 -6.260  5.806   0.50 28.58 ? 54   ARG A CG  1 
ATOM   293  C  CD  . ARG A 1 58  ? -18.696 -6.560  4.822   0.50 30.31 ? 54   ARG A CD  1 
ATOM   294  N  NE  . ARG A 1 58  ? -18.215 -7.362  3.707   0.50 30.92 ? 54   ARG A NE  1 
ATOM   295  C  CZ  . ARG A 1 58  ? -17.743 -8.601  3.838   0.50 32.59 ? 54   ARG A CZ  1 
ATOM   296  N  NH1 . ARG A 1 58  ? -17.678 -9.150  5.039   0.50 33.22 ? 54   ARG A NH1 1 
ATOM   297  N  NH2 . ARG A 1 58  ? -17.339 -9.298  2.772   0.50 30.81 ? 54   ARG A NH2 1 
ATOM   298  N  N   . VAL A 1 59  ? -14.237 -3.457  5.063   1.00 27.11 ? 55   VAL A N   1 
ATOM   299  C  CA  . VAL A 1 59  ? -13.649 -2.409  4.233   1.00 25.05 ? 55   VAL A CA  1 
ATOM   300  C  C   . VAL A 1 59  ? -13.537 -2.864  2.777   1.00 24.67 ? 55   VAL A C   1 
ATOM   301  O  O   . VAL A 1 59  ? -13.573 -4.048  2.471   1.00 25.34 ? 55   VAL A O   1 
ATOM   302  C  CB  . VAL A 1 59  ? -12.244 -1.895  4.775   1.00 24.20 ? 55   VAL A CB  1 
ATOM   303  C  CG1 . VAL A 1 59  ? -12.365 -1.489  6.238   1.00 23.23 ? 55   VAL A CG1 1 
ATOM   304  C  CG2 . VAL A 1 59  ? -11.184 -2.945  4.632   1.00 22.52 ? 55   VAL A CG2 1 
ATOM   305  N  N   . ARG A 1 60  ? -13.372 -1.908  1.880   1.00 23.59 ? 56   ARG A N   1 
ATOM   306  C  CA  . ARG A 1 60  ? -13.094 -2.236  0.510   1.00 22.77 ? 56   ARG A CA  1 
ATOM   307  C  C   . ARG A 1 60  ? -11.823 -1.493  0.186   1.00 22.18 ? 56   ARG A C   1 
ATOM   308  O  O   . ARG A 1 60  ? -11.732 -0.312  0.506   1.00 21.75 ? 56   ARG A O   1 
ATOM   309  C  CB  . ARG A 1 60  ? -14.250 -1.750  -0.350  1.00 21.75 ? 56   ARG A CB  1 
ATOM   310  C  CG  . ARG A 1 60  ? -14.012 -1.902  -1.821  1.00 23.93 ? 56   ARG A CG  1 
ATOM   311  C  CD  . ARG A 1 60  ? -15.232 -1.560  -2.652  1.00 26.80 ? 56   ARG A CD  1 
ATOM   312  N  NE  . ARG A 1 60  ? -15.103 -2.066  -4.021  1.00 30.49 ? 56   ARG A NE  1 
ATOM   313  C  CZ  . ARG A 1 60  ? -15.946 -1.744  -5.010  1.00 32.18 ? 56   ARG A CZ  1 
ATOM   314  N  NH1 . ARG A 1 60  ? -16.974 -0.954  -4.768  1.00 31.72 ? 56   ARG A NH1 1 
ATOM   315  N  NH2 . ARG A 1 60  ? -15.764 -2.182  -6.243  1.00 27.23 ? 56   ARG A NH2 1 
ATOM   316  N  N   . CYS A 1 61  ? -10.856 -2.200  -0.420  1.00 21.93 ? 57   CYS A N   1 
ATOM   317  C  CA  . CYS A 1 61  ? -9.594  -1.629  -0.835  1.00 21.83 ? 57   CYS A CA  1 
ATOM   318  C  C   . CYS A 1 61  ? -9.273  -2.051  -2.216  1.00 21.39 ? 57   CYS A C   1 
ATOM   319  O  O   . CYS A 1 61  ? -9.754  -3.110  -2.650  1.00 23.28 ? 57   CYS A O   1 
ATOM   320  C  CB  . CYS A 1 61  ? -8.441  -2.131  0.062   1.00 22.04 ? 57   CYS A CB  1 
ATOM   321  S  SG  . CYS A 1 61  ? -8.689  -1.688  1.798   1.00 22.95 ? 57   CYS A SG  1 
ATOM   322  N  N   . SER A 1 62  ? -8.395  -1.277  -2.869  1.00 19.37 ? 58   SER A N   1 
ATOM   323  C  CA  . SER A 1 62  ? -7.637  -1.753  -4.026  1.00 18.92 ? 58   SER A CA  1 
ATOM   324  C  C   . SER A 1 62  ? -6.174  -1.783  -3.592  1.00 18.84 ? 58   SER A C   1 
ATOM   325  O  O   . SER A 1 62  ? -5.796  -1.220  -2.528  1.00 18.86 ? 58   SER A O   1 
ATOM   326  C  CB  . SER A 1 62  ? -7.811  -0.816  -5.230  1.00 19.69 ? 58   SER A CB  1 
ATOM   327  O  OG  . SER A 1 62  ? -9.136  -0.315  -5.334  1.00 23.98 ? 58   SER A OG  1 
ATOM   328  N  N   . HIS A 1 63  ? -5.349  -2.450  -4.364  1.00 19.44 ? 59   HIS A N   1 
ATOM   329  C  CA  . HIS A 1 63  ? -3.926  -2.409  -4.053  1.00 18.93 ? 59   HIS A CA  1 
ATOM   330  C  C   . HIS A 1 63  ? -3.092  -2.531  -5.310  1.00 18.95 ? 59   HIS A C   1 
ATOM   331  O  O   . HIS A 1 63  ? -3.598  -2.874  -6.422  1.00 18.56 ? 59   HIS A O   1 
ATOM   332  C  CB  . HIS A 1 63  ? -3.582  -3.461  -2.981  1.00 16.59 ? 59   HIS A CB  1 
ATOM   333  C  CG  . HIS A 1 63  ? -3.442  -4.836  -3.517  1.00 17.59 ? 59   HIS A CG  1 
ATOM   334  N  ND1 . HIS A 1 63  ? -2.453  -5.676  -3.117  1.00 16.31 ? 59   HIS A ND1 1 
ATOM   335  C  CD2 . HIS A 1 63  ? -4.099  -5.476  -4.514  1.00 18.77 ? 59   HIS A CD2 1 
ATOM   336  C  CE1 . HIS A 1 63  ? -2.521  -6.799  -3.810  1.00 16.95 ? 59   HIS A CE1 1 
ATOM   337  N  NE2 . HIS A 1 63  ? -3.532  -6.703  -4.647  1.00 20.44 ? 59   HIS A NE2 1 
ATOM   338  N  N   . LEU A 1 64  ? -1.794  -2.278  -5.141  1.00 20.56 ? 60   LEU A N   1 
ATOM   339  C  CA  . LEU A 1 64  ? -0.822  -2.443  -6.223  1.00 19.30 ? 60   LEU A CA  1 
ATOM   340  C  C   . LEU A 1 64  ? 0.219   -3.264  -5.538  1.00 20.84 ? 60   LEU A C   1 
ATOM   341  O  O   . LEU A 1 64  ? 0.717   -2.869  -4.468  1.00 22.09 ? 60   LEU A O   1 
ATOM   342  C  CB  . LEU A 1 64  ? -0.224  -1.096  -6.623  1.00 16.94 ? 60   LEU A CB  1 
ATOM   343  C  CG  . LEU A 1 64  ? 0.617   -1.130  -7.896  1.00 17.62 ? 60   LEU A CG  1 
ATOM   344  C  CD1 . LEU A 1 64  ? 0.655   0.291   -8.568  1.00 14.52 ? 60   LEU A CD1 1 
ATOM   345  C  CD2 . LEU A 1 64  ? 2.020   -1.669  -7.666  1.00 19.64 ? 60   LEU A CD2 1 
ATOM   346  N  N   . LEU A 1 65  ? 0.569   -4.389  -6.145  1.00 22.01 ? 61   LEU A N   1 
ATOM   347  C  CA  . LEU A 1 65  ? 1.489   -5.336  -5.544  1.00 21.80 ? 61   LEU A CA  1 
ATOM   348  C  C   . LEU A 1 65  ? 2.710   -5.355  -6.433  1.00 21.22 ? 61   LEU A C   1 
ATOM   349  O  O   . LEU A 1 65  ? 2.594   -5.491  -7.658  1.00 20.44 ? 61   LEU A O   1 
ATOM   350  C  CB  . LEU A 1 65  ? 0.870   -6.768  -5.537  1.00 21.83 ? 61   LEU A CB  1 
ATOM   351  C  CG  . LEU A 1 65  ? 1.667   -8.025  -5.066  1.00 24.05 ? 61   LEU A CG  1 
ATOM   352  C  CD1 . LEU A 1 65  ? 2.178   -7.989  -3.598  1.00 24.98 ? 61   LEU A CD1 1 
ATOM   353  C  CD2 . LEU A 1 65  ? 0.837   -9.321  -5.222  1.00 23.44 ? 61   LEU A CD2 1 
ATOM   354  N  N   . VAL A 1 66  ? 3.882   -5.212  -5.826  1.00 20.85 ? 62   VAL A N   1 
ATOM   355  C  CA  . VAL A 1 66  ? 5.114   -5.510  -6.552  1.00 20.24 ? 62   VAL A CA  1 
ATOM   356  C  C   . VAL A 1 66  ? 5.722   -6.782  -5.924  1.00 21.96 ? 62   VAL A C   1 
ATOM   357  O  O   . VAL A 1 66  ? 6.066   -6.816  -4.736  1.00 22.12 ? 62   VAL A O   1 
ATOM   358  C  CB  . VAL A 1 66  ? 6.074   -4.301  -6.577  1.00 21.49 ? 62   VAL A CB  1 
ATOM   359  C  CG1 . VAL A 1 66  ? 7.429   -4.596  -7.202  1.00 15.58 ? 62   VAL A CG1 1 
ATOM   360  C  CG2 . VAL A 1 66  ? 5.404   -3.113  -7.319  1.00 20.32 ? 62   VAL A CG2 1 
ATOM   361  N  N   . LYS A 1 67  ? 5.822   -7.848  -6.706  1.00 21.44 ? 63   LYS A N   1 
ATOM   362  C  CA  . LYS A 1 67  ? 6.384   -9.093  -6.149  1.00 23.55 ? 63   LYS A CA  1 
ATOM   363  C  C   . LYS A 1 67  ? 7.901   -9.005  -6.205  1.00 24.27 ? 63   LYS A C   1 
ATOM   364  O  O   . LYS A 1 67  ? 8.419   -8.130  -6.887  1.00 24.26 ? 63   LYS A O   1 
ATOM   365  C  CB  . LYS A 1 67  ? 5.901   -10.313 -6.940  1.00 23.05 ? 63   LYS A CB  1 
ATOM   366  C  CG  . LYS A 1 67  ? 4.452   -10.735 -6.488  1.00 26.29 ? 63   LYS A CG  1 
ATOM   367  C  CD  . LYS A 1 67  ? 4.014   -11.989 -7.274  1.00 29.01 ? 63   LYS A CD  1 
ATOM   368  C  CE  . LYS A 1 67  ? 2.573   -12.342 -6.997  1.00 28.22 ? 63   LYS A CE  1 
ATOM   369  N  NZ  . LYS A 1 67  ? 2.256   -13.757 -7.352  1.00 30.59 ? 63   LYS A NZ  1 
ATOM   370  N  N   . HIS A 1 68  ? 8.602   -9.913  -5.523  1.00 26.25 ? 64   HIS A N   1 
ATOM   371  C  CA  . HIS A 1 68  ? 10.086  -9.993  -5.634  1.00 27.55 ? 64   HIS A CA  1 
ATOM   372  C  C   . HIS A 1 68  ? 10.526  -11.441 -5.519  1.00 29.01 ? 64   HIS A C   1 
ATOM   373  O  O   . HIS A 1 68  ? 9.669   -12.350 -5.369  1.00 27.78 ? 64   HIS A O   1 
ATOM   374  C  CB  . HIS A 1 68  ? 10.787  -9.116  -4.565  1.00 27.21 ? 64   HIS A CB  1 
ATOM   375  C  CG  . HIS A 1 68  ? 10.270  -9.330  -3.172  1.00 27.30 ? 64   HIS A CG  1 
ATOM   376  N  ND1 . HIS A 1 68  ? 10.472  -10.498 -2.471  1.00 25.44 ? 64   HIS A ND1 1 
ATOM   377  C  CD2 . HIS A 1 68  ? 9.520   -8.537  -2.371  1.00 27.31 ? 64   HIS A CD2 1 
ATOM   378  C  CE1 . HIS A 1 68  ? 9.872   -10.417 -1.295  1.00 28.49 ? 64   HIS A CE1 1 
ATOM   379  N  NE2 . HIS A 1 68  ? 9.294   -9.229  -1.200  1.00 27.12 ? 64   HIS A NE2 1 
ATOM   380  N  N   . SER A 1 69  ? 11.846  -11.657 -5.582  1.00 30.57 ? 65   SER A N   1 
ATOM   381  C  CA  . SER A 1 69  ? 12.396  -13.055 -5.545  1.00 32.15 ? 65   SER A CA  1 
ATOM   382  C  C   . SER A 1 69  ? 12.054  -13.874 -4.310  1.00 31.18 ? 65   SER A C   1 
ATOM   383  O  O   . SER A 1 69  ? 11.959  -15.103 -4.383  1.00 31.44 ? 65   SER A O   1 
ATOM   384  C  CB  . SER A 1 69  ? 13.909  -13.128 -5.836  1.00 31.52 ? 65   SER A CB  1 
ATOM   385  O  OG  . SER A 1 69  ? 14.649  -12.162 -5.110  1.00 37.20 ? 65   SER A OG  1 
ATOM   386  N  N   . GLN A 1 70  ? 11.859  -13.219 -3.178  1.00 30.59 ? 66   GLN A N   1 
ATOM   387  C  CA  . GLN A 1 70  ? 11.443  -13.981 -1.999  1.00 31.63 ? 66   GLN A CA  1 
ATOM   388  C  C   . GLN A 1 70  ? 9.928   -14.027 -1.776  1.00 30.57 ? 66   GLN A C   1 
ATOM   389  O  O   . GLN A 1 70  ? 9.510   -14.490 -0.728  1.00 30.23 ? 66   GLN A O   1 
ATOM   390  C  CB  . GLN A 1 70  ? 12.151  -13.487 -0.719  1.00 31.87 ? 66   GLN A CB  1 
ATOM   391  C  CG  . GLN A 1 70  ? 13.645  -13.790 -0.669  1.00 36.73 ? 66   GLN A CG  1 
ATOM   392  C  CD  . GLN A 1 70  ? 14.295  -13.200 0.599   1.00 42.34 ? 66   GLN A CD  1 
ATOM   393  O  OE1 . GLN A 1 70  ? 14.238  -13.818 1.678   1.00 41.87 ? 66   GLN A OE1 1 
ATOM   394  N  NE2 . GLN A 1 70  ? 14.840  -11.956 0.485   1.00 42.83 ? 66   GLN A NE2 1 
ATOM   395  N  N   . SER A 1 71  ? 9.108   -13.555 -2.734  1.00 30.00 ? 67   SER A N   1 
ATOM   396  C  CA  . SER A 1 71  ? 7.642   -13.703 -2.628  1.00 31.36 ? 67   SER A CA  1 
ATOM   397  C  C   . SER A 1 71  ? 7.256   -15.195 -2.592  1.00 31.40 ? 67   SER A C   1 
ATOM   398  O  O   . SER A 1 71  ? 7.910   -16.026 -3.219  1.00 29.57 ? 67   SER A O   1 
ATOM   399  C  CB  . SER A 1 71  ? 6.881   -13.018 -3.792  1.00 30.96 ? 67   SER A CB  1 
ATOM   400  O  OG  . SER A 1 71  ? 7.047   -11.592 -3.801  1.00 30.57 ? 67   SER A OG  1 
ATOM   401  N  N   . ARG A 1 72  ? 6.153   -15.503 -1.919  1.00 33.57 ? 68   ARG A N   1 
ATOM   402  C  CA  . ARG A 1 72  ? 5.688   -16.882 -1.836  1.00 35.91 ? 68   ARG A CA  1 
ATOM   403  C  C   . ARG A 1 72  ? 5.461   -17.448 -3.230  1.00 36.57 ? 68   ARG A C   1 
ATOM   404  O  O   . ARG A 1 72  ? 5.681   -18.639 -3.471  1.00 36.92 ? 68   ARG A O   1 
ATOM   405  C  CB  . ARG A 1 72  ? 4.431   -16.992 -1.003  1.00 36.56 ? 68   ARG A CB  1 
ATOM   406  C  CG  . ARG A 1 72  ? 4.510   -18.075 0.154   1.00 44.36 ? 68   ARG A CG  1 
ATOM   407  C  CD  . ARG A 1 72  ? 5.302   -19.382 -0.194  1.00 51.14 ? 68   ARG A CD  1 
ATOM   408  N  NE  . ARG A 1 72  ? 4.662   -20.629 0.291   1.00 56.84 ? 68   ARG A NE  1 
ATOM   409  C  CZ  . ARG A 1 72  ? 5.203   -21.865 0.208   1.00 59.90 ? 68   ARG A CZ  1 
ATOM   410  N  NH1 . ARG A 1 72  ? 6.418   -22.069 -0.325  1.00 57.82 ? 68   ARG A NH1 1 
ATOM   411  N  NH2 . ARG A 1 72  ? 4.527   -22.919 0.671   1.00 59.97 ? 68   ARG A NH2 1 
ATOM   412  N  N   . ARG A 1 73  ? 5.058   -16.601 -4.171  1.00 36.26 ? 69   ARG A N   1 
ATOM   413  C  CA  . ARG A 1 73  ? 4.882   -17.067 -5.535  1.00 36.93 ? 69   ARG A CA  1 
ATOM   414  C  C   . ARG A 1 73  ? 5.529   -16.059 -6.520  1.00 35.36 ? 69   ARG A C   1 
ATOM   415  O  O   . ARG A 1 73  ? 4.837   -15.177 -7.034  1.00 36.86 ? 69   ARG A O   1 
ATOM   416  C  CB  . ARG A 1 73  ? 3.374   -17.275 -5.770  1.00 37.09 ? 69   ARG A CB  1 
ATOM   417  C  CG  . ARG A 1 73  ? 3.007   -18.128 -6.968  1.00 42.22 ? 69   ARG A CG  1 
ATOM   418  C  CD  . ARG A 1 73  ? 1.484   -18.379 -7.034  1.00 49.56 ? 69   ARG A CD  1 
ATOM   419  N  NE  . ARG A 1 73  ? 0.735   -17.173 -7.434  1.00 55.44 ? 69   ARG A NE  1 
ATOM   420  C  CZ  . ARG A 1 73  ? 0.757   -16.604 -8.655  1.00 58.84 ? 69   ARG A CZ  1 
ATOM   421  N  NH1 . ARG A 1 73  ? 1.482   -17.107 -9.661  1.00 60.04 ? 69   ARG A NH1 1 
ATOM   422  N  NH2 . ARG A 1 73  ? 0.040   -15.509 -8.886  1.00 59.08 ? 69   ARG A NH2 1 
ATOM   423  N  N   . PRO A 1 74  ? 6.846   -16.178 -6.800  1.00 34.74 ? 70   PRO A N   1 
ATOM   424  C  CA  . PRO A 1 74  ? 7.457   -15.132 -7.629  1.00 34.25 ? 70   PRO A CA  1 
ATOM   425  C  C   . PRO A 1 74  ? 7.139   -15.281 -9.139  1.00 33.27 ? 70   PRO A C   1 
ATOM   426  O  O   . PRO A 1 74  ? 8.029   -15.484 -9.990  1.00 31.69 ? 70   PRO A O   1 
ATOM   427  C  CB  . PRO A 1 74  ? 8.959   -15.251 -7.332  1.00 33.93 ? 70   PRO A CB  1 
ATOM   428  C  CG  . PRO A 1 74  ? 9.087   -16.584 -6.485  1.00 36.30 ? 70   PRO A CG  1 
ATOM   429  C  CD  . PRO A 1 74  ? 7.783   -17.297 -6.582  1.00 34.34 ? 70   PRO A CD  1 
ATOM   430  N  N   . SER A 1 75  ? 5.858   -15.132 -9.453  1.00 32.51 ? 71   SER A N   1 
ATOM   431  C  CA  . SER A 1 75  ? 5.440   -15.016 -10.829 1.00 31.81 ? 71   SER A CA  1 
ATOM   432  C  C   . SER A 1 75  ? 4.165   -14.198 -10.902 1.00 30.27 ? 71   SER A C   1 
ATOM   433  O  O   . SER A 1 75  ? 3.437   -14.044 -9.906  1.00 29.37 ? 71   SER A O   1 
ATOM   434  C  CB  . SER A 1 75  ? 5.187   -16.404 -11.413 1.00 32.65 ? 71   SER A CB  1 
ATOM   435  O  OG  . SER A 1 75  ? 3.962   -16.847 -10.915 1.00 36.80 ? 71   SER A OG  1 
ATOM   436  N  N   . SER A 1 76  ? 3.867   -13.688 -12.092 1.00 29.48 ? 72   SER A N   1 
ATOM   437  C  CA  . SER A 1 76  ? 2.569   -13.041 -12.280 1.00 29.21 ? 72   SER A CA  1 
ATOM   438  C  C   . SER A 1 76  ? 2.183   -13.002 -13.743 1.00 29.12 ? 72   SER A C   1 
ATOM   439  O  O   . SER A 1 76  ? 3.024   -13.273 -14.615 1.00 29.06 ? 72   SER A O   1 
ATOM   440  C  CB  . SER A 1 76  ? 2.617   -11.602 -11.709 1.00 27.93 ? 72   SER A CB  1 
ATOM   441  O  OG  . SER A 1 76  ? 3.432   -10.717 -12.521 1.00 29.05 ? 72   SER A OG  1 
ATOM   442  N  N   . TRP A 1 77  ? 0.942   -12.591 -14.007 1.00 27.90 ? 73   TRP A N   1 
ATOM   443  C  CA  . TRP A 1 77  ? 0.516   -12.196 -15.365 1.00 27.36 ? 73   TRP A CA  1 
ATOM   444  C  C   . TRP A 1 77  ? 1.532   -11.291 -16.054 1.00 26.97 ? 73   TRP A C   1 
ATOM   445  O  O   . TRP A 1 77  ? 1.605   -11.314 -17.249 1.00 28.25 ? 73   TRP A O   1 
ATOM   446  C  CB  . TRP A 1 77  ? -0.879  -11.526 -15.359 1.00 26.71 ? 73   TRP A CB  1 
ATOM   447  C  CG  . TRP A 1 77  ? -0.922  -10.051 -14.815 1.00 25.56 ? 73   TRP A CG  1 
ATOM   448  C  CD1 . TRP A 1 77  ? -1.215  -9.642  -13.508 1.00 25.73 ? 73   TRP A CD1 1 
ATOM   449  C  CD2 . TRP A 1 77  ? -0.719  -8.820  -15.578 1.00 26.23 ? 73   TRP A CD2 1 
ATOM   450  N  NE1 . TRP A 1 77  ? -1.155  -8.260  -13.436 1.00 25.13 ? 73   TRP A NE1 1 
ATOM   451  C  CE2 . TRP A 1 77  ? -0.864  -7.738  -14.678 1.00 23.90 ? 73   TRP A CE2 1 
ATOM   452  C  CE3 . TRP A 1 77  ? -0.420  -8.542  -16.939 1.00 26.84 ? 73   TRP A CE3 1 
ATOM   453  C  CZ2 . TRP A 1 77  ? -0.718  -6.387  -15.088 1.00 25.23 ? 73   TRP A CZ2 1 
ATOM   454  C  CZ3 . TRP A 1 77  ? -0.260  -7.188  -17.339 1.00 29.05 ? 73   TRP A CZ3 1 
ATOM   455  C  CH2 . TRP A 1 77  ? -0.412  -6.139  -16.409 1.00 25.48 ? 73   TRP A CH2 1 
ATOM   456  N  N   . ARG A 1 78  ? 2.324   -10.496 -15.323 1.00 27.57 ? 74   ARG A N   1 
ATOM   457  C  CA  . ARG A 1 78  ? 3.313   -9.606  -15.973 1.00 27.11 ? 74   ARG A CA  1 
ATOM   458  C  C   . ARG A 1 78  ? 4.604   -10.343 -16.350 1.00 27.85 ? 74   ARG A C   1 
ATOM   459  O  O   . ARG A 1 78  ? 5.241   -10.004 -17.349 1.00 28.60 ? 74   ARG A O   1 
ATOM   460  C  CB  . ARG A 1 78  ? 3.721   -8.378  -15.085 1.00 26.59 ? 74   ARG A CB  1 
ATOM   461  C  CG  . ARG A 1 78  ? 2.566   -7.658  -14.342 1.00 25.60 ? 74   ARG A CG  1 
ATOM   462  C  CD  . ARG A 1 78  ? 2.994   -6.298  -13.806 1.00 21.84 ? 74   ARG A CD  1 
ATOM   463  N  NE  . ARG A 1 78  ? 3.577   -5.499  -14.892 1.00 25.97 ? 74   ARG A NE  1 
ATOM   464  C  CZ  . ARG A 1 78  ? 4.726   -4.824  -14.825 1.00 22.93 ? 74   ARG A CZ  1 
ATOM   465  N  NH1 . ARG A 1 78  ? 5.418   -4.696  -13.687 1.00 26.75 ? 74   ARG A NH1 1 
ATOM   466  N  NH2 . ARG A 1 78  ? 5.102   -4.166  -15.877 1.00 22.98 ? 74   ARG A NH2 1 
ATOM   467  N  N   . GLN A 1 79  ? 5.005   -11.321 -15.558 1.00 27.85 ? 75   GLN A N   1 
ATOM   468  C  CA  . GLN A 1 79  ? 6.310   -11.943 -15.761 1.00 30.36 ? 75   GLN A CA  1 
ATOM   469  C  C   . GLN A 1 79  ? 6.213   -13.343 -15.272 1.00 30.33 ? 75   GLN A C   1 
ATOM   470  O  O   . GLN A 1 79  ? 5.756   -13.573 -14.167 1.00 29.93 ? 75   GLN A O   1 
ATOM   471  C  CB  . GLN A 1 79  ? 7.324   -11.264 -14.869 1.00 31.43 ? 75   GLN A CB  1 
ATOM   472  C  CG  . GLN A 1 79  ? 8.626   -10.955 -15.465 1.00 34.04 ? 75   GLN A CG  1 
ATOM   473  C  CD  . GLN A 1 79  ? 9.421   -10.084 -14.527 1.00 39.55 ? 75   GLN A CD  1 
ATOM   474  O  OE1 . GLN A 1 79  ? 9.038   -9.886  -13.354 1.00 37.95 ? 75   GLN A OE1 1 
ATOM   475  N  NE2 . GLN A 1 79  ? 10.529  -9.539  -15.028 1.00 40.23 ? 75   GLN A NE2 1 
ATOM   476  N  N   . GLU A 1 80  ? 6.672   -14.290 -16.088 1.00 31.66 ? 76   GLU A N   1 
ATOM   477  C  CA  . GLU A 1 80  ? 6.633   -15.693 -15.691 1.00 31.29 ? 76   GLU A CA  1 
ATOM   478  C  C   . GLU A 1 80  ? 7.549   -15.921 -14.474 1.00 30.87 ? 76   GLU A C   1 
ATOM   479  O  O   . GLU A 1 80  ? 7.145   -16.558 -13.496 1.00 30.55 ? 76   GLU A O   1 
ATOM   480  C  CB  . GLU A 1 80  ? 6.978   -16.643 -16.849 1.00 30.86 ? 76   GLU A CB  1 
ATOM   481  C  CG  . GLU A 1 80  ? 6.666   -18.119 -16.489 1.00 34.13 ? 76   GLU A CG  1 
ATOM   482  C  CD  . GLU A 1 80  ? 6.710   -19.034 -17.707 1.00 35.97 ? 76   GLU A CD  1 
ATOM   483  O  OE1 . GLU A 1 80  ? 6.311   -20.208 -17.568 1.00 37.11 ? 76   GLU A OE1 1 
ATOM   484  O  OE2 . GLU A 1 80  ? 7.101   -18.553 -18.790 1.00 31.75 ? 76   GLU A OE2 1 
ATOM   485  N  N   . LYS A 1 81  ? 8.747   -15.366 -14.514 1.00 31.77 ? 77   LYS A N   1 
ATOM   486  C  CA  . LYS A 1 81  ? 9.649   -15.555 -13.398 1.00 33.38 ? 77   LYS A CA  1 
ATOM   487  C  C   . LYS A 1 81  ? 10.075  -14.188 -12.893 1.00 33.10 ? 77   LYS A C   1 
ATOM   488  O  O   . LYS A 1 81  ? 10.767  -13.438 -13.601 1.00 33.15 ? 77   LYS A O   1 
ATOM   489  C  CB  . LYS A 1 81  ? 10.844  -16.386 -13.802 1.00 33.52 ? 77   LYS A CB  1 
ATOM   490  C  CG  . LYS A 1 81  ? 11.456  -17.067 -12.589 1.00 39.02 ? 77   LYS A CG  1 
ATOM   491  C  CD  . LYS A 1 81  ? 12.967  -17.189 -12.707 1.00 41.98 ? 77   LYS A CD  1 
ATOM   492  C  CE  . LYS A 1 81  ? 13.515  -18.019 -11.538 1.00 43.69 ? 77   LYS A CE  1 
ATOM   493  N  NZ  . LYS A 1 81  ? 14.946  -18.431 -11.823 1.00 49.61 ? 77   LYS A NZ  1 
ATOM   494  N  N   . ILE A 1 82  ? 9.665   -13.873 -11.666 1.00 32.75 ? 78   ILE A N   1 
ATOM   495  C  CA  . ILE A 1 82  ? 9.997   -12.563 -11.074 1.00 31.73 ? 78   ILE A CA  1 
ATOM   496  C  C   . ILE A 1 82  ? 11.274  -12.703 -10.282 1.00 32.89 ? 78   ILE A C   1 
ATOM   497  O  O   . ILE A 1 82  ? 11.338  -13.510 -9.329  1.00 32.74 ? 78   ILE A O   1 
ATOM   498  C  CB  . ILE A 1 82  ? 8.902   -12.060 -10.184 1.00 32.26 ? 78   ILE A CB  1 
ATOM   499  C  CG1 . ILE A 1 82  ? 7.702   -11.721 -11.088 1.00 31.19 ? 78   ILE A CG1 1 
ATOM   500  C  CG2 . ILE A 1 82  ? 9.452   -10.898 -9.266  1.00 28.55 ? 78   ILE A CG2 1 
ATOM   501  C  CD1 . ILE A 1 82  ? 6.448   -11.530 -10.365 1.00 37.92 ? 78   ILE A CD1 1 
ATOM   502  N  N   . THR A 1 83  ? 12.262  -11.897 -10.683 1.00 31.86 ? 79   THR A N   1 
ATOM   503  C  CA  . THR A 1 83  ? 13.615  -12.029 -10.212 1.00 32.90 ? 79   THR A CA  1 
ATOM   504  C  C   . THR A 1 83  ? 14.115  -10.784 -9.442  1.00 32.74 ? 79   THR A C   1 
ATOM   505  O  O   . THR A 1 83  ? 15.185  -10.825 -8.798  1.00 34.26 ? 79   THR A O   1 
ATOM   506  C  CB  . THR A 1 83  ? 14.568  -12.312 -11.417 1.00 31.99 ? 79   THR A CB  1 
ATOM   507  O  OG1 . THR A 1 83  ? 14.592  -11.178 -12.270 1.00 31.84 ? 79   THR A OG1 1 
ATOM   508  C  CG2 . THR A 1 83  ? 14.111  -13.543 -12.234 1.00 33.05 ? 79   THR A CG2 1 
ATOM   509  N  N   . ARG A 1 84  ? 13.384  -9.672  -9.530  1.00 31.70 ? 80   ARG A N   1 
ATOM   510  C  CA  . ARG A 1 84  ? 13.807  -8.409  -8.827  1.00 29.01 ? 80   ARG A CA  1 
ATOM   511  C  C   . ARG A 1 84  ? 14.030  -8.724  -7.328  1.00 27.43 ? 80   ARG A C   1 
ATOM   512  O  O   . ARG A 1 84  ? 13.360  -9.564  -6.775  1.00 27.50 ? 80   ARG A O   1 
ATOM   513  C  CB  . ARG A 1 84  ? 12.766  -7.298  -9.044  1.00 29.02 ? 80   ARG A CB  1 
ATOM   514  C  CG  . ARG A 1 84  ? 11.466  -7.440  -8.251  1.00 24.12 ? 80   ARG A CG  1 
ATOM   515  C  CD  . ARG A 1 84  ? 10.531  -6.238  -8.488  1.00 27.66 ? 80   ARG A CD  1 
ATOM   516  N  NE  . ARG A 1 84  ? 10.065  -6.018  -9.894  1.00 23.36 ? 80   ARG A NE  1 
ATOM   517  C  CZ  . ARG A 1 84  ? 8.973   -6.571  -10.406 1.00 22.68 ? 80   ARG A CZ  1 
ATOM   518  N  NH1 . ARG A 1 84  ? 8.201   -7.408  -9.655  1.00 17.53 ? 80   ARG A NH1 1 
ATOM   519  N  NH2 . ARG A 1 84  ? 8.632   -6.284  -11.655 1.00 22.08 ? 80   ARG A NH2 1 
ATOM   520  N  N   . THR A 1 85  ? 14.998  -8.076  -6.682  1.00 27.86 ? 81   THR A N   1 
ATOM   521  C  CA  . THR A 1 85  ? 15.178  -8.234  -5.237  1.00 27.05 ? 81   THR A CA  1 
ATOM   522  C  C   . THR A 1 85  ? 14.058  -7.505  -4.435  1.00 26.60 ? 81   THR A C   1 
ATOM   523  O  O   . THR A 1 85  ? 13.402  -6.598  -4.942  1.00 25.30 ? 81   THR A O   1 
ATOM   524  C  CB  . THR A 1 85  ? 16.552  -7.665  -4.812  1.00 27.60 ? 81   THR A CB  1 
ATOM   525  O  OG1 . THR A 1 85  ? 16.505  -6.232  -4.886  1.00 26.88 ? 81   THR A OG1 1 
ATOM   526  C  CG2 . THR A 1 85  ? 17.701  -8.169  -5.771  1.00 28.59 ? 81   THR A CG2 1 
ATOM   527  N  N   . LYS A 1 86  ? 13.879  -7.846  -3.168  1.00 25.47 ? 82   LYS A N   1 
ATOM   528  C  CA  . LYS A 1 86  ? 12.993  -7.068  -2.320  1.00 25.57 ? 82   LYS A CA  1 
ATOM   529  C  C   . LYS A 1 86  ? 13.283  -5.551  -2.286  1.00 25.82 ? 82   LYS A C   1 
ATOM   530  O  O   . LYS A 1 86  ? 12.354  -4.686  -2.283  1.00 24.45 ? 82   LYS A O   1 
ATOM   531  C  CB  . LYS A 1 86  ? 13.015  -7.627  -0.909  1.00 26.26 ? 82   LYS A CB  1 
ATOM   532  C  CG  . LYS A 1 86  ? 11.877  -7.087  -0.038  1.00 28.16 ? 82   LYS A CG  1 
ATOM   533  C  CD  . LYS A 1 86  ? 12.139  -7.371  1.433   1.00 33.98 ? 82   LYS A CD  1 
ATOM   534  C  CE  . LYS A 1 86  ? 12.460  -8.866  1.681   1.00 38.28 ? 82   LYS A CE  1 
ATOM   535  N  NZ  . LYS A 1 86  ? 13.238  -9.003  2.952   1.00 42.73 ? 82   LYS A NZ  1 
ATOM   536  N  N   . GLU A 1 87  ? 14.567  -5.199  -2.269  1.00 25.63 ? 83   GLU A N   1 
ATOM   537  C  CA  . GLU A 1 87  ? 14.929  -3.782  -2.221  1.00 25.10 ? 83   GLU A CA  1 
ATOM   538  C  C   . GLU A 1 87  ? 14.545  -3.092  -3.526  1.00 23.38 ? 83   GLU A C   1 
ATOM   539  O  O   . GLU A 1 87  ? 14.151  -1.906  -3.553  1.00 20.86 ? 83   GLU A O   1 
ATOM   540  C  CB  . GLU A 1 87  ? 16.438  -3.658  -2.014  1.00 26.36 ? 83   GLU A CB  1 
ATOM   541  C  CG  . GLU A 1 87  ? 16.925  -2.228  -2.031  1.00 31.49 ? 83   GLU A CG  1 
ATOM   542  C  CD  . GLU A 1 87  ? 18.343  -2.068  -1.469  1.00 41.77 ? 83   GLU A CD  1 
ATOM   543  O  OE1 . GLU A 1 87  ? 19.316  -2.646  -2.044  1.00 42.87 ? 83   GLU A OE1 1 
ATOM   544  O  OE2 . GLU A 1 87  ? 18.471  -1.338  -0.458  1.00 43.01 ? 83   GLU A OE2 1 
ATOM   545  N  N   . GLU A 1 88  ? 14.688  -3.827  -4.612  1.00 21.96 ? 84   GLU A N   1 
ATOM   546  C  CA  . GLU A 1 88  ? 14.261  -3.354  -5.945  1.00 23.58 ? 84   GLU A CA  1 
ATOM   547  C  C   . GLU A 1 88  ? 12.752  -3.130  -6.045  1.00 22.86 ? 84   GLU A C   1 
ATOM   548  O  O   . GLU A 1 88  ? 12.331  -2.088  -6.511  1.00 23.83 ? 84   GLU A O   1 
ATOM   549  C  CB  . GLU A 1 88  ? 14.714  -4.265  -7.061  1.00 22.86 ? 84   GLU A CB  1 
ATOM   550  C  CG  . GLU A 1 88  ? 16.148  -3.977  -7.505  1.00 28.95 ? 84   GLU A CG  1 
ATOM   551  C  CD  . GLU A 1 88  ? 16.766  -5.115  -8.317  1.00 28.41 ? 84   GLU A CD  1 
ATOM   552  O  OE1 . GLU A 1 88  ? 17.837  -4.886  -8.909  1.00 32.19 ? 84   GLU A OE1 1 
ATOM   553  O  OE2 . GLU A 1 88  ? 16.189  -6.214  -8.383  1.00 28.42 ? 84   GLU A OE2 1 
ATOM   554  N  N   . ALA A 1 89  ? 11.975  -4.097  -5.596  1.00 21.96 ? 85   ALA A N   1 
ATOM   555  C  CA  . ALA A 1 89  ? 10.534  -3.948  -5.435  1.00 21.91 ? 85   ALA A CA  1 
ATOM   556  C  C   . ALA A 1 89  ? 10.166  -2.731  -4.591  1.00 21.87 ? 85   ALA A C   1 
ATOM   557  O  O   . ALA A 1 89  ? 9.210   -1.989  -4.927  1.00 20.97 ? 85   ALA A O   1 
ATOM   558  C  CB  . ALA A 1 89  ? 9.966   -5.239  -4.823  1.00 19.55 ? 85   ALA A CB  1 
ATOM   559  N  N   . LEU A 1 90  ? 10.909  -2.521  -3.499  1.00 21.22 ? 86   LEU A N   1 
ATOM   560  C  CA  . LEU A 1 90  ? 10.609  -1.401  -2.598  1.00 21.26 ? 86   LEU A CA  1 
ATOM   561  C  C   . LEU A 1 90  ? 10.864  -0.068  -3.334  1.00 21.85 ? 86   LEU A C   1 
ATOM   562  O  O   . LEU A 1 90  ? 10.020  0.840   -3.303  1.00 19.69 ? 86   LEU A O   1 
ATOM   563  C  CB  . LEU A 1 90  ? 11.382  -1.492  -1.281  1.00 20.31 ? 86   LEU A CB  1 
ATOM   564  C  CG  . LEU A 1 90  ? 11.129  -0.244  -0.368  1.00 20.30 ? 86   LEU A CG  1 
ATOM   565  C  CD1 . LEU A 1 90  ? 9.617   -0.165  0.007   1.00 16.03 ? 86   LEU A CD1 1 
ATOM   566  C  CD2 . LEU A 1 90  ? 12.025  -0.343  0.938   1.00 21.52 ? 86   LEU A CD2 1 
ATOM   567  N  N   . GLU A 1 91  ? 11.978  0.011   -4.056  1.00 23.33 ? 87   GLU A N   1 
ATOM   568  C  CA  . GLU A 1 91  ? 12.217  1.149   -4.946  1.00 24.86 ? 87   GLU A CA  1 
ATOM   569  C  C   . GLU A 1 91  ? 11.124  1.405   -5.995  1.00 24.12 ? 87   GLU A C   1 
ATOM   570  O  O   . GLU A 1 91  ? 10.743  2.568   -6.262  1.00 22.60 ? 87   GLU A O   1 
ATOM   571  C  CB  . GLU A 1 91  ? 13.633  1.172   -5.552  1.00 25.98 ? 87   GLU A CB  1 
ATOM   572  C  CG  . GLU A 1 91  ? 14.537  2.310   -4.919  1.00 36.51 ? 87   GLU A CG  1 
ATOM   573  C  CD  . GLU A 1 91  ? 13.788  3.679   -4.707  1.00 47.12 ? 87   GLU A CD  1 
ATOM   574  O  OE1 . GLU A 1 91  ? 13.890  4.272   -3.597  1.00 49.10 ? 87   GLU A OE1 1 
ATOM   575  O  OE2 . GLU A 1 91  ? 13.062  4.164   -5.638  1.00 52.51 ? 87   GLU A OE2 1 
ATOM   576  N  N   . LEU A 1 92  ? 10.570  0.340   -6.559  1.00 22.67 ? 88   LEU A N   1 
ATOM   577  C  CA  . LEU A 1 92  ? 9.447   0.527   -7.503  1.00 21.26 ? 88   LEU A CA  1 
ATOM   578  C  C   . LEU A 1 92  ? 8.251   1.108   -6.818  1.00 20.26 ? 88   LEU A C   1 
ATOM   579  O  O   . LEU A 1 92  ? 7.645   2.080   -7.304  1.00 19.72 ? 88   LEU A O   1 
ATOM   580  C  CB  . LEU A 1 92  ? 9.065   -0.784  -8.188  1.00 18.95 ? 88   LEU A CB  1 
ATOM   581  C  CG  . LEU A 1 92  ? 10.094  -1.210  -9.216  1.00 24.21 ? 88   LEU A CG  1 
ATOM   582  C  CD1 . LEU A 1 92  ? 9.947   -2.725  -9.635  1.00 20.54 ? 88   LEU A CD1 1 
ATOM   583  C  CD2 . LEU A 1 92  ? 10.050  -0.256  -10.460 1.00 25.73 ? 88   LEU A CD2 1 
ATOM   584  N  N   . ILE A 1 93  ? 7.848   0.443   -5.738  1.00 20.25 ? 89   ILE A N   1 
ATOM   585  C  CA  . ILE A 1 93  ? 6.746   0.909   -4.865  1.00 19.94 ? 89   ILE A CA  1 
ATOM   586  C  C   . ILE A 1 93  ? 6.880   2.391   -4.469  1.00 19.95 ? 89   ILE A C   1 
ATOM   587  O  O   . ILE A 1 93  ? 5.900   3.182   -4.557  1.00 19.52 ? 89   ILE A O   1 
ATOM   588  C  CB  . ILE A 1 93  ? 6.639   0.016   -3.611  1.00 19.03 ? 89   ILE A CB  1 
ATOM   589  C  CG1 . ILE A 1 93  ? 6.032   -1.322  -4.009  1.00 20.16 ? 89   ILE A CG1 1 
ATOM   590  C  CG2 . ILE A 1 93  ? 5.794   0.700   -2.489  1.00 17.98 ? 89   ILE A CG2 1 
ATOM   591  C  CD1 . ILE A 1 93  ? 4.422   -1.403  -3.975  1.00 12.65 ? 89   ILE A CD1 1 
ATOM   592  N  N   . ASN A 1 94  ? 8.101   2.766   -4.048  1.00 19.15 ? 90   ASN A N   1 
ATOM   593  C  CA  . ASN A 1 94  ? 8.401   4.174   -3.721  1.00 20.81 ? 90   ASN A CA  1 
ATOM   594  C  C   . ASN A 1 94  ? 8.182   5.132   -4.898  1.00 19.50 ? 90   ASN A C   1 
ATOM   595  O  O   . ASN A 1 94  ? 7.608   6.206   -4.684  1.00 21.11 ? 90   ASN A O   1 
ATOM   596  C  CB  . ASN A 1 94  ? 9.808   4.341   -3.183  1.00 18.50 ? 90   ASN A CB  1 
ATOM   597  C  CG  . ASN A 1 94  ? 9.968   3.770   -1.758  1.00 23.15 ? 90   ASN A CG  1 
ATOM   598  O  OD1 . ASN A 1 94  ? 9.000   3.659   -0.946  1.00 27.52 ? 90   ASN A OD1 1 
ATOM   599  N  ND2 . ASN A 1 94  ? 11.187  3.408   -1.448  1.00 20.44 ? 90   ASN A ND2 1 
ATOM   600  N  N   . GLY A 1 95  ? 8.575   4.707   -6.106  1.00 19.45 ? 91   GLY A N   1 
ATOM   601  C  CA  . GLY A 1 95  ? 8.394   5.486   -7.343  1.00 19.62 ? 91   GLY A CA  1 
ATOM   602  C  C   . GLY A 1 95  ? 6.901   5.682   -7.641  1.00 20.85 ? 91   GLY A C   1 
ATOM   603  O  O   . GLY A 1 95  ? 6.487   6.747   -8.096  1.00 21.35 ? 91   GLY A O   1 
ATOM   604  N  N   . TYR A 1 96  ? 6.086   4.661   -7.350  1.00 19.64 ? 92   TYR A N   1 
ATOM   605  C  CA  . TYR A 1 96  ? 4.661   4.684   -7.700  1.00 18.84 ? 92   TYR A CA  1 
ATOM   606  C  C   . TYR A 1 96  ? 3.982   5.569   -6.725  1.00 18.73 ? 92   TYR A C   1 
ATOM   607  O  O   . TYR A 1 96  ? 3.142   6.347   -7.127  1.00 19.25 ? 92   TYR A O   1 
ATOM   608  C  CB  . TYR A 1 96  ? 4.018   3.302   -7.589  1.00 17.00 ? 92   TYR A CB  1 
ATOM   609  C  CG  . TYR A 1 96  ? 4.552   2.330   -8.632  1.00 17.29 ? 92   TYR A CG  1 
ATOM   610  C  CD1 . TYR A 1 96  ? 4.654   0.979   -8.342  1.00 16.15 ? 92   TYR A CD1 1 
ATOM   611  C  CD2 . TYR A 1 96  ? 4.976   2.781   -9.904  1.00 19.12 ? 92   TYR A CD2 1 
ATOM   612  C  CE1 . TYR A 1 96  ? 5.129   0.044   -9.309  1.00 16.07 ? 92   TYR A CE1 1 
ATOM   613  C  CE2 . TYR A 1 96  ? 5.463   1.854   -10.882 1.00 20.19 ? 92   TYR A CE2 1 
ATOM   614  C  CZ  . TYR A 1 96  ? 5.548   0.485   -10.545 1.00 19.74 ? 92   TYR A CZ  1 
ATOM   615  O  OH  . TYR A 1 96  ? 6.058   -0.464  -11.413 1.00 20.61 ? 92   TYR A OH  1 
ATOM   616  N  N   . ILE A 1 97  ? 4.345   5.447   -5.443  1.00 17.63 ? 93   ILE A N   1 
ATOM   617  C  CA  . ILE A 1 97  ? 3.807   6.343   -4.423  1.00 19.00 ? 93   ILE A CA  1 
ATOM   618  C  C   . ILE A 1 97  ? 4.101   7.838   -4.758  1.00 19.89 ? 93   ILE A C   1 
ATOM   619  O  O   . ILE A 1 97  ? 3.224   8.704   -4.637  1.00 21.13 ? 93   ILE A O   1 
ATOM   620  C  CB  . ILE A 1 97  ? 4.329   5.951   -2.999  1.00 18.21 ? 93   ILE A CB  1 
ATOM   621  C  CG1 . ILE A 1 97  ? 3.627   4.672   -2.537  1.00 18.34 ? 93   ILE A CG1 1 
ATOM   622  C  CG2 . ILE A 1 97  ? 3.984   7.085   -1.932  1.00 19.82 ? 93   ILE A CG2 1 
ATOM   623  C  CD1 . ILE A 1 97  ? 4.117   4.160   -1.198  1.00 16.49 ? 93   ILE A CD1 1 
ATOM   624  N  N   . GLN A 1 98  ? 5.345   8.134   -5.128  1.00 21.06 ? 94   GLN A N   1 
ATOM   625  C  CA  . GLN A 1 98  ? 5.714   9.491   -5.518  1.00 23.55 ? 94   GLN A CA  1 
ATOM   626  C  C   . GLN A 1 98  ? 4.840   10.024  -6.668  1.00 24.22 ? 94   GLN A C   1 
ATOM   627  O  O   . GLN A 1 98  ? 4.431   11.200  -6.661  1.00 25.89 ? 94   GLN A O   1 
ATOM   628  C  CB  . GLN A 1 98  ? 7.187   9.573   -5.925  1.00 22.47 ? 94   GLN A CB  1 
ATOM   629  C  CG  . GLN A 1 98  ? 8.135   9.482   -4.764  1.00 28.55 ? 94   GLN A CG  1 
ATOM   630  C  CD  . GLN A 1 98  ? 9.573   9.586   -5.274  1.00 39.28 ? 94   GLN A CD  1 
ATOM   631  O  OE1 . GLN A 1 98  ? 10.121  8.622   -5.782  1.00 43.07 ? 94   GLN A OE1 1 
ATOM   632  N  NE2 . GLN A 1 98  ? 10.151  10.775  -5.201  1.00 39.93 ? 94   GLN A NE2 1 
ATOM   633  N  N   . LYS A 1 99  ? 4.569   9.186   -7.665  1.00 23.51 ? 95   LYS A N   1 
ATOM   634  C  CA  . LYS A 1 99  ? 3.749   9.644   -8.772  1.00 23.00 ? 95   LYS A CA  1 
ATOM   635  C  C   . LYS A 1 99  ? 2.287   9.810   -8.401  1.00 22.11 ? 95   LYS A C   1 
ATOM   636  O  O   . LYS A 1 99  ? 1.604   10.731  -8.910  1.00 21.80 ? 95   LYS A O   1 
ATOM   637  C  CB  . LYS A 1 99  ? 3.853   8.684   -9.928  1.00 23.80 ? 95   LYS A CB  1 
ATOM   638  C  CG  . LYS A 1 99  ? 5.260   8.604   -10.490 1.00 24.35 ? 95   LYS A CG  1 
ATOM   639  C  CD  . LYS A 1 99  ? 5.172   8.154   -11.915 1.00 30.70 ? 95   LYS A CD  1 
ATOM   640  C  CE  . LYS A 1 99  ? 6.407   8.578   -12.701 1.00 31.28 ? 95   LYS A CE  1 
ATOM   641  N  NZ  . LYS A 1 99  ? 7.549   7.814   -12.157 1.00 33.94 ? 95   LYS A NZ  1 
ATOM   642  N  N   . ILE A 1 100 ? 1.784   8.925   -7.543  1.00 20.39 ? 96   ILE A N   1 
ATOM   643  C  CA  . ILE A 1 100 ? 0.410   9.058   -7.074  1.00 18.22 ? 96   ILE A CA  1 
ATOM   644  C  C   . ILE A 1 100 ? 0.258   10.346  -6.213  1.00 19.66 ? 96   ILE A C   1 
ATOM   645  O  O   . ILE A 1 100 ? -0.720  11.090  -6.330  1.00 19.16 ? 96   ILE A O   1 
ATOM   646  C  CB  . ILE A 1 100 ? 0.018   7.841   -6.239  1.00 19.51 ? 96   ILE A CB  1 
ATOM   647  C  CG1 . ILE A 1 100 ? -0.040  6.566   -7.130  1.00 18.31 ? 96   ILE A CG1 1 
ATOM   648  C  CG2 . ILE A 1 100 ? -1.254  8.118   -5.492  1.00 13.97 ? 96   ILE A CG2 1 
ATOM   649  C  CD1 . ILE A 1 100 ? -0.077  5.274   -6.370  1.00 21.03 ? 96   ILE A CD1 1 
ATOM   650  N  N   . LYS A 1 101 ? 1.216   10.593  -5.340  1.00 18.86 ? 97   LYS A N   1 
ATOM   651  C  CA  . LYS A 1 101 ? 1.118   11.756  -4.445  1.00 21.18 ? 97   LYS A CA  1 
ATOM   652  C  C   . LYS A 1 101 ? 1.309   13.116  -5.145  1.00 21.43 ? 97   LYS A C   1 
ATOM   653  O  O   . LYS A 1 101 ? 0.714   14.145  -4.753  1.00 21.17 ? 97   LYS A O   1 
ATOM   654  C  CB  . LYS A 1 101 ? 2.097   11.599  -3.277  1.00 20.43 ? 97   LYS A CB  1 
ATOM   655  C  CG  . LYS A 1 101 ? 1.665   10.563  -2.319  1.00 22.61 ? 97   LYS A CG  1 
ATOM   656  C  CD  . LYS A 1 101 ? 2.533   10.639  -1.073  1.00 25.94 ? 97   LYS A CD  1 
ATOM   657  C  CE  . LYS A 1 101 ? 1.869   10.046  0.155   1.00 25.20 ? 97   LYS A CE  1 
ATOM   658  N  NZ  . LYS A 1 101 ? 2.620   10.477  1.431   1.00 27.67 ? 97   LYS A NZ  1 
ATOM   659  N  N   . SER A 1 102 ? 2.128   13.098  -6.192  1.00 23.70 ? 98   SER A N   1 
ATOM   660  C  CA  . SER A 1 102 ? 2.368   14.249  -7.048  1.00 23.59 ? 98   SER A CA  1 
ATOM   661  C  C   . SER A 1 102 ? 1.180   14.472  -8.012  1.00 24.39 ? 98   SER A C   1 
ATOM   662  O  O   . SER A 1 102 ? 0.981   15.565  -8.485  1.00 23.45 ? 98   SER A O   1 
ATOM   663  C  CB  . SER A 1 102 ? 3.694   14.034  -7.802  1.00 24.86 ? 98   SER A CB  1 
ATOM   664  O  OG  . SER A 1 102 ? 3.556   13.212  -8.965  1.00 23.05 ? 98   SER A OG  1 
ATOM   665  N  N   . GLY A 1 103 ? 0.338   13.454  -8.227  1.00 25.30 ? 99   GLY A N   1 
ATOM   666  C  CA  . GLY A 1 103 ? -0.801  13.581  -9.143  1.00 26.02 ? 99   GLY A CA  1 
ATOM   667  C  C   . GLY A 1 103 ? -0.372  13.314  -10.577 1.00 27.06 ? 99   GLY A C   1 
ATOM   668  O  O   . GLY A 1 103 ? -1.158  13.410  -11.496 1.00 26.26 ? 99   GLY A O   1 
ATOM   669  N  N   . GLU A 1 104 ? 0.907   13.008  -10.769 1.00 28.02 ? 100  GLU A N   1 
ATOM   670  C  CA  . GLU A 1 104 ? 1.416   12.669  -12.074 1.00 28.63 ? 100  GLU A CA  1 
ATOM   671  C  C   . GLU A 1 104 ? 0.797   11.433  -12.695 1.00 28.87 ? 100  GLU A C   1 
ATOM   672  O  O   . GLU A 1 104 ? 0.700   11.352  -13.947 1.00 26.80 ? 100  GLU A O   1 
ATOM   673  C  CB  . GLU A 1 104 ? 2.899   12.481  -12.009 1.00 29.47 ? 100  GLU A CB  1 
ATOM   674  C  CG  . GLU A 1 104 ? 3.514   12.080  -13.323 1.00 35.73 ? 100  GLU A CG  1 
ATOM   675  C  CD  . GLU A 1 104 ? 5.044   12.107  -13.235 1.00 44.91 ? 100  GLU A CD  1 
ATOM   676  O  OE1 . GLU A 1 104 ? 5.567   12.743  -12.271 1.00 48.12 ? 100  GLU A OE1 1 
ATOM   677  O  OE2 . GLU A 1 104 ? 5.701   11.510  -14.114 1.00 46.77 ? 100  GLU A OE2 1 
ATOM   678  N  N   . GLU A 1 105 ? 0.447   10.441  -11.861 1.00 28.61 ? 101  GLU A N   1 
ATOM   679  C  CA  . GLU A 1 105 ? -0.349  9.296   -12.345 1.00 30.52 ? 101  GLU A CA  1 
ATOM   680  C  C   . GLU A 1 105 ? -1.371  8.986   -11.290 1.00 29.68 ? 101  GLU A C   1 
ATOM   681  O  O   . GLU A 1 105 ? -1.163  9.304   -10.129 1.00 30.92 ? 101  GLU A O   1 
ATOM   682  C  CB  . GLU A 1 105 ? 0.486   8.025   -12.591 1.00 30.85 ? 101  GLU A CB  1 
ATOM   683  C  CG  . GLU A 1 105 ? 1.864   8.269   -13.136 1.00 37.70 ? 101  GLU A CG  1 
ATOM   684  C  CD  . GLU A 1 105 ? 1.913   8.311   -14.674 1.00 42.74 ? 101  GLU A CD  1 
ATOM   685  O  OE1 . GLU A 1 105 ? 3.071   8.359   -15.230 1.00 45.51 ? 101  GLU A OE1 1 
ATOM   686  O  OE2 . GLU A 1 105 ? 0.810   8.298   -15.286 1.00 37.55 ? 101  GLU A OE2 1 
ATOM   687  N  N   . ASP A 1 106 ? -2.468  8.361   -11.648 1.00 27.72 ? 102  ASP A N   1 
ATOM   688  C  CA  . ASP A 1 106 ? -3.286  7.924   -10.560 1.00 27.33 ? 102  ASP A CA  1 
ATOM   689  C  C   . ASP A 1 106 ? -3.081  6.487   -10.201 1.00 24.96 ? 102  ASP A C   1 
ATOM   690  O  O   . ASP A 1 106 ? -2.518  5.715   -10.946 1.00 24.40 ? 102  ASP A O   1 
ATOM   691  C  CB  . ASP A 1 106 ? -4.769  8.301   -10.699 1.00 30.57 ? 102  ASP A CB  1 
ATOM   692  C  CG  . ASP A 1 106 ? -5.284  8.111   -12.062 1.00 34.69 ? 102  ASP A CG  1 
ATOM   693  O  OD1 . ASP A 1 106 ? -5.707  9.135   -12.685 1.00 35.29 ? 102  ASP A OD1 1 
ATOM   694  O  OD2 . ASP A 1 106 ? -5.260  6.932   -12.478 1.00 37.86 ? 102  ASP A OD2 1 
ATOM   695  N  N   . PHE A 1 107 ? -3.528  6.179   -9.011  1.00 24.93 ? 103  PHE A N   1 
ATOM   696  C  CA  . PHE A 1 107 ? -3.413  4.872   -8.417  1.00 25.21 ? 103  PHE A CA  1 
ATOM   697  C  C   . PHE A 1 107 ? -3.898  3.798   -9.422  1.00 24.39 ? 103  PHE A C   1 
ATOM   698  O  O   . PHE A 1 107 ? -3.198  2.807   -9.663  1.00 23.75 ? 103  PHE A O   1 
ATOM   699  C  CB  . PHE A 1 107 ? -4.197  4.837   -7.063  1.00 24.64 ? 103  PHE A CB  1 
ATOM   700  C  CG  . PHE A 1 107 ? -4.134  3.490   -6.390  1.00 28.28 ? 103  PHE A CG  1 
ATOM   701  C  CD1 . PHE A 1 107 ? -3.130  3.201   -5.458  1.00 27.50 ? 103  PHE A CD1 1 
ATOM   702  C  CD2 . PHE A 1 107 ? -5.020  2.451   -6.783  1.00 30.56 ? 103  PHE A CD2 1 
ATOM   703  C  CE1 . PHE A 1 107 ? -3.038  1.907   -4.901  1.00 28.43 ? 103  PHE A CE1 1 
ATOM   704  C  CE2 . PHE A 1 107 ? -4.914  1.197   -6.256  1.00 27.81 ? 103  PHE A CE2 1 
ATOM   705  C  CZ  . PHE A 1 107 ? -3.927  0.944   -5.296  1.00 29.45 ? 103  PHE A CZ  1 
ATOM   706  N  N   . GLU A 1 108 ? -5.082  4.011   -10.020 1.00 23.90 ? 104  GLU A N   1 
ATOM   707  C  CA  . GLU A 1 108 ? -5.794  2.915   -10.758 1.00 23.20 ? 104  GLU A CA  1 
ATOM   708  C  C   . GLU A 1 108 ? -5.009  2.572   -11.983 1.00 22.19 ? 104  GLU A C   1 
ATOM   709  O  O   . GLU A 1 108 ? -4.939  1.431   -12.430 1.00 22.47 ? 104  GLU A O   1 
ATOM   710  C  CB  . GLU A 1 108 ? -7.218  3.353   -11.212 1.00 22.46 ? 104  GLU A CB  1 
ATOM   711  C  CG  . GLU A 1 108 ? -8.259  3.483   -10.077 1.00 22.94 ? 104  GLU A CG  1 
ATOM   712  C  CD  . GLU A 1 108 ? -8.137  4.784   -9.301  1.00 26.11 ? 104  GLU A CD  1 
ATOM   713  O  OE1 . GLU A 1 108 ? -7.145  5.534   -9.484  1.00 22.77 ? 104  GLU A OE1 1 
ATOM   714  O  OE2 . GLU A 1 108 ? -9.051  5.061   -8.505  1.00 27.63 ? 104  GLU A OE2 1 
ATOM   715  N  N   . SER A 1 109 ? -4.470  3.614   -12.579 1.00 23.52 ? 105  SER A N   1 
ATOM   716  C  CA  . SER A 1 109 ? -3.707  3.454   -13.790 1.00 24.08 ? 105  SER A CA  1 
ATOM   717  C  C   . SER A 1 109 ? -2.358  2.719   -13.537 1.00 23.29 ? 105  SER A C   1 
ATOM   718  O  O   . SER A 1 109 ? -1.933  1.833   -14.332 1.00 23.48 ? 105  SER A O   1 
ATOM   719  C  CB  . SER A 1 109 ? -3.604  4.819   -14.465 1.00 24.05 ? 105  SER A CB  1 
ATOM   720  O  OG  . SER A 1 109 ? -2.283  5.079   -14.798 1.00 31.38 ? 105  SER A OG  1 
ATOM   721  N  N   . LEU A 1 110 ? -1.704  3.030   -12.416 1.00 22.26 ? 106  LEU A N   1 
ATOM   722  C  CA  . LEU A 1 110 ? -0.460  2.327   -12.045 1.00 19.64 ? 106  LEU A CA  1 
ATOM   723  C  C   . LEU A 1 110 ? -0.756  0.880   -11.644 1.00 18.64 ? 106  LEU A C   1 
ATOM   724  O  O   . LEU A 1 110 ? 0.004   -0.015  -11.915 1.00 18.13 ? 106  LEU A O   1 
ATOM   725  C  CB  . LEU A 1 110 ? 0.251   3.086   -10.909 1.00 19.10 ? 106  LEU A CB  1 
ATOM   726  C  CG  . LEU A 1 110 ? 0.817   4.499   -11.248 1.00 20.19 ? 106  LEU A CG  1 
ATOM   727  C  CD1 . LEU A 1 110 ? 1.668   5.122   -10.115 1.00 19.30 ? 106  LEU A CD1 1 
ATOM   728  C  CD2 . LEU A 1 110 ? 1.651   4.465   -12.485 1.00 16.92 ? 106  LEU A CD2 1 
ATOM   729  N  N   . ALA A 1 111 ? -1.867  0.662   -10.954 1.00 18.88 ? 107  ALA A N   1 
ATOM   730  C  CA  . ALA A 1 111 ? -2.253  -0.676  -10.580 1.00 19.38 ? 107  ALA A CA  1 
ATOM   731  C  C   . ALA A 1 111 ? -2.523  -1.537  -11.836 1.00 20.09 ? 107  ALA A C   1 
ATOM   732  O  O   . ALA A 1 111 ? -1.968  -2.622  -11.936 1.00 20.32 ? 107  ALA A O   1 
ATOM   733  C  CB  . ALA A 1 111 ? -3.432  -0.687  -9.574  1.00 17.08 ? 107  ALA A CB  1 
ATOM   734  N  N   . SER A 1 112 ? -3.343  -1.047  -12.787 1.00 20.70 ? 108  SER A N   1 
ATOM   735  C  CA  . SER A 1 112 ? -3.657  -1.809  -14.000 1.00 21.05 ? 108  SER A CA  1 
ATOM   736  C  C   . SER A 1 112 ? -2.404  -2.119  -14.759 1.00 22.12 ? 108  SER A C   1 
ATOM   737  O  O   . SER A 1 112 ? -2.291  -3.205  -15.348 1.00 22.33 ? 108  SER A O   1 
ATOM   738  C  CB  . SER A 1 112 ? -4.550  -0.962  -14.952 1.00 21.82 ? 108  SER A CB  1 
ATOM   739  O  OG  . SER A 1 112 ? -5.548  -0.362  -14.187 1.00 24.48 ? 108  SER A OG  1 
ATOM   740  N  N   . GLN A 1 113 ? -1.480  -1.151  -14.802 1.00 20.77 ? 109  GLN A N   1 
ATOM   741  C  CA  . GLN A 1 113 ? -0.239  -1.348  -15.533 1.00 22.80 ? 109  GLN A CA  1 
ATOM   742  C  C   . GLN A 1 113 ? 0.785   -2.227  -14.848 1.00 22.98 ? 109  GLN A C   1 
ATOM   743  O  O   . GLN A 1 113 ? 1.413   -3.054  -15.506 1.00 23.21 ? 109  GLN A O   1 
ATOM   744  C  CB  . GLN A 1 113 ? 0.456   -0.024  -15.854 1.00 22.48 ? 109  GLN A CB  1 
ATOM   745  C  CG  . GLN A 1 113 ? -0.278  0.767   -16.922 1.00 25.21 ? 109  GLN A CG  1 
ATOM   746  C  CD  . GLN A 1 113 ? 0.259   2.189   -17.094 1.00 25.98 ? 109  GLN A CD  1 
ATOM   747  O  OE1 . GLN A 1 113 ? -0.281  3.160   -16.561 1.00 29.11 ? 109  GLN A OE1 1 
ATOM   748  N  NE2 . GLN A 1 113 ? 1.272   2.309   -17.869 1.00 25.09 ? 109  GLN A NE2 1 
ATOM   749  N  N   . PHE A 1 114 ? 0.995   -2.024  -13.541 1.00 22.24 ? 110  PHE A N   1 
ATOM   750  C  CA  . PHE A 1 114 ? 2.229   -2.522  -12.917 1.00 21.45 ? 110  PHE A CA  1 
ATOM   751  C  C   . PHE A 1 114 ? 1.990   -3.511  -11.785 1.00 20.85 ? 110  PHE A C   1 
ATOM   752  O  O   . PHE A 1 114 ? 2.908   -4.095  -11.292 1.00 21.51 ? 110  PHE A O   1 
ATOM   753  C  CB  . PHE A 1 114 ? 3.171   -1.353  -12.506 1.00 20.75 ? 110  PHE A CB  1 
ATOM   754  C  CG  . PHE A 1 114 ? 3.517   -0.431  -13.644 1.00 21.41 ? 110  PHE A CG  1 
ATOM   755  C  CD1 . PHE A 1 114 ? 3.194   0.918   -13.592 1.00 24.55 ? 110  PHE A CD1 1 
ATOM   756  C  CD2 . PHE A 1 114 ? 4.101   -0.923  -14.798 1.00 18.87 ? 110  PHE A CD2 1 
ATOM   757  C  CE1 . PHE A 1 114 ? 3.513   1.796   -14.683 1.00 28.41 ? 110  PHE A CE1 1 
ATOM   758  C  CE2 . PHE A 1 114 ? 4.386   -0.114  -15.874 1.00 24.90 ? 110  PHE A CE2 1 
ATOM   759  C  CZ  . PHE A 1 114 ? 4.100   1.279   -15.828 1.00 25.99 ? 110  PHE A CZ  1 
ATOM   760  N  N   . SER A 1 115 ? 0.755   -3.732  -11.387 1.00 20.50 ? 111  SER A N   1 
ATOM   761  C  CA  . SER A 1 115 ? 0.530   -4.607  -10.258 1.00 20.23 ? 111  SER A CA  1 
ATOM   762  C  C   . SER A 1 115 ? 0.702   -6.085  -10.616 1.00 21.99 ? 111  SER A C   1 
ATOM   763  O  O   . SER A 1 115 ? 0.196   -6.532  -11.654 1.00 20.66 ? 111  SER A O   1 
ATOM   764  C  CB  . SER A 1 115 ? -0.842  -4.388  -9.655  1.00 20.06 ? 111  SER A CB  1 
ATOM   765  O  OG  . SER A 1 115 ? -1.012  -5.272  -8.557  1.00 17.96 ? 111  SER A OG  1 
ATOM   766  N  N   . ASP A 1 116 ? 1.458   -6.808  -9.761  1.00 22.77 ? 112  ASP A N   1 
ATOM   767  C  CA  . ASP A 1 116 ? 1.730   -8.246  -9.930  1.00 23.36 ? 112  ASP A CA  1 
ATOM   768  C  C   . ASP A 1 116 ? 0.598   -9.083  -9.346  1.00 24.11 ? 112  ASP A C   1 
ATOM   769  O  O   . ASP A 1 116 ? 0.690   -10.301 -9.321  1.00 26.41 ? 112  ASP A O   1 
ATOM   770  C  CB  . ASP A 1 116 ? 3.072   -8.685  -9.332  1.00 21.87 ? 112  ASP A CB  1 
ATOM   771  C  CG  . ASP A 1 116 ? 4.287   -8.265  -10.145 1.00 21.03 ? 112  ASP A CG  1 
ATOM   772  O  OD1 . ASP A 1 116 ? 5.234   -7.597  -9.592  1.00 18.83 ? 112  ASP A OD1 1 
ATOM   773  O  OD2 . ASP A 1 116 ? 4.349   -8.595  -11.342 1.00 22.85 ? 112  ASP A OD2 1 
ATOM   774  N  N   . CYS A 1 117 ? -0.483  -8.447  -8.927  1.00 23.68 ? 113  CYS A N   1 
ATOM   775  C  CA  . CYS A 1 117 ? -1.702  -9.181  -8.583  1.00 24.49 ? 113  CYS A CA  1 
ATOM   776  C  C   . CYS A 1 117 ? -2.635  -9.290  -9.794  1.00 25.36 ? 113  CYS A C   1 
ATOM   777  O  O   . CYS A 1 117 ? -2.648  -8.385  -10.637 1.00 25.76 ? 113  CYS A O   1 
ATOM   778  C  CB  . CYS A 1 117 ? -2.418  -8.466  -7.473  1.00 23.99 ? 113  CYS A CB  1 
ATOM   779  S  SG  . CYS A 1 117 ? -3.764  -9.395  -6.818  1.00 24.74 ? 113  CYS A SG  1 
ATOM   780  N  N   . SER A 1 118 ? -3.406  -10.383 -9.892  1.00 25.58 ? 114  SER A N   1 
ATOM   781  C  CA  . SER A 1 118 ? -4.378  -10.502 -10.984 1.00 27.10 ? 114  SER A CA  1 
ATOM   782  C  C   . SER A 1 118 ? -5.475  -9.419  -10.908 1.00 26.83 ? 114  SER A C   1 
ATOM   783  O  O   . SER A 1 118 ? -6.111  -9.081  -11.945 1.00 26.51 ? 114  SER A O   1 
ATOM   784  C  CB  . SER A 1 118 ? -4.931  -11.934 -11.132 1.00 27.01 ? 114  SER A CB  1 
ATOM   785  O  OG  . SER A 1 118 ? -5.508  -12.395 -9.909  1.00 31.09 ? 114  SER A OG  1 
ATOM   786  N  N   . SER A 1 119 ? -5.637  -8.829  -9.710  1.00 25.49 ? 115  SER A N   1 
ATOM   787  C  CA  . SER A 1 119 ? -6.572  -7.730  -9.512  1.00 24.18 ? 115  SER A CA  1 
ATOM   788  C  C   . SER A 1 119 ? -6.153  -6.461  -10.222 1.00 22.93 ? 115  SER A C   1 
ATOM   789  O  O   . SER A 1 119 ? -6.907  -5.487  -10.240 1.00 23.05 ? 115  SER A O   1 
ATOM   790  C  CB  . SER A 1 119 ? -6.802  -7.463  -8.017  1.00 24.79 ? 115  SER A CB  1 
ATOM   791  O  OG  . SER A 1 119 ? -5.648  -6.882  -7.456  1.00 25.43 ? 115  SER A OG  1 
ATOM   792  N  N   . ALA A 1 120 ? -4.979  -6.472  -10.837 1.00 21.73 ? 116  ALA A N   1 
ATOM   793  C  CA  . ALA A 1 120 ? -4.545  -5.444  -11.766 1.00 21.92 ? 116  ALA A CA  1 
ATOM   794  C  C   . ALA A 1 120 ? -5.649  -5.178  -12.820 1.00 22.68 ? 116  ALA A C   1 
ATOM   795  O  O   . ALA A 1 120 ? -5.885  -4.039  -13.190 1.00 20.69 ? 116  ALA A O   1 
ATOM   796  C  CB  . ALA A 1 120 ? -3.239  -5.897  -12.470 1.00 21.53 ? 116  ALA A CB  1 
ATOM   797  N  N   . LYS A 1 121 ? -6.317  -6.254  -13.264 1.00 22.79 ? 117  LYS A N   1 
ATOM   798  C  CA  . LYS A 1 121 ? -7.344  -6.196  -14.316 1.00 23.75 ? 117  LYS A CA  1 
ATOM   799  C  C   . LYS A 1 121 ? -8.619  -5.455  -13.873 1.00 22.03 ? 117  LYS A C   1 
ATOM   800  O  O   . LYS A 1 121 ? -9.408  -5.035  -14.699 1.00 19.66 ? 117  LYS A O   1 
ATOM   801  C  CB  . LYS A 1 121 ? -7.726  -7.619  -14.773 1.00 24.79 ? 117  LYS A CB  1 
ATOM   802  C  CG  . LYS A 1 121 ? -6.715  -8.271  -15.677 1.00 32.63 ? 117  LYS A CG  1 
ATOM   803  C  CD  . LYS A 1 121 ? -7.199  -9.766  -16.069 1.00 45.13 ? 117  LYS A CD  1 
ATOM   804  C  CE  . LYS A 1 121 ? -8.669  -9.902  -16.682 1.00 46.67 ? 117  LYS A CE  1 
ATOM   805  N  NZ  . LYS A 1 121 ? -8.543  -9.961  -18.173 1.00 47.52 ? 117  LYS A NZ  1 
ATOM   806  N  N   . ALA A 1 122 ? -8.779  -5.277  -12.567 1.00 20.96 ? 118  ALA A N   1 
ATOM   807  C  CA  . ALA A 1 122 ? -9.863  -4.496  -12.017 1.00 21.39 ? 118  ALA A CA  1 
ATOM   808  C  C   . ALA A 1 122 ? -9.328  -3.190  -11.389 1.00 21.20 ? 118  ALA A C   1 
ATOM   809  O  O   . ALA A 1 122 ? -9.876  -2.697  -10.387 1.00 19.29 ? 118  ALA A O   1 
ATOM   810  C  CB  . ALA A 1 122 ? -10.637 -5.333  -10.943 1.00 22.03 ? 118  ALA A CB  1 
ATOM   811  N  N   . ARG A 1 123 ? -8.227  -2.672  -11.958 1.00 21.63 ? 119  ARG A N   1 
ATOM   812  C  CA  . ARG A 1 123 ? -7.598  -1.459  -11.422 1.00 21.79 ? 119  ARG A CA  1 
ATOM   813  C  C   . ARG A 1 123 ? -7.241  -1.676  -9.936  1.00 21.51 ? 119  ARG A C   1 
ATOM   814  O  O   . ARG A 1 123 ? -7.245  -0.745  -9.133  1.00 20.35 ? 119  ARG A O   1 
ATOM   815  C  CB  . ARG A 1 123 ? -8.508  -0.205  -11.591 1.00 23.23 ? 119  ARG A CB  1 
ATOM   816  C  CG  . ARG A 1 123 ? -8.993  0.134   -13.071 1.00 25.46 ? 119  ARG A CG  1 
ATOM   817  C  CD  . ARG A 1 123 ? -10.144 1.179   -13.073 1.00 25.92 ? 119  ARG A CD  1 
ATOM   818  N  NE  . ARG A 1 123 ? -11.184 0.697   -12.141 1.00 34.10 ? 119  ARG A NE  1 
ATOM   819  C  CZ  . ARG A 1 123 ? -12.017 -0.370  -12.314 1.00 39.43 ? 119  ARG A CZ  1 
ATOM   820  N  NH1 . ARG A 1 123 ? -12.028 -1.145  -13.428 1.00 33.71 ? 119  ARG A NH1 1 
ATOM   821  N  NH2 . ARG A 1 123 ? -12.880 -0.690  -11.337 1.00 40.36 ? 119  ARG A NH2 1 
ATOM   822  N  N   . GLY A 1 124 ? -6.872  -2.901  -9.573  1.00 21.57 ? 120  GLY A N   1 
ATOM   823  C  CA  . GLY A 1 124 ? -6.435  -3.167  -8.218  1.00 21.87 ? 120  GLY A CA  1 
ATOM   824  C  C   . GLY A 1 124 ? -7.519  -3.438  -7.214  1.00 22.84 ? 120  GLY A C   1 
ATOM   825  O  O   . GLY A 1 124 ? -7.220  -3.752  -6.068  1.00 22.39 ? 120  GLY A O   1 
ATOM   826  N  N   . ASP A 1 125 ? -8.789  -3.314  -7.609  1.00 23.34 ? 121  ASP A N   1 
ATOM   827  C  CA  . ASP A 1 125 ? -9.880  -3.502  -6.654  1.00 24.39 ? 121  ASP A CA  1 
ATOM   828  C  C   . ASP A 1 125 ? -10.028 -4.960  -6.217  1.00 23.52 ? 121  ASP A C   1 
ATOM   829  O  O   . ASP A 1 125 ? -10.063 -5.880  -7.043  1.00 21.19 ? 121  ASP A O   1 
ATOM   830  C  CB  . ASP A 1 125 ? -11.205 -2.952  -7.223  1.00 24.92 ? 121  ASP A CB  1 
ATOM   831  C  CG  . ASP A 1 125 ? -12.404 -3.310  -6.363  1.00 29.92 ? 121  ASP A CG  1 
ATOM   832  O  OD1 . ASP A 1 125 ? -12.464 -3.011  -5.141  1.00 27.54 ? 121  ASP A OD1 1 
ATOM   833  O  OD2 . ASP A 1 125 ? -13.338 -3.929  -6.918  1.00 36.88 ? 121  ASP A OD2 1 
ATOM   834  N  N   . LEU A 1 126 ? -10.104 -5.134  -4.899  1.00 22.18 ? 122  LEU A N   1 
ATOM   835  C  CA  . LEU A 1 126 ? -10.198 -6.423  -4.287  1.00 21.96 ? 122  LEU A CA  1 
ATOM   836  C  C   . LEU A 1 126 ? -11.608 -6.696  -3.794  1.00 22.82 ? 122  LEU A C   1 
ATOM   837  O  O   . LEU A 1 126 ? -11.868 -7.797  -3.339  1.00 22.19 ? 122  LEU A O   1 
ATOM   838  C  CB  . LEU A 1 126 ? -9.235  -6.522  -3.070  1.00 20.75 ? 122  LEU A CB  1 
ATOM   839  C  CG  . LEU A 1 126 ? -7.741  -6.493  -3.413  1.00 19.24 ? 122  LEU A CG  1 
ATOM   840  C  CD1 . LEU A 1 126 ? -6.902  -6.432  -2.135  1.00 22.62 ? 122  LEU A CD1 1 
ATOM   841  C  CD2 . LEU A 1 126 ? -7.350  -7.682  -4.298  1.00 18.30 ? 122  LEU A CD2 1 
ATOM   842  N  N   . GLY A 1 127 ? -12.476 -5.682  -3.793  1.00 23.92 ? 123  GLY A N   1 
ATOM   843  C  CA  . GLY A 1 127 ? -13.851 -5.831  -3.239  1.00 24.28 ? 123  GLY A CA  1 
ATOM   844  C  C   . GLY A 1 127 ? -13.773 -5.684  -1.732  1.00 26.55 ? 123  GLY A C   1 
ATOM   845  O  O   . GLY A 1 127 ? -12.682 -5.365  -1.185  1.00 26.70 ? 123  GLY A O   1 
ATOM   846  N  N   . ALA A 1 128 ? -14.894 -5.950  -1.055  1.00 26.13 ? 124  ALA A N   1 
ATOM   847  C  CA  . ALA A 1 128 ? -15.035 -5.724  0.373   1.00 28.48 ? 124  ALA A CA  1 
ATOM   848  C  C   . ALA A 1 128 ? -14.605 -6.987  1.097   1.00 28.83 ? 124  ALA A C   1 
ATOM   849  O  O   . ALA A 1 128 ? -14.702 -8.067  0.535   1.00 29.78 ? 124  ALA A O   1 
ATOM   850  C  CB  . ALA A 1 128 ? -16.497 -5.334  0.752   1.00 28.87 ? 124  ALA A CB  1 
ATOM   851  N  N   . PHE A 1 129 ? -14.107 -6.864  2.322   1.00 28.81 ? 125  PHE A N   1 
ATOM   852  C  CA  . PHE A 1 129 ? -13.607 -8.043  3.046   1.00 29.05 ? 125  PHE A CA  1 
ATOM   853  C  C   . PHE A 1 129 ? -13.685 -7.682  4.505   1.00 29.39 ? 125  PHE A C   1 
ATOM   854  O  O   . PHE A 1 129 ? -13.742 -6.515  4.857   1.00 31.28 ? 125  PHE A O   1 
ATOM   855  C  CB  . PHE A 1 129 ? -12.184 -8.487  2.570   1.00 27.57 ? 125  PHE A CB  1 
ATOM   856  C  CG  . PHE A 1 129 ? -11.102 -7.360  2.587   1.00 30.14 ? 125  PHE A CG  1 
ATOM   857  C  CD1 . PHE A 1 129 ? -10.323 -7.097  3.745   1.00 29.60 ? 125  PHE A CD1 1 
ATOM   858  C  CD2 . PHE A 1 129 ? -10.849 -6.591  1.417   1.00 27.25 ? 125  PHE A CD2 1 
ATOM   859  C  CE1 . PHE A 1 129 ? -9.272  -6.064  3.741   1.00 25.30 ? 125  PHE A CE1 1 
ATOM   860  C  CE2 . PHE A 1 129 ? -9.862  -5.576  1.380   1.00 23.06 ? 125  PHE A CE2 1 
ATOM   861  C  CZ  . PHE A 1 129 ? -9.052  -5.313  2.581   1.00 26.86 ? 125  PHE A CZ  1 
ATOM   862  N  N   . SER A 1 130 ? -13.718 -8.666  5.377   1.00 31.46 ? 126  SER A N   1 
ATOM   863  C  CA  . SER A 1 130 ? -13.763 -8.371  6.801   1.00 32.61 ? 126  SER A CA  1 
ATOM   864  C  C   . SER A 1 130 ? -12.457 -8.939  7.389   1.00 31.27 ? 126  SER A C   1 
ATOM   865  O  O   . SER A 1 130 ? -11.632 -9.452  6.641   1.00 29.63 ? 126  SER A O   1 
ATOM   866  C  CB  . SER A 1 130 ? -15.047 -8.947  7.429   1.00 34.42 ? 126  SER A CB  1 
ATOM   867  O  OG  . SER A 1 130 ? -14.973 -10.347 7.431   1.00 36.33 ? 126  SER A OG  1 
ATOM   868  N  N   . ARG A 1 131 ? -12.229 -8.766  8.688   1.00 31.18 ? 127  ARG A N   1 
ATOM   869  C  CA  . ARG A 1 131 ? -11.065 -9.396  9.329   1.00 31.37 ? 127  ARG A CA  1 
ATOM   870  C  C   . ARG A 1 131 ? -11.184 -10.912 9.288   1.00 32.04 ? 127  ARG A C   1 
ATOM   871  O  O   . ARG A 1 131 ? -12.299 -11.455 9.274   1.00 30.99 ? 127  ARG A O   1 
ATOM   872  C  CB  . ARG A 1 131 ? -10.864 -8.912  10.758  1.00 31.93 ? 127  ARG A CB  1 
ATOM   873  C  CG  . ARG A 1 131 ? -10.378 -7.454  10.881  1.00 30.61 ? 127  ARG A CG  1 
ATOM   874  C  CD  . ARG A 1 131 ? -9.720  -7.225  12.219  1.00 30.59 ? 127  ARG A CD  1 
ATOM   875  N  NE  . ARG A 1 131 ? -9.354  -5.812  12.433  1.00 30.69 ? 127  ARG A NE  1 
ATOM   876  C  CZ  . ARG A 1 131 ? -8.145  -5.304  12.225  1.00 24.93 ? 127  ARG A CZ  1 
ATOM   877  N  NH1 . ARG A 1 131 ? -7.169  -6.057  11.785  1.00 26.82 ? 127  ARG A NH1 1 
ATOM   878  N  NH2 . ARG A 1 131 ? -7.924  -4.027  12.446  1.00 32.40 ? 127  ARG A NH2 1 
ATOM   879  N  N   . GLY A 1 132 ? -10.032 -11.578 9.243   1.00 31.70 ? 128  GLY A N   1 
ATOM   880  C  CA  . GLY A 1 132 ? -9.966  -13.018 9.119   1.00 34.15 ? 128  GLY A CA  1 
ATOM   881  C  C   . GLY A 1 132 ? -9.724  -13.509 7.687   1.00 35.75 ? 128  GLY A C   1 
ATOM   882  O  O   . GLY A 1 132 ? -9.570  -14.702 7.453   1.00 37.40 ? 128  GLY A O   1 
ATOM   883  N  N   . GLN A 1 133 ? -9.645  -12.622 6.706   1.00 36.79 ? 129  GLN A N   1 
ATOM   884  C  CA  . GLN A 1 133 ? -9.547  -13.102 5.316   1.00 37.10 ? 129  GLN A CA  1 
ATOM   885  C  C   . GLN A 1 133 ? -8.188  -12.893 4.648   1.00 37.84 ? 129  GLN A C   1 
ATOM   886  O  O   . GLN A 1 133 ? -7.725  -13.783 3.899   1.00 38.55 ? 129  GLN A O   1 
ATOM   887  C  CB  . GLN A 1 133 ? -10.684 -12.512 4.457   1.00 38.13 ? 129  GLN A CB  1 
ATOM   888  C  CG  . GLN A 1 133 ? -12.104 -12.478 5.146   1.00 39.34 ? 129  GLN A CG  1 
ATOM   889  C  CD  . GLN A 1 133 ? -13.186 -11.911 4.201   1.00 42.32 ? 129  GLN A CD  1 
ATOM   890  O  OE1 . GLN A 1 133 ? -14.073 -11.157 4.598   1.00 42.85 ? 129  GLN A OE1 1 
ATOM   891  N  NE2 . GLN A 1 133 ? -13.073 -12.250 2.941   1.00 44.38 ? 129  GLN A NE2 1 
ATOM   892  N  N   . MET A 1 134 ? -7.545  -11.745 4.893   1.00 37.37 ? 130  MET A N   1 
ATOM   893  C  CA  . MET A 1 134 ? -6.268  -11.406 4.209   1.00 37.37 ? 130  MET A CA  1 
ATOM   894  C  C   . MET A 1 134 ? -5.058  -11.754 5.077   1.00 37.14 ? 130  MET A C   1 
ATOM   895  O  O   . MET A 1 134 ? -5.184  -11.894 6.291   1.00 36.75 ? 130  MET A O   1 
ATOM   896  C  CB  . MET A 1 134 ? -6.217  -9.903  3.843   1.00 37.96 ? 130  MET A CB  1 
ATOM   897  C  CG  . MET A 1 134 ? -7.362  -9.392  2.936   1.00 37.60 ? 130  MET A CG  1 
ATOM   898  S  SD  . MET A 1 134 ? -7.327  -10.052 1.230   1.00 42.13 ? 130  MET A SD  1 
ATOM   899  C  CE  . MET A 1 134 ? -8.885  -9.411  0.601   1.00 41.22 ? 130  MET A CE  1 
ATOM   900  N  N   . GLN A 1 135 ? -3.882  -11.873 4.467   1.00 35.66 ? 131  GLN A N   1 
ATOM   901  C  CA  . GLN A 1 135 ? -2.665  -11.931 5.264   1.00 35.52 ? 131  GLN A CA  1 
ATOM   902  C  C   . GLN A 1 135 ? -2.627  -10.743 6.210   1.00 34.16 ? 131  GLN A C   1 
ATOM   903  O  O   . GLN A 1 135 ? -2.985  -9.600  5.851   1.00 34.56 ? 131  GLN A O   1 
ATOM   904  C  CB  . GLN A 1 135 ? -1.444  -11.925 4.377   1.00 36.17 ? 131  GLN A CB  1 
ATOM   905  C  CG  . GLN A 1 135 ? -1.440  -13.042 3.405   1.00 36.21 ? 131  GLN A CG  1 
ATOM   906  C  CD  . GLN A 1 135 ? -0.159  -13.031 2.627   1.00 41.08 ? 131  GLN A CD  1 
ATOM   907  O  OE1 . GLN A 1 135 ? -0.168  -12.962 1.399   1.00 42.54 ? 131  GLN A OE1 1 
ATOM   908  N  NE2 . GLN A 1 135 ? 0.964   -13.051 3.344   1.00 40.56 ? 131  GLN A NE2 1 
ATOM   909  N  N   . LYS A 1 136 ? -2.228  -11.014 7.442   1.00 33.33 ? 132  LYS A N   1 
ATOM   910  C  CA  . LYS A 1 136 ? -2.459  -10.068 8.540   1.00 31.41 ? 132  LYS A CA  1 
ATOM   911  C  C   . LYS A 1 136 ? -1.894  -8.631  8.384   1.00 30.05 ? 132  LYS A C   1 
ATOM   912  O  O   . LYS A 1 136 ? -2.597  -7.676  8.722   1.00 30.93 ? 132  LYS A O   1 
ATOM   913  C  CB  . LYS A 1 136 ? -2.050  -10.714 9.886   1.00 32.17 ? 132  LYS A CB  1 
ATOM   914  C  CG  . LYS A 1 136 ? -3.221  -10.861 10.814  1.00 32.90 ? 132  LYS A CG  1 
ATOM   915  C  CD  . LYS A 1 136 ? -3.278  -9.563  11.565  1.00 35.50 ? 132  LYS A CD  1 
ATOM   916  C  CE  . LYS A 1 136 ? -4.517  -9.400  12.411  1.00 35.32 ? 132  LYS A CE  1 
ATOM   917  N  NZ  . LYS A 1 136 ? -4.396  -8.255  13.433  1.00 37.76 ? 132  LYS A NZ  1 
ATOM   918  N  N   . PRO A 1 137 ? -0.642  -8.471  7.891   1.00 28.60 ? 133  PRO A N   1 
ATOM   919  C  CA  . PRO A 1 137 ? -0.139  -7.131  7.722   1.00 27.06 ? 133  PRO A CA  1 
ATOM   920  C  C   . PRO A 1 137 ? -1.001  -6.315  6.724   1.00 25.78 ? 133  PRO A C   1 
ATOM   921  O  O   . PRO A 1 137 ? -1.136  -5.117  6.869   1.00 23.20 ? 133  PRO A O   1 
ATOM   922  C  CB  . PRO A 1 137 ? 1.257   -7.364  7.119   1.00 27.99 ? 133  PRO A CB  1 
ATOM   923  C  CG  . PRO A 1 137 ? 1.609   -8.775  7.435   1.00 29.02 ? 133  PRO A CG  1 
ATOM   924  C  CD  . PRO A 1 137 ? 0.309   -9.454  7.327   1.00 28.75 ? 133  PRO A CD  1 
ATOM   925  N  N   . PHE A 1 138 ? -1.566  -6.990  5.721   1.00 25.03 ? 134  PHE A N   1 
ATOM   926  C  CA  . PHE A 1 138 ? -2.446  -6.356  4.733   1.00 23.47 ? 134  PHE A CA  1 
ATOM   927  C  C   . PHE A 1 138 ? -3.764  -6.054  5.399   1.00 23.31 ? 134  PHE A C   1 
ATOM   928  O  O   . PHE A 1 138 ? -4.280  -4.965  5.246   1.00 22.31 ? 134  PHE A O   1 
ATOM   929  C  CB  . PHE A 1 138 ? -2.648  -7.264  3.530   1.00 22.52 ? 134  PHE A CB  1 
ATOM   930  C  CG  . PHE A 1 138 ? -3.402  -6.605  2.381   1.00 23.29 ? 134  PHE A CG  1 
ATOM   931  C  CD1 . PHE A 1 138 ? -2.715  -6.138  1.289   1.00 20.93 ? 134  PHE A CD1 1 
ATOM   932  C  CD2 . PHE A 1 138 ? -4.804  -6.525  2.386   1.00 22.22 ? 134  PHE A CD2 1 
ATOM   933  C  CE1 . PHE A 1 138 ? -3.373  -5.538  0.223   1.00 21.13 ? 134  PHE A CE1 1 
ATOM   934  C  CE2 . PHE A 1 138 ? -5.497  -5.892  1.296   1.00 21.35 ? 134  PHE A CE2 1 
ATOM   935  C  CZ  . PHE A 1 138 ? -4.770  -5.402  0.229   1.00 18.28 ? 134  PHE A CZ  1 
ATOM   936  N  N   . GLU A 1 139 ? -4.304  -7.000  6.189   1.00 22.83 ? 135  GLU A N   1 
ATOM   937  C  CA  . GLU A 1 139 ? -5.554  -6.749  6.852   1.00 22.66 ? 135  GLU A CA  1 
ATOM   938  C  C   . GLU A 1 139 ? -5.447  -5.564  7.827   1.00 22.02 ? 135  GLU A C   1 
ATOM   939  O  O   . GLU A 1 139 ? -6.254  -4.621  7.792   1.00 21.87 ? 135  GLU A O   1 
ATOM   940  C  CB  . GLU A 1 139 ? -6.015  -8.011  7.601   1.00 23.09 ? 135  GLU A CB  1 
ATOM   941  C  CG  . GLU A 1 139 ? -7.166  -7.772  8.482   1.00 22.14 ? 135  GLU A CG  1 
ATOM   942  C  CD  . GLU A 1 139 ? -7.450  -8.993  9.357   1.00 24.87 ? 135  GLU A CD  1 
ATOM   943  O  OE1 . GLU A 1 139 ? -7.759  -10.051 8.779   1.00 31.12 ? 135  GLU A OE1 1 
ATOM   944  O  OE2 . GLU A 1 139 ? -7.299  -8.897  10.603  1.00 24.47 ? 135  GLU A OE2 1 
ATOM   945  N  N   . ASP A 1 140 ? -4.402  -5.580  8.638   1.00 21.41 ? 136  ASP A N   1 
ATOM   946  C  CA  . ASP A 1 140 ? -4.224  -4.532  9.645   1.00 21.39 ? 136  ASP A CA  1 
ATOM   947  C  C   . ASP A 1 140 ? -4.080  -3.192  8.987   1.00 19.56 ? 136  ASP A C   1 
ATOM   948  O  O   . ASP A 1 140 ? -4.633  -2.204  9.423   1.00 20.17 ? 136  ASP A O   1 
ATOM   949  C  CB  . ASP A 1 140 ? -2.979  -4.824  10.516  1.00 21.39 ? 136  ASP A CB  1 
ATOM   950  C  CG  . ASP A 1 140 ? -3.247  -5.889  11.545  1.00 24.98 ? 136  ASP A CG  1 
ATOM   951  O  OD1 . ASP A 1 140 ? -4.445  -6.191  11.817  1.00 23.85 ? 136  ASP A OD1 1 
ATOM   952  O  OD2 . ASP A 1 140 ? -2.260  -6.451  12.050  1.00 25.78 ? 136  ASP A OD2 1 
ATOM   953  N  N   . ALA A 1 141 ? -3.315  -3.137  7.921   1.00 20.38 ? 137  ALA A N   1 
ATOM   954  C  CA  . ALA A 1 141 ? -3.114  -1.857  7.239   1.00 20.18 ? 137  ALA A CA  1 
ATOM   955  C  C   . ALA A 1 141 ? -4.459  -1.380  6.657   1.00 20.86 ? 137  ALA A C   1 
ATOM   956  O  O   . ALA A 1 141 ? -4.841  -0.223  6.801   1.00 20.04 ? 137  ALA A O   1 
ATOM   957  C  CB  . ALA A 1 141 ? -2.016  -1.988  6.162   1.00 20.14 ? 137  ALA A CB  1 
ATOM   958  N  N   . SER A 1 142 ? -5.225  -2.314  6.091   1.00 20.22 ? 138  SER A N   1 
ATOM   959  C  CA  . SER A 1 142 ? -6.490  -1.976  5.458   1.00 19.88 ? 138  SER A CA  1 
ATOM   960  C  C   . SER A 1 142 ? -7.479  -1.380  6.445   1.00 19.86 ? 138  SER A C   1 
ATOM   961  O  O   . SER A 1 142 ? -8.122  -0.396  6.120   1.00 20.25 ? 138  SER A O   1 
ATOM   962  C  CB  . SER A 1 142 ? -7.087  -3.231  4.827   1.00 18.08 ? 138  SER A CB  1 
ATOM   963  O  OG  . SER A 1 142 ? -6.321  -3.598  3.721   1.00 17.25 ? 138  SER A OG  1 
ATOM   964  N  N   . PHE A 1 143 ? -7.618  -1.995  7.625   1.00 21.54 ? 139  PHE A N   1 
ATOM   965  C  CA  . PHE A 1 143 ? -8.511  -1.532  8.703   1.00 22.56 ? 139  PHE A CA  1 
ATOM   966  C  C   . PHE A 1 143 ? -8.053  -0.313  9.462   1.00 24.57 ? 139  PHE A C   1 
ATOM   967  O  O   . PHE A 1 143 ? -8.868  0.322   10.117  1.00 25.25 ? 139  PHE A O   1 
ATOM   968  C  CB  . PHE A 1 143 ? -8.894  -2.690  9.654   1.00 23.47 ? 139  PHE A CB  1 
ATOM   969  C  CG  . PHE A 1 143 ? -9.966  -3.571  9.071   1.00 23.32 ? 139  PHE A CG  1 
ATOM   970  C  CD1 . PHE A 1 143 ? -9.630  -4.621  8.251   1.00 23.07 ? 139  PHE A CD1 1 
ATOM   971  C  CD2 . PHE A 1 143 ? -11.320 -3.285  9.295   1.00 22.89 ? 139  PHE A CD2 1 
ATOM   972  C  CE1 . PHE A 1 143 ? -10.628 -5.441  7.662   1.00 23.80 ? 139  PHE A CE1 1 
ATOM   973  C  CE2 . PHE A 1 143 ? -12.334 -4.084  8.715   1.00 25.09 ? 139  PHE A CE2 1 
ATOM   974  C  CZ  . PHE A 1 143 ? -11.964 -5.167  7.881   1.00 25.72 ? 139  PHE A CZ  1 
ATOM   975  N  N   . ALA A 1 144 ? -6.763  0.038   9.347   1.00 24.18 ? 140  ALA A N   1 
ATOM   976  C  CA  . ALA A 1 144 ? -6.255  1.235   9.966   1.00 23.59 ? 140  ALA A CA  1 
ATOM   977  C  C   . ALA A 1 144 ? -6.384  2.464   9.049   1.00 24.62 ? 140  ALA A C   1 
ATOM   978  O  O   . ALA A 1 144 ? -6.375  3.580   9.523   1.00 26.07 ? 140  ALA A O   1 
ATOM   979  C  CB  . ALA A 1 144 ? -4.826  1.024   10.366  1.00 22.24 ? 140  ALA A CB  1 
ATOM   980  N  N   . LEU A 1 145 ? -6.522  2.256   7.743   1.00 26.31 ? 141  LEU A N   1 
ATOM   981  C  CA  . LEU A 1 145 ? -6.807  3.349   6.784   1.00 26.14 ? 141  LEU A CA  1 
ATOM   982  C  C   . LEU A 1 145 ? -8.221  3.890   6.979   1.00 27.43 ? 141  LEU A C   1 
ATOM   983  O  O   . LEU A 1 145 ? -9.139  3.130   7.315   1.00 28.12 ? 141  LEU A O   1 
ATOM   984  C  CB  . LEU A 1 145 ? -6.692  2.811   5.344   1.00 25.64 ? 141  LEU A CB  1 
ATOM   985  C  CG  . LEU A 1 145 ? -5.286  2.448   4.841   1.00 23.09 ? 141  LEU A CG  1 
ATOM   986  C  CD1 . LEU A 1 145 ? -5.376  1.720   3.414   1.00 21.24 ? 141  LEU A CD1 1 
ATOM   987  C  CD2 . LEU A 1 145 ? -4.369  3.674   4.821   1.00 22.09 ? 141  LEU A CD2 1 
ATOM   988  N  N   . ARG A 1 146 ? -8.423  5.193   6.789   1.00 28.45 ? 142  ARG A N   1 
ATOM   989  C  CA  . ARG A 1 146 ? -9.804  5.712   6.691   1.00 29.86 ? 142  ARG A CA  1 
ATOM   990  C  C   . ARG A 1 146 ? -10.239 5.773   5.241   1.00 29.00 ? 142  ARG A C   1 
ATOM   991  O  O   . ARG A 1 146 ? -9.392  5.649   4.376   1.00 26.67 ? 142  ARG A O   1 
ATOM   992  C  CB  . ARG A 1 146 ? -9.969  7.051   7.372   1.00 30.93 ? 142  ARG A CB  1 
ATOM   993  C  CG  . ARG A 1 146 ? -10.289 6.827   8.872   1.00 35.04 ? 142  ARG A CG  1 
ATOM   994  C  CD  . ARG A 1 146 ? -8.955  6.661   9.615   1.00 39.08 ? 142  ARG A CD  1 
ATOM   995  N  NE  . ARG A 1 146 ? -8.026  7.714   9.181   1.00 41.40 ? 142  ARG A NE  1 
ATOM   996  C  CZ  . ARG A 1 146 ? -7.817  8.851   9.853   1.00 44.48 ? 142  ARG A CZ  1 
ATOM   997  N  NH1 . ARG A 1 146 ? -8.472  9.059   10.996  1.00 47.56 ? 142  ARG A NH1 1 
ATOM   998  N  NH2 . ARG A 1 146 ? -6.944  9.757   9.403   1.00 40.77 ? 142  ARG A NH2 1 
ATOM   999  N  N   . THR A 1 147 ? -11.547 5.870   4.976   1.00 29.36 ? 143  THR A N   1 
ATOM   1000 C  CA  . THR A 1 147 ? -11.998 5.866   3.583   1.00 29.40 ? 143  THR A CA  1 
ATOM   1001 C  C   . THR A 1 147 ? -11.235 6.929   2.834   1.00 28.18 ? 143  THR A C   1 
ATOM   1002 O  O   . THR A 1 147 ? -11.057 7.987   3.355   1.00 27.16 ? 143  THR A O   1 
ATOM   1003 C  CB  . THR A 1 147 ? -13.471 6.128   3.445   1.00 30.53 ? 143  THR A CB  1 
ATOM   1004 O  OG1 . THR A 1 147 ? -14.111 4.963   3.936   1.00 33.97 ? 143  THR A OG1 1 
ATOM   1005 C  CG2 . THR A 1 147 ? -13.834 6.246   1.967   1.00 30.13 ? 143  THR A CG2 1 
ATOM   1006 N  N   . GLY A 1 148 ? -10.705 6.587   1.656   1.00 27.50 ? 144  GLY A N   1 
ATOM   1007 C  CA  . GLY A 1 148 ? -9.999  7.539   0.811   1.00 26.04 ? 144  GLY A CA  1 
ATOM   1008 C  C   . GLY A 1 148 ? -8.487  7.471   0.937   1.00 26.37 ? 144  GLY A C   1 
ATOM   1009 O  O   . GLY A 1 148 ? -7.755  7.955   0.041   1.00 27.78 ? 144  GLY A O   1 
ATOM   1010 N  N   . GLU A 1 149 ? -8.007  6.909   2.059   1.00 25.54 ? 145  GLU A N   1 
ATOM   1011 C  CA  . GLU A 1 149 ? -6.599  7.008   2.466   1.00 24.46 ? 145  GLU A CA  1 
ATOM   1012 C  C   . GLU A 1 149 ? -5.799  5.913   1.870   1.00 22.86 ? 145  GLU A C   1 
ATOM   1013 O  O   . GLU A 1 149 ? -6.303  4.819   1.596   1.00 23.97 ? 145  GLU A O   1 
ATOM   1014 C  CB  . GLU A 1 149 ? -6.431  6.924   3.981   1.00 24.16 ? 145  GLU A CB  1 
ATOM   1015 C  CG  . GLU A 1 149 ? -6.864  8.166   4.745   1.00 28.78 ? 145  GLU A CG  1 
ATOM   1016 C  CD  . GLU A 1 149 ? -6.527  8.086   6.250   1.00 33.62 ? 145  GLU A CD  1 
ATOM   1017 O  OE1 . GLU A 1 149 ? -6.517  6.939   6.827   1.00 32.09 ? 145  GLU A OE1 1 
ATOM   1018 O  OE2 . GLU A 1 149 ? -6.258  9.175   6.840   1.00 35.01 ? 145  GLU A OE2 1 
ATOM   1019 N  N   . MET A 1 150 ? -4.538  6.226   1.664   1.00 21.34 ? 146  MET A N   1 
ATOM   1020 C  CA  . MET A 1 150 ? -3.621  5.330   1.036   1.00 20.38 ? 146  MET A CA  1 
ATOM   1021 C  C   . MET A 1 150 ? -2.473  4.991   2.021   1.00 19.97 ? 146  MET A C   1 
ATOM   1022 O  O   . MET A 1 150 ? -2.018  5.842   2.824   1.00 19.19 ? 146  MET A O   1 
ATOM   1023 C  CB  . MET A 1 150 ? -3.102  5.969   -0.228  1.00 19.75 ? 146  MET A CB  1 
ATOM   1024 C  CG  . MET A 1 150 ? -2.457  4.997   -1.173  1.00 21.45 ? 146  MET A CG  1 
ATOM   1025 S  SD  . MET A 1 150 ? -1.605  5.670   -2.630  1.00 21.78 ? 146  MET A SD  1 
ATOM   1026 C  CE  . MET A 1 150 ? -0.336  6.741   -1.932  1.00 21.91 ? 146  MET A CE  1 
ATOM   1027 N  N   . SER A 1 151 ? -2.001  3.757   1.933   1.00 18.95 ? 147  SER A N   1 
ATOM   1028 C  CA  . SER A 1 151 ? -0.955  3.277   2.797   1.00 19.62 ? 147  SER A CA  1 
ATOM   1029 C  C   . SER A 1 151 ? 0.399   3.676   2.214   1.00 20.25 ? 147  SER A C   1 
ATOM   1030 O  O   . SER A 1 151 ? 0.460   4.085   1.077   1.00 21.46 ? 147  SER A O   1 
ATOM   1031 C  CB  . SER A 1 151 ? -1.063  1.757   2.868   1.00 17.17 ? 147  SER A CB  1 
ATOM   1032 O  OG  . SER A 1 151 ? -0.513  1.160   1.658   1.00 20.07 ? 147  SER A OG  1 
ATOM   1033 N  N   . GLY A 1 152 ? 1.474   3.547   2.995   1.00 19.49 ? 148  GLY A N   1 
ATOM   1034 C  CA  . GLY A 1 152 ? 2.814   3.424   2.457   1.00 20.46 ? 148  GLY A CA  1 
ATOM   1035 C  C   . GLY A 1 152 ? 3.057   1.976   2.005   1.00 20.73 ? 148  GLY A C   1 
ATOM   1036 O  O   . GLY A 1 152 ? 2.107   1.208   1.853   1.00 19.04 ? 148  GLY A O   1 
ATOM   1037 N  N   . PRO A 1 153 ? 4.340   1.598   1.804   1.00 20.73 ? 149  PRO A N   1 
ATOM   1038 C  CA  . PRO A 1 153 ? 4.757   0.213   1.421   1.00 19.80 ? 149  PRO A CA  1 
ATOM   1039 C  C   . PRO A 1 153 ? 4.386   -0.750  2.530   1.00 20.20 ? 149  PRO A C   1 
ATOM   1040 O  O   . PRO A 1 153 ? 4.794   -0.508  3.665   1.00 22.24 ? 149  PRO A O   1 
ATOM   1041 C  CB  . PRO A 1 153 ? 6.294   0.327   1.356   1.00 20.80 ? 149  PRO A CB  1 
ATOM   1042 C  CG  . PRO A 1 153 ? 6.568   1.770   1.118   1.00 19.66 ? 149  PRO A CG  1 
ATOM   1043 C  CD  . PRO A 1 153 ? 5.481   2.517   1.899   1.00 19.83 ? 149  PRO A CD  1 
ATOM   1044 N  N   . VAL A 1 154 ? 3.574   -1.780  2.240   1.00 19.64 ? 150  VAL A N   1 
ATOM   1045 C  CA  . VAL A 1 154 ? 3.139   -2.798  3.212   1.00 18.75 ? 150  VAL A CA  1 
ATOM   1046 C  C   . VAL A 1 154 ? 3.742   -4.154  2.747   1.00 19.70 ? 150  VAL A C   1 
ATOM   1047 O  O   . VAL A 1 154 ? 3.541   -4.605  1.602   1.00 20.90 ? 150  VAL A O   1 
ATOM   1048 C  CB  . VAL A 1 154 ? 1.612   -2.857  3.359   1.00 17.71 ? 150  VAL A CB  1 
ATOM   1049 C  CG1 . VAL A 1 154 ? 1.182   -4.003  4.262   1.00 19.67 ? 150  VAL A CG1 1 
ATOM   1050 C  CG2 . VAL A 1 154 ? 1.079   -1.529  3.859   1.00 21.01 ? 150  VAL A CG2 1 
ATOM   1051 N  N   . PHE A 1 155 ? 4.471   -4.823  3.641   1.00 19.72 ? 151  PHE A N   1 
ATOM   1052 C  CA  . PHE A 1 155 ? 5.139   -6.017  3.259   1.00 20.22 ? 151  PHE A CA  1 
ATOM   1053 C  C   . PHE A 1 155 ? 4.335   -7.197  3.702   1.00 19.42 ? 151  PHE A C   1 
ATOM   1054 O  O   . PHE A 1 155 ? 3.942   -7.284  4.861   1.00 19.14 ? 151  PHE A O   1 
ATOM   1055 C  CB  . PHE A 1 155 ? 6.500   -6.056  3.974   1.00 20.55 ? 151  PHE A CB  1 
ATOM   1056 C  CG  . PHE A 1 155 ? 7.446   -4.983  3.517   1.00 20.70 ? 151  PHE A CG  1 
ATOM   1057 C  CD1 . PHE A 1 155 ? 7.264   -3.663  3.903   1.00 18.52 ? 151  PHE A CD1 1 
ATOM   1058 C  CD2 . PHE A 1 155 ? 8.545   -5.304  2.738   1.00 21.71 ? 151  PHE A CD2 1 
ATOM   1059 C  CE1 . PHE A 1 155 ? 8.182   -2.665  3.513   1.00 20.94 ? 151  PHE A CE1 1 
ATOM   1060 C  CE2 . PHE A 1 155 ? 9.438   -4.304  2.342   1.00 19.04 ? 151  PHE A CE2 1 
ATOM   1061 C  CZ  . PHE A 1 155 ? 9.252   -3.008  2.714   1.00 19.54 ? 151  PHE A CZ  1 
ATOM   1062 N  N   . THR A 1 156 ? 4.105   -8.130  2.795   1.00 19.37 ? 152  THR A N   1 
ATOM   1063 C  CA  . THR A 1 156 ? 3.550   -9.401  3.195   1.00 19.88 ? 152  THR A CA  1 
ATOM   1064 C  C   . THR A 1 156 ? 4.369   -10.503 2.511   1.00 22.40 ? 152  THR A C   1 
ATOM   1065 O  O   . THR A 1 156 ? 5.292   -10.230 1.723   1.00 22.48 ? 152  THR A O   1 
ATOM   1066 C  CB  . THR A 1 156 ? 2.094   -9.515  2.678   1.00 21.34 ? 152  THR A CB  1 
ATOM   1067 O  OG1 . THR A 1 156 ? 2.163   -9.668  1.236   1.00 17.19 ? 152  THR A OG1 1 
ATOM   1068 C  CG2 . THR A 1 156 ? 1.195   -8.274  3.061   1.00 19.13 ? 152  THR A CG2 1 
ATOM   1069 N  N   . ASP A 1 157 ? 3.995   -11.756 2.731   1.00 24.90 ? 153  ASP A N   1 
ATOM   1070 C  CA  . ASP A 1 157 ? 4.607   -12.842 1.975   1.00 26.01 ? 153  ASP A CA  1 
ATOM   1071 C  C   . ASP A 1 157 ? 4.313   -12.826 0.493   1.00 25.92 ? 153  ASP A C   1 
ATOM   1072 O  O   . ASP A 1 157 ? 4.966   -13.532 -0.258  1.00 25.64 ? 153  ASP A O   1 
ATOM   1073 C  CB  . ASP A 1 157 ? 4.087   -14.134 2.560   1.00 27.34 ? 153  ASP A CB  1 
ATOM   1074 C  CG  . ASP A 1 157 ? 4.764   -14.455 3.868   1.00 32.23 ? 153  ASP A CG  1 
ATOM   1075 O  OD1 . ASP A 1 157 ? 5.881   -13.933 4.082   1.00 36.02 ? 153  ASP A OD1 1 
ATOM   1076 O  OD2 . ASP A 1 157 ? 4.200   -15.204 4.671   1.00 39.27 ? 153  ASP A OD2 1 
ATOM   1077 N  N   . SER A 1 158 ? 3.294   -12.068 0.052   1.00 24.83 ? 154  SER A N   1 
ATOM   1078 C  CA  . SER A 1 158 ? 3.107   -11.942 -1.399  1.00 23.08 ? 154  SER A CA  1 
ATOM   1079 C  C   . SER A 1 158 ? 4.080   -10.981 -2.101  1.00 23.00 ? 154  SER A C   1 
ATOM   1080 O  O   . SER A 1 158 ? 4.347   -11.125 -3.320  1.00 22.36 ? 154  SER A O   1 
ATOM   1081 C  CB  . SER A 1 158 ? 1.702   -11.540 -1.697  1.00 22.87 ? 154  SER A CB  1 
ATOM   1082 O  OG  . SER A 1 158 ? 0.866   -12.558 -1.207  1.00 23.52 ? 154  SER A OG  1 
ATOM   1083 N  N   . GLY A 1 159 ? 4.575   -9.996  -1.357  1.00 20.53 ? 155  GLY A N   1 
ATOM   1084 C  CA  . GLY A 1 159 ? 5.433   -8.969  -1.938  1.00 20.66 ? 155  GLY A CA  1 
ATOM   1085 C  C   . GLY A 1 159 ? 5.217   -7.663  -1.215  1.00 20.87 ? 155  GLY A C   1 
ATOM   1086 O  O   . GLY A 1 159 ? 4.893   -7.650  -0.027  1.00 22.22 ? 155  GLY A O   1 
ATOM   1087 N  N   . ILE A 1 160 ? 5.317   -6.554  -1.932  1.00 21.57 ? 156  ILE A N   1 
ATOM   1088 C  CA  . ILE A 1 160 ? 5.101   -5.243  -1.289  1.00 20.32 ? 156  ILE A CA  1 
ATOM   1089 C  C   . ILE A 1 160 ? 3.854   -4.608  -1.874  1.00 19.98 ? 156  ILE A C   1 
ATOM   1090 O  O   . ILE A 1 160 ? 3.678   -4.592  -3.089  1.00 21.75 ? 156  ILE A O   1 
ATOM   1091 C  CB  . ILE A 1 160 ? 6.350   -4.342  -1.458  1.00 19.62 ? 156  ILE A CB  1 
ATOM   1092 C  CG1 . ILE A 1 160 ? 7.635   -5.120  -1.065  1.00 18.80 ? 156  ILE A CG1 1 
ATOM   1093 C  CG2 . ILE A 1 160 ? 6.273   -3.056  -0.574  1.00 19.59 ? 156  ILE A CG2 1 
ATOM   1094 C  CD1 . ILE A 1 160 ? 8.947   -4.324  -1.266  1.00 18.19 ? 156  ILE A CD1 1 
ATOM   1095 N  N   . HIS A 1 161 ? 3.015   -4.061  -1.016  1.00 18.99 ? 157  HIS A N   1 
ATOM   1096 C  CA  . HIS A 1 161 ? 1.719   -3.477  -1.440  1.00 19.95 ? 157  HIS A CA  1 
ATOM   1097 C  C   . HIS A 1 161 ? 1.634   -1.925  -1.258  1.00 19.76 ? 157  HIS A C   1 
ATOM   1098 O  O   . HIS A 1 161 ? 2.183   -1.373  -0.274  1.00 18.67 ? 157  HIS A O   1 
ATOM   1099 C  CB  . HIS A 1 161 ? 0.588   -4.093  -0.616  1.00 18.76 ? 157  HIS A CB  1 
ATOM   1100 C  CG  . HIS A 1 161 ? 0.552   -5.587  -0.619  1.00 21.26 ? 157  HIS A CG  1 
ATOM   1101 N  ND1 . HIS A 1 161 ? -0.407  -6.305  -1.298  1.00 24.70 ? 157  HIS A ND1 1 
ATOM   1102 C  CD2 . HIS A 1 161 ? 1.328   -6.504  0.018   1.00 23.56 ? 157  HIS A CD2 1 
ATOM   1103 C  CE1 . HIS A 1 161 ? -0.228  -7.600  -1.082  1.00 26.44 ? 157  HIS A CE1 1 
ATOM   1104 N  NE2 . HIS A 1 161 ? 0.829   -7.750  -0.293  1.00 23.35 ? 157  HIS A NE2 1 
ATOM   1105 N  N   . ILE A 1 162 ? 0.919   -1.247  -2.169  1.00 19.74 ? 158  ILE A N   1 
ATOM   1106 C  CA  . ILE A 1 162 ? 0.319   0.043   -1.837  1.00 19.91 ? 158  ILE A CA  1 
ATOM   1107 C  C   . ILE A 1 162 ? -1.176  -0.225  -1.733  1.00 19.93 ? 158  ILE A C   1 
ATOM   1108 O  O   . ILE A 1 162 ? -1.752  -0.825  -2.657  1.00 19.11 ? 158  ILE A O   1 
ATOM   1109 C  CB  . ILE A 1 162 ? 0.541   1.094   -2.953  1.00 22.14 ? 158  ILE A CB  1 
ATOM   1110 C  CG1 . ILE A 1 162 ? 2.016   1.382   -3.212  1.00 22.28 ? 158  ILE A CG1 1 
ATOM   1111 C  CG2 . ILE A 1 162 ? -0.199  2.425   -2.661  1.00 19.74 ? 158  ILE A CG2 1 
ATOM   1112 C  CD1 . ILE A 1 162 ? 2.256   1.856   -4.626  1.00 22.42 ? 158  ILE A CD1 1 
ATOM   1113 N  N   . ILE A 1 163 ? -1.804  0.171   -0.629  1.00 19.30 ? 159  ILE A N   1 
ATOM   1114 C  CA  . ILE A 1 163 ? -3.247  -0.113  -0.417  1.00 20.16 ? 159  ILE A CA  1 
ATOM   1115 C  C   . ILE A 1 163 ? -4.022  1.212   -0.396  1.00 20.30 ? 159  ILE A C   1 
ATOM   1116 O  O   . ILE A 1 163 ? -3.642  2.167   0.295   1.00 20.72 ? 159  ILE A O   1 
ATOM   1117 C  CB  . ILE A 1 163 ? -3.512  -0.912  0.916   1.00 17.99 ? 159  ILE A CB  1 
ATOM   1118 C  CG1 . ILE A 1 163 ? -2.655  -2.169  0.963   1.00 20.78 ? 159  ILE A CG1 1 
ATOM   1119 C  CG2 . ILE A 1 163 ? -4.989  -1.278  1.129   1.00 19.47 ? 159  ILE A CG2 1 
ATOM   1120 C  CD1 . ILE A 1 163 ? -2.510  -2.866  2.327   1.00 18.00 ? 159  ILE A CD1 1 
ATOM   1121 N  N   . LEU A 1 164 ? -5.109  1.274   -1.175  1.00 20.27 ? 160  LEU A N   1 
ATOM   1122 C  CA  . LEU A 1 164 ? -6.004  2.433   -1.100  1.00 19.10 ? 160  LEU A CA  1 
ATOM   1123 C  C   . LEU A 1 164 ? -7.346  1.924   -0.543  1.00 18.35 ? 160  LEU A C   1 
ATOM   1124 O  O   . LEU A 1 164 ? -7.958  1.016   -1.070  1.00 17.50 ? 160  LEU A O   1 
ATOM   1125 C  CB  . LEU A 1 164 ? -6.208  3.019   -2.500  1.00 18.22 ? 160  LEU A CB  1 
ATOM   1126 C  CG  . LEU A 1 164 ? -7.209  4.191   -2.672  1.00 16.59 ? 160  LEU A CG  1 
ATOM   1127 C  CD1 . LEU A 1 164 ? -6.607  5.396   -1.973  1.00 18.36 ? 160  LEU A CD1 1 
ATOM   1128 C  CD2 . LEU A 1 164 ? -7.380  4.512   -4.191  1.00 17.76 ? 160  LEU A CD2 1 
ATOM   1129 N  N   . ARG A 1 165 ? -7.794  2.509   0.538   1.00 19.90 ? 161  ARG A N   1 
ATOM   1130 C  CA  . ARG A 1 165 ? -9.062  2.095   1.096   1.00 21.00 ? 161  ARG A CA  1 
ATOM   1131 C  C   . ARG A 1 165 ? -10.137 2.867   0.383   1.00 22.17 ? 161  ARG A C   1 
ATOM   1132 O  O   . ARG A 1 165 ? -10.068 4.110   0.394   1.00 21.12 ? 161  ARG A O   1 
ATOM   1133 C  CB  . ARG A 1 165 ? -9.141  2.365   2.580   1.00 20.41 ? 161  ARG A CB  1 
ATOM   1134 C  CG  . ARG A 1 165 ? -10.466 1.838   3.085   1.00 22.79 ? 161  ARG A CG  1 
ATOM   1135 C  CD  . ARG A 1 165 ? -10.593 1.878   4.568   1.00 26.38 ? 161  ARG A CD  1 
ATOM   1136 N  NE  . ARG A 1 165 ? -12.023 1.783   4.882   1.00 26.84 ? 161  ARG A NE  1 
ATOM   1137 C  CZ  . ARG A 1 165 ? -12.578 2.171   6.034   1.00 30.21 ? 161  ARG A CZ  1 
ATOM   1138 N  NH1 . ARG A 1 165 ? -11.847 2.661   7.016   1.00 31.26 ? 161  ARG A NH1 1 
ATOM   1139 N  NH2 . ARG A 1 165 ? -13.878 2.040   6.214   1.00 29.40 ? 161  ARG A NH2 1 
ATOM   1140 N  N   . THR A 1 166 ? -11.087 2.161   -0.261  1.00 22.66 ? 162  THR A N   1 
ATOM   1141 C  CA  . THR A 1 166 ? -12.112 2.854   -1.047  1.00 23.91 ? 162  THR A CA  1 
ATOM   1142 C  C   . THR A 1 166 ? -13.499 2.972   -0.328  1.00 25.72 ? 162  THR A C   1 
ATOM   1143 O  O   . THR A 1 166 ? -14.315 3.828   -0.677  1.00 23.49 ? 162  THR A O   1 
ATOM   1144 C  CB  . THR A 1 166 ? -12.238 2.312   -2.477  1.00 25.46 ? 162  THR A CB  1 
ATOM   1145 O  OG1 . THR A 1 166 ? -12.516 0.901   -2.451  1.00 25.47 ? 162  THR A OG1 1 
ATOM   1146 C  CG2 . THR A 1 166 ? -10.929 2.563   -3.254  1.00 25.32 ? 162  THR A CG2 1 
ATOM   1147 N  N   . GLU A 1 167 ? -13.755 2.117   0.660   1.00 25.32 ? 163  GLU A N   1 
ATOM   1148 C  CA  . GLU A 1 167 ? -15.033 2.142   1.399   1.00 26.91 ? 163  GLU A CA  1 
ATOM   1149 C  C   . GLU A 1 167 ? -14.758 1.557   2.759   1.00 26.96 ? 163  GLU A C   1 
ATOM   1150 O  O   . GLU A 1 167 ? -13.830 0.749   2.933   1.00 26.90 ? 163  GLU A O   1 
ATOM   1151 C  CB  . GLU A 1 167 ? -16.139 1.268   0.721   1.00 27.17 ? 163  GLU A CB  1 
ATOM   1152 C  CG  . GLU A 1 167 ? -16.485 1.672   -0.740  1.00 28.43 ? 163  GLU A CG  1 
ATOM   1153 C  CD  . GLU A 1 167 ? -17.540 0.766   -1.385  1.00 34.04 ? 163  GLU A CD  1 
ATOM   1154 O  OE1 . GLU A 1 167 ? -18.147 -0.079  -0.681  1.00 36.06 ? 163  GLU A OE1 1 
ATOM   1155 O  OE2 . GLU A 1 167 ? -17.734 0.894   -2.610  1.00 35.88 ? 163  GLU A OE2 1 
ATOM   1156 O  OXT . GLU A 1 167 ? -15.497 1.789   3.701   1.00 27.38 ? 163  GLU A OXT 1 
HETATM 1157 C  C36 . 12P B 2 .   ? 8.686   12.741  5.915   1.00 25.33 ? 1164 12P A C36 1 
HETATM 1158 C  C35 . 12P B 2 .   ? 7.545   13.772  5.993   1.00 25.65 ? 1164 12P A C35 1 
HETATM 1159 O  O34 . 12P B 2 .   ? 7.011   14.091  4.683   1.00 30.17 ? 1164 12P A O34 1 
HETATM 1160 C  C33 . 12P B 2 .   ? 5.567   14.150  4.575   1.00 26.20 ? 1164 12P A C33 1 
HETATM 1161 C  C32 . 12P B 2 .   ? 5.037   14.005  3.124   1.00 27.73 ? 1164 12P A C32 1 
HETATM 1162 O  O31 . 12P B 2 .   ? 5.900   13.229  2.255   1.00 29.73 ? 1164 12P A O31 1 
HETATM 1163 C  C30 . 12P B 2 .   ? 5.366   12.879  0.955   1.00 25.06 ? 1164 12P A C30 1 
HETATM 1164 C  C29 . 12P B 2 .   ? 6.103   11.671  0.336   1.00 25.41 ? 1164 12P A C29 1 
HETATM 1165 O  O28 . 12P B 2 .   ? 5.623   10.336  0.636   1.00 26.05 ? 1164 12P A O28 1 
HETATM 1166 C  C5  . 4GE C 3 .   ? -2.356  -10.785 -1.390  1.00 38.86 ? 1165 4GE A C5  1 
HETATM 1167 C  C6  . 4GE C 3 .   ? -2.958  -9.975  -0.423  1.00 39.69 ? 1165 4GE A C6  1 
HETATM 1168 CL CL1 . 4GE C 3 .   ? -2.325  -9.918  1.210   1.00 41.02 ? 1165 4GE A CL1 1 
HETATM 1169 C  C1  . 4GE C 3 .   ? -4.106  -9.252  -0.760  1.00 36.63 ? 1165 4GE A C1  1 
HETATM 1170 C  C2  . 4GE C 3 .   ? -4.642  -9.336  -2.058  1.00 39.33 ? 1165 4GE A C2  1 
HETATM 1171 C  C3  . 4GE C 3 .   ? -4.010  -10.150 -3.003  1.00 39.03 ? 1165 4GE A C3  1 
HETATM 1172 C  C4  . 4GE C 3 .   ? -2.856  -10.849 -2.687  1.00 38.42 ? 1165 4GE A C4  1 
HETATM 1173 C  C7  . 4GE C 3 .   ? -2.226  -11.668 -3.611  1.00 43.19 ? 1165 4GE A C7  1 
HETATM 1174 N  N8  . 4GE C 3 .   ? -1.323  -12.586 -3.230  1.00 45.37 ? 1165 4GE A N8  1 
HETATM 1175 N  N11 . 4GE C 3 .   ? -2.368  -11.719 -4.975  1.00 42.82 ? 1165 4GE A N11 1 
HETATM 1176 C  C10 . 4GE C 3 .   ? -1.562  -12.700 -5.433  1.00 43.72 ? 1165 4GE A C10 1 
HETATM 1177 C  C13 . 4GE C 3 .   ? -1.445  -13.110 -6.944  1.00 44.54 ? 1165 4GE A C13 1 
HETATM 1178 O  O15 . 4GE C 3 .   ? -2.203  -12.586 -7.784  1.00 38.82 ? 1165 4GE A O15 1 
HETATM 1179 O  O14 . 4GE C 3 .   ? -0.590  -13.946 -7.311  1.00 41.48 ? 1165 4GE A O14 1 
HETATM 1180 C  C9  . 4GE C 3 .   ? -0.890  -13.244 -4.322  1.00 43.89 ? 1165 4GE A C9  1 
HETATM 1181 C  C16 . 4GE C 3 .   ? 0.176   -14.382 -4.147  1.00 45.02 ? 1165 4GE A C16 1 
HETATM 1182 O  O18 . 4GE C 3 .   ? 1.355   -14.173 -4.421  1.00 42.81 ? 1165 4GE A O18 1 
HETATM 1183 N  N17 . 4GE C 3 .   ? -0.227  -15.527 -3.545  1.00 45.80 ? 1165 4GE A N17 1 
HETATM 1184 C  C21 . 4GE C 3 .   ? -1.683  -15.697 -3.207  1.00 41.56 ? 1165 4GE A C21 1 
HETATM 1185 C  C19 . 4GE C 3 .   ? 0.789   -16.579 -3.231  1.00 48.73 ? 1165 4GE A C19 1 
HETATM 1186 C  C20 . 4GE C 3 .   ? 0.793   -16.764 -1.680  1.00 52.13 ? 1165 4GE A C20 1 
HETATM 1187 C  C22 . 4GE C 3 .   ? 1.092   -15.686 -0.828  1.00 52.31 ? 1165 4GE A C22 1 
HETATM 1188 C  C23 . 4GE C 3 .   ? 1.089   -15.845 0.566   1.00 53.95 ? 1165 4GE A C23 1 
HETATM 1189 C  C24 . 4GE C 3 .   ? 0.764   -17.074 1.145   1.00 55.11 ? 1165 4GE A C24 1 
HETATM 1190 C  C25 . 4GE C 3 .   ? 0.450   -18.160 0.302   1.00 56.02 ? 1165 4GE A C25 1 
HETATM 1191 C  C26 . 4GE C 3 .   ? 0.466   -18.002 -1.101  1.00 54.22 ? 1165 4GE A C26 1 
HETATM 1192 O  O   . HOH D 4 .   ? -6.816  -11.967 -3.151  1.00 38.89 ? 2001 HOH A O   1 
HETATM 1193 O  O   . HOH D 4 .   ? -6.203  4.746   12.079  1.00 37.37 ? 2002 HOH A O   1 
HETATM 1194 O  O   . HOH D 4 .   ? 12.679  12.289  7.772   1.00 41.20 ? 2003 HOH A O   1 
HETATM 1195 O  O   . HOH D 4 .   ? -1.780  20.360  14.817  1.00 39.49 ? 2004 HOH A O   1 
HETATM 1196 O  O   . HOH D 4 .   ? 2.251   20.676  11.854  1.00 40.54 ? 2005 HOH A O   1 
HETATM 1197 O  O   . HOH D 4 .   ? 9.415   10.483  5.912   1.00 40.50 ? 2006 HOH A O   1 
HETATM 1198 O  O   . HOH D 4 .   ? 7.669   20.041  2.435   1.00 32.25 ? 2007 HOH A O   1 
HETATM 1199 O  O   . HOH D 4 .   ? 3.547   21.031  7.765   1.00 31.18 ? 2008 HOH A O   1 
HETATM 1200 O  O   . HOH D 4 .   ? 9.551   20.107  4.382   1.00 40.52 ? 2009 HOH A O   1 
HETATM 1201 O  O   . HOH D 4 .   ? 8.785   7.436   9.606   1.00 37.97 ? 2010 HOH A O   1 
HETATM 1202 O  O   . HOH D 4 .   ? 0.965   19.728  13.595  1.00 32.23 ? 2011 HOH A O   1 
HETATM 1203 O  O   . HOH D 4 .   ? 5.644   0.009   10.179  1.00 18.81 ? 2012 HOH A O   1 
HETATM 1204 O  O   . HOH D 4 .   ? -2.564  5.492   7.640   1.00 22.65 ? 2013 HOH A O   1 
HETATM 1205 O  O   . HOH D 4 .   ? 6.025   6.268   4.649   1.00 26.90 ? 2014 HOH A O   1 
HETATM 1206 O  O   . HOH D 4 .   ? 6.976   10.846  3.780   1.00 29.78 ? 2015 HOH A O   1 
HETATM 1207 O  O   . HOH D 4 .   ? -3.452  9.570   5.239   1.00 30.36 ? 2016 HOH A O   1 
HETATM 1208 O  O   . HOH D 4 .   ? 1.842   15.582  3.203   1.00 28.64 ? 2017 HOH A O   1 
HETATM 1209 O  O   . HOH D 4 .   ? 3.417   19.308  9.881   1.00 27.02 ? 2018 HOH A O   1 
HETATM 1210 O  O   . HOH D 4 .   ? -0.192  16.242  4.600   1.00 30.65 ? 2019 HOH A O   1 
HETATM 1211 O  O   . HOH D 4 .   ? -10.811 9.452   13.729  1.00 59.59 ? 2020 HOH A O   1 
HETATM 1212 O  O   . HOH D 4 .   ? -13.717 -5.379  11.946  1.00 51.92 ? 2021 HOH A O   1 
HETATM 1213 O  O   . HOH D 4 .   ? -16.816 -0.368  4.717   1.00 37.68 ? 2022 HOH A O   1 
HETATM 1214 O  O   . HOH D 4 .   ? -3.909  -7.827  -16.656 1.00 29.63 ? 2023 HOH A O   1 
HETATM 1215 O  O   . HOH D 4 .   ? 7.783   -8.639  0.975   1.00 23.66 ? 2024 HOH A O   1 
HETATM 1216 O  O   . HOH D 4 .   ? -3.864  -2.998  13.910  1.00 34.96 ? 2025 HOH A O   1 
HETATM 1217 O  O   . HOH D 4 .   ? 12.155  -14.276 2.755   1.00 46.62 ? 2026 HOH A O   1 
HETATM 1218 O  O   . HOH D 4 .   ? -3.841  8.267   -3.104  1.00 29.74 ? 2027 HOH A O   1 
HETATM 1219 O  O   . HOH D 4 .   ? 1.083   -16.112 -12.599 1.00 48.11 ? 2028 HOH A O   1 
HETATM 1220 O  O   . HOH D 4 .   ? 9.116   -18.018 -10.673 1.00 45.75 ? 2029 HOH A O   1 
HETATM 1221 O  O   . HOH D 4 .   ? -1.027  -12.429 -11.787 1.00 33.83 ? 2030 HOH A O   1 
HETATM 1222 O  O   . HOH D 4 .   ? 7.359   -7.194  -15.164 1.00 32.20 ? 2031 HOH A O   1 
HETATM 1223 O  O   . HOH D 4 .   ? 5.863   -7.691  -17.680 1.00 44.74 ? 2032 HOH A O   1 
HETATM 1224 O  O   . HOH D 4 .   ? 11.433  -9.280  -11.769 1.00 27.76 ? 2033 HOH A O   1 
HETATM 1225 O  O   . HOH D 4 .   ? 7.924   -16.424 -19.609 1.00 38.05 ? 2034 HOH A O   1 
HETATM 1226 O  O   . HOH D 4 .   ? 4.534   -21.929 -18.677 1.00 38.37 ? 2035 HOH A O   1 
HETATM 1227 O  O   . HOH D 4 .   ? 5.552   -21.034 -15.378 1.00 35.61 ? 2036 HOH A O   1 
HETATM 1228 O  O   . HOH D 4 .   ? 7.001   -20.360 -20.761 1.00 33.65 ? 2037 HOH A O   1 
HETATM 1229 O  O   . HOH D 4 .   ? 6.983   -14.023 -18.716 1.00 46.45 ? 2038 HOH A O   1 
HETATM 1230 O  O   . HOH D 4 .   ? 12.165  -12.943 -15.704 1.00 52.90 ? 2039 HOH A O   1 
HETATM 1231 O  O   . HOH D 4 .   ? 10.057  -14.742 -16.680 1.00 38.80 ? 2040 HOH A O   1 
HETATM 1232 O  O   . HOH D 4 .   ? 11.793  -4.750  -11.765 1.00 38.74 ? 2041 HOH A O   1 
HETATM 1233 O  O   . HOH D 4 .   ? 8.574   -3.275  -13.056 1.00 33.78 ? 2042 HOH A O   1 
HETATM 1234 O  O   . HOH D 4 .   ? 18.959  -5.190  -4.618  1.00 40.40 ? 2043 HOH A O   1 
HETATM 1235 O  O   . HOH D 4 .   ? 14.850  -10.540 -2.706  1.00 34.37 ? 2044 HOH A O   1 
HETATM 1236 O  O   . HOH D 4 .   ? 11.384  -11.689 2.492   1.00 40.81 ? 2045 HOH A O   1 
HETATM 1237 O  O   . HOH D 4 .   ? 11.010  -7.841  4.660   1.00 31.85 ? 2046 HOH A O   1 
HETATM 1238 O  O   . HOH D 4 .   ? 13.945  -3.813  1.344   1.00 27.08 ? 2047 HOH A O   1 
HETATM 1239 O  O   . HOH D 4 .   ? 16.579  -6.899  -1.284  1.00 26.08 ? 2048 HOH A O   1 
HETATM 1240 O  O   . HOH D 4 .   ? 22.163  -2.467  2.417   1.00 49.90 ? 2049 HOH A O   1 
HETATM 1241 O  O   . HOH D 4 .   ? 13.648  -1.043  -8.607  1.00 28.03 ? 2050 HOH A O   1 
HETATM 1242 O  O   . HOH D 4 .   ? 8.465   3.119   -9.638  1.00 22.66 ? 2051 HOH A O   1 
HETATM 1243 O  O   . HOH D 4 .   ? 7.453   7.339   -1.842  1.00 22.94 ? 2052 HOH A O   1 
HETATM 1244 O  O   . HOH D 4 .   ? 7.193   5.572   0.025   1.00 30.63 ? 2053 HOH A O   1 
HETATM 1245 O  O   . HOH D 4 .   ? 7.504   0.593   -13.576 1.00 30.01 ? 2054 HOH A O   1 
HETATM 1246 O  O   . HOH D 4 .   ? 6.899   -2.943  -11.162 1.00 23.14 ? 2055 HOH A O   1 
HETATM 1247 O  O   . HOH D 4 .   ? 5.447   4.494   -13.800 1.00 47.73 ? 2056 HOH A O   1 
HETATM 1248 O  O   . HOH D 4 .   ? -3.101  10.640  -7.439  1.00 22.22 ? 2057 HOH A O   1 
HETATM 1249 O  O   . HOH D 4 .   ? 1.621   13.060  1.899   1.00 24.01 ? 2058 HOH A O   1 
HETATM 1250 O  O   . HOH D 4 .   ? -0.258  13.988  -2.399  1.00 26.12 ? 2059 HOH A O   1 
HETATM 1251 O  O   . HOH D 4 .   ? 1.712   7.807   2.438   1.00 22.91 ? 2060 HOH A O   1 
HETATM 1252 O  O   . HOH D 4 .   ? -3.577  11.952  -10.120 1.00 33.29 ? 2061 HOH A O   1 
HETATM 1253 O  O   . HOH D 4 .   ? 5.818   12.590  -9.978  1.00 39.79 ? 2062 HOH A O   1 
HETATM 1254 O  O   . HOH D 4 .   ? -1.244  7.785   -14.973 1.00 40.57 ? 2063 HOH A O   1 
HETATM 1255 O  O   . HOH D 4 .   ? -7.038  5.550   -14.622 1.00 53.76 ? 2064 HOH A O   1 
HETATM 1256 O  O   . HOH D 4 .   ? -10.562 2.993   -7.991  1.00 39.59 ? 2065 HOH A O   1 
HETATM 1257 O  O   . HOH D 4 .   ? -3.887  -5.040  -16.255 1.00 21.64 ? 2066 HOH A O   1 
HETATM 1258 O  O   . HOH D 4 .   ? -7.884  -2.143  -15.067 1.00 29.84 ? 2067 HOH A O   1 
HETATM 1259 O  O   . HOH D 4 .   ? 2.262   -0.105  -19.079 1.00 38.95 ? 2068 HOH A O   1 
HETATM 1260 O  O   . HOH D 4 .   ? 5.409   -5.069  -10.894 1.00 25.92 ? 2069 HOH A O   1 
HETATM 1261 O  O   . HOH D 4 .   ? -3.546  -5.048  -8.117  1.00 19.42 ? 2070 HOH A O   1 
HETATM 1262 O  O   . HOH D 4 .   ? 6.484   -7.960  -12.684 1.00 24.58 ? 2071 HOH A O   1 
HETATM 1263 O  O   . HOH D 4 .   ? 0.001   -12.777 -9.701  1.00 40.79 ? 2072 HOH A O   1 
HETATM 1264 O  O   . HOH D 4 .   ? -9.495  -12.185 -20.625 1.00 38.94 ? 2073 HOH A O   1 
HETATM 1265 O  O   . HOH D 4 .   ? -10.357 -1.001  -15.824 1.00 24.43 ? 2074 HOH A O   1 
HETATM 1266 O  O   . HOH D 4 .   ? -11.972 2.117   -10.363 1.00 38.09 ? 2075 HOH A O   1 
HETATM 1267 O  O   . HOH D 4 .   ? -9.170  0.435   -7.832  1.00 23.17 ? 2076 HOH A O   1 
HETATM 1268 O  O   . HOH D 4 .   ? -13.899 -8.887  -2.010  1.00 37.74 ? 2077 HOH A O   1 
HETATM 1269 O  O   . HOH D 4 .   ? -13.881 -7.605  10.239  1.00 37.56 ? 2078 HOH A O   1 
HETATM 1270 O  O   . HOH D 4 .   ? -11.056 -12.566 0.942   1.00 45.03 ? 2079 HOH A O   1 
HETATM 1271 O  O   . HOH D 4 .   ? -8.749  -9.900  6.287   1.00 28.02 ? 2080 HOH A O   1 
HETATM 1272 O  O   . HOH D 4 .   ? -6.369  -12.434 8.614   1.00 39.43 ? 2081 HOH A O   1 
HETATM 1273 O  O   . HOH D 4 .   ? -4.133  -12.511 1.531   1.00 49.32 ? 2082 HOH A O   1 
HETATM 1274 O  O   . HOH D 4 .   ? 1.829   -11.744 5.374   1.00 27.20 ? 2083 HOH A O   1 
HETATM 1275 O  O   . HOH D 4 .   ? 0.377   -3.830  8.729   1.00 22.27 ? 2084 HOH A O   1 
HETATM 1276 O  O   . HOH D 4 .   ? -5.659  -2.337  11.722  1.00 24.67 ? 2085 HOH A O   1 
HETATM 1277 O  O   . HOH D 4 .   ? 0.614   -5.045  11.172  1.00 31.68 ? 2086 HOH A O   1 
HETATM 1278 O  O   . HOH D 4 .   ? -11.866 9.684   9.141   1.00 53.13 ? 2087 HOH A O   1 
HETATM 1279 O  O   . HOH D 4 .   ? -12.853 9.282   5.391   1.00 46.27 ? 2088 HOH A O   1 
HETATM 1280 O  O   . HOH D 4 .   ? -13.204 6.605   7.556   1.00 41.24 ? 2089 HOH A O   1 
HETATM 1281 O  O   . HOH D 4 .   ? -5.313  8.676   -0.854  1.00 28.12 ? 2090 HOH A O   1 
HETATM 1282 O  O   . HOH D 4 .   ? -5.075  5.957   8.859   1.00 21.23 ? 2091 HOH A O   1 
HETATM 1283 O  O   . HOH D 4 .   ? -2.910  6.936   5.136   1.00 31.51 ? 2092 HOH A O   1 
HETATM 1284 O  O   . HOH D 4 .   ? -0.465  8.442   2.729   1.00 31.16 ? 2093 HOH A O   1 
HETATM 1285 O  O   . HOH D 4 .   ? 4.714   -3.837  6.216   1.00 19.67 ? 2094 HOH A O   1 
HETATM 1286 O  O   . HOH D 4 .   ? 5.749   -11.377 5.348   1.00 38.38 ? 2095 HOH A O   1 
HETATM 1287 O  O   . HOH D 4 .   ? -12.755 4.252   9.545   1.00 49.33 ? 2096 HOH A O   1 
HETATM 1288 O  O   . HOH D 4 .   ? -10.863 5.930   -2.378  1.00 36.69 ? 2097 HOH A O   1 
HETATM 1289 O  O   . HOH D 4 .   ? -13.290 1.048   -5.619  1.00 31.40 ? 2098 HOH A O   1 
HETATM 1290 O  O   . HOH D 4 .   ? -11.590 -0.748  -4.145  1.00 23.54 ? 2099 HOH A O   1 
HETATM 1291 O  O   . HOH D 4 .   ? -17.523 -2.008  2.302   1.00 46.87 ? 2100 HOH A O   1 
HETATM 1292 O  O   . HOH D 4 .   ? 4.567   8.106   1.463   1.00 29.97 ? 2101 HOH A O   1 
HETATM 1293 O  O   . HOH D 4 .   ? 8.920   14.273  2.555   1.00 34.74 ? 2102 HOH A O   1 
HETATM 1294 O  O   . HOH D 4 .   ? 3.791   -13.955 -3.933  1.00 20.50 ? 2103 HOH A O   1 
HETATM 1295 O  O   . HOH D 4 .   ? -5.289  -13.152 -6.147  1.00 39.09 ? 2104 HOH A O   1 
# 
loop_
_pdbx_poly_seq_scheme.asym_id 
_pdbx_poly_seq_scheme.entity_id 
_pdbx_poly_seq_scheme.seq_id 
_pdbx_poly_seq_scheme.mon_id 
_pdbx_poly_seq_scheme.ndb_seq_num 
_pdbx_poly_seq_scheme.pdb_seq_num 
_pdbx_poly_seq_scheme.auth_seq_num 
_pdbx_poly_seq_scheme.pdb_mon_id 
_pdbx_poly_seq_scheme.auth_mon_id 
_pdbx_poly_seq_scheme.pdb_strand_id 
_pdbx_poly_seq_scheme.pdb_ins_code 
_pdbx_poly_seq_scheme.hetero 
A 1 1   GLY 1   -3  ?   ?   ?   A . n 
A 1 2   SER 2   -2  ?   ?   ?   A . n 
A 1 3   HIS 3   -1  ?   ?   ?   A . n 
A 1 4   GLY 4   0   ?   ?   ?   A . n 
A 1 5   MET 5   1   ?   ?   ?   A . n 
A 1 6   ALA 6   2   ?   ?   ?   A . n 
A 1 7   ASP 7   3   ?   ?   ?   A . n 
A 1 8   GLU 8   4   ?   ?   ?   A . n 
A 1 9   GLU 9   5   ?   ?   ?   A . n 
A 1 10  LYS 10  6   ?   ?   ?   A . n 
A 1 11  LEU 11  7   7   LEU LEU A . n 
A 1 12  PRO 12  8   8   PRO PRO A . n 
A 1 13  PRO 13  9   9   PRO PRO A . n 
A 1 14  GLY 14  10  10  GLY GLY A . n 
A 1 15  TRP 15  11  11  TRP TRP A . n 
A 1 16  GLU 16  12  12  GLU GLU A . n 
A 1 17  LYS 17  13  13  LYS LYS A . n 
A 1 18  ALA 18  14  14  ALA ALA A . n 
A 1 19  MET 19  15  15  MET MET A . n 
A 1 20  SER 20  16  16  SER SER A . n 
A 1 21  ARG 21  17  17  ARG ARG A . n 
A 1 22  SER 22  18  18  SER SER A . n 
A 1 23  SER 23  19  19  SER SER A . n 
A 1 24  GLY 24  20  20  GLY GLY A . n 
A 1 25  ARG 25  21  21  ARG ARG A . n 
A 1 26  VAL 26  22  22  VAL VAL A . n 
A 1 27  TYR 27  23  23  TYR TYR A . n 
A 1 28  TYR 28  24  24  TYR TYR A . n 
A 1 29  PHE 29  25  25  PHE PHE A . n 
A 1 30  ASN 30  26  26  ASN ASN A . n 
A 1 31  HIS 31  27  27  HIS HIS A . n 
A 1 32  ILE 32  28  28  ILE ILE A . n 
A 1 33  THR 33  29  29  THR THR A . n 
A 1 34  ASN 34  30  30  ASN ASN A . n 
A 1 35  ALA 35  31  31  ALA ALA A . n 
A 1 36  SER 36  32  32  SER SER A . n 
A 1 37  GLN 37  33  33  GLN GLN A . n 
A 1 38  TRP 38  34  34  TRP TRP A . n 
A 1 39  GLU 39  35  35  GLU GLU A . n 
A 1 40  ARG 40  36  36  ARG ARG A . n 
A 1 41  PRO 41  37  37  PRO PRO A . n 
A 1 42  SER 42  38  38  SER SER A . n 
A 1 43  GLY 43  39  39  GLY GLY A . n 
A 1 44  ASN 44  40  ?   ?   ?   A . n 
A 1 45  SER 45  41  ?   ?   ?   A . n 
A 1 46  SER 46  42  ?   ?   ?   A . n 
A 1 47  SER 47  43  ?   ?   ?   A . n 
A 1 48  GLY 48  44  ?   ?   ?   A . n 
A 1 49  GLY 49  45  ?   ?   ?   A . n 
A 1 50  LYS 50  46  ?   ?   ?   A . n 
A 1 51  ASN 51  47  ?   ?   ?   A . n 
A 1 52  GLY 52  48  ?   ?   ?   A . n 
A 1 53  GLN 53  49  ?   ?   ?   A . n 
A 1 54  GLY 54  50  ?   ?   ?   A . n 
A 1 55  GLU 55  51  51  GLU GLU A . n 
A 1 56  PRO 56  52  52  PRO PRO A . n 
A 1 57  ALA 57  53  53  ALA ALA A . n 
A 1 58  ARG 58  54  54  ARG ARG A . n 
A 1 59  VAL 59  55  55  VAL VAL A . n 
A 1 60  ARG 60  56  56  ARG ARG A . n 
A 1 61  CYS 61  57  57  CYS CYS A . n 
A 1 62  SER 62  58  58  SER SER A . n 
A 1 63  HIS 63  59  59  HIS HIS A . n 
A 1 64  LEU 64  60  60  LEU LEU A . n 
A 1 65  LEU 65  61  61  LEU LEU A . n 
A 1 66  VAL 66  62  62  VAL VAL A . n 
A 1 67  LYS 67  63  63  LYS LYS A . n 
A 1 68  HIS 68  64  64  HIS HIS A . n 
A 1 69  SER 69  65  65  SER SER A . n 
A 1 70  GLN 70  66  66  GLN GLN A . n 
A 1 71  SER 71  67  67  SER SER A . n 
A 1 72  ARG 72  68  68  ARG ARG A . n 
A 1 73  ARG 73  69  69  ARG ARG A . n 
A 1 74  PRO 74  70  70  PRO PRO A . n 
A 1 75  SER 75  71  71  SER SER A . n 
A 1 76  SER 76  72  72  SER SER A . n 
A 1 77  TRP 77  73  73  TRP TRP A . n 
A 1 78  ARG 78  74  74  ARG ARG A . n 
A 1 79  GLN 79  75  75  GLN GLN A . n 
A 1 80  GLU 80  76  76  GLU GLU A . n 
A 1 81  LYS 81  77  77  LYS LYS A . n 
A 1 82  ILE 82  78  78  ILE ILE A . n 
A 1 83  THR 83  79  79  THR THR A . n 
A 1 84  ARG 84  80  80  ARG ARG A . n 
A 1 85  THR 85  81  81  THR THR A . n 
A 1 86  LYS 86  82  82  LYS LYS A . n 
A 1 87  GLU 87  83  83  GLU GLU A . n 
A 1 88  GLU 88  84  84  GLU GLU A . n 
A 1 89  ALA 89  85  85  ALA ALA A . n 
A 1 90  LEU 90  86  86  LEU LEU A . n 
A 1 91  GLU 91  87  87  GLU GLU A . n 
A 1 92  LEU 92  88  88  LEU LEU A . n 
A 1 93  ILE 93  89  89  ILE ILE A . n 
A 1 94  ASN 94  90  90  ASN ASN A . n 
A 1 95  GLY 95  91  91  GLY GLY A . n 
A 1 96  TYR 96  92  92  TYR TYR A . n 
A 1 97  ILE 97  93  93  ILE ILE A . n 
A 1 98  GLN 98  94  94  GLN GLN A . n 
A 1 99  LYS 99  95  95  LYS LYS A . n 
A 1 100 ILE 100 96  96  ILE ILE A . n 
A 1 101 LYS 101 97  97  LYS LYS A . n 
A 1 102 SER 102 98  98  SER SER A . n 
A 1 103 GLY 103 99  99  GLY GLY A . n 
A 1 104 GLU 104 100 100 GLU GLU A . n 
A 1 105 GLU 105 101 101 GLU GLU A . n 
A 1 106 ASP 106 102 102 ASP ASP A . n 
A 1 107 PHE 107 103 103 PHE PHE A . n 
A 1 108 GLU 108 104 104 GLU GLU A . n 
A 1 109 SER 109 105 105 SER SER A . n 
A 1 110 LEU 110 106 106 LEU LEU A . n 
A 1 111 ALA 111 107 107 ALA ALA A . n 
A 1 112 SER 112 108 108 SER SER A . n 
A 1 113 GLN 113 109 109 GLN GLN A . n 
A 1 114 PHE 114 110 110 PHE PHE A . n 
A 1 115 SER 115 111 111 SER SER A . n 
A 1 116 ASP 116 112 112 ASP ASP A . n 
A 1 117 CYS 117 113 113 CYS CYS A . n 
A 1 118 SER 118 114 114 SER SER A . n 
A 1 119 SER 119 115 115 SER SER A . n 
A 1 120 ALA 120 116 116 ALA ALA A . n 
A 1 121 LYS 121 117 117 LYS LYS A . n 
A 1 122 ALA 122 118 118 ALA ALA A . n 
A 1 123 ARG 123 119 119 ARG ARG A . n 
A 1 124 GLY 124 120 120 GLY GLY A . n 
A 1 125 ASP 125 121 121 ASP ASP A . n 
A 1 126 LEU 126 122 122 LEU LEU A . n 
A 1 127 GLY 127 123 123 GLY GLY A . n 
A 1 128 ALA 128 124 124 ALA ALA A . n 
A 1 129 PHE 129 125 125 PHE PHE A . n 
A 1 130 SER 130 126 126 SER SER A . n 
A 1 131 ARG 131 127 127 ARG ARG A . n 
A 1 132 GLY 132 128 128 GLY GLY A . n 
A 1 133 GLN 133 129 129 GLN GLN A . n 
A 1 134 MET 134 130 130 MET MET A . n 
A 1 135 GLN 135 131 131 GLN GLN A . n 
A 1 136 LYS 136 132 132 LYS LYS A . n 
A 1 137 PRO 137 133 133 PRO PRO A . n 
A 1 138 PHE 138 134 134 PHE PHE A . n 
A 1 139 GLU 139 135 135 GLU GLU A . n 
A 1 140 ASP 140 136 136 ASP ASP A . n 
A 1 141 ALA 141 137 137 ALA ALA A . n 
A 1 142 SER 142 138 138 SER SER A . n 
A 1 143 PHE 143 139 139 PHE PHE A . n 
A 1 144 ALA 144 140 140 ALA ALA A . n 
A 1 145 LEU 145 141 141 LEU LEU A . n 
A 1 146 ARG 146 142 142 ARG ARG A . n 
A 1 147 THR 147 143 143 THR THR A . n 
A 1 148 GLY 148 144 144 GLY GLY A . n 
A 1 149 GLU 149 145 145 GLU GLU A . n 
A 1 150 MET 150 146 146 MET MET A . n 
A 1 151 SER 151 147 147 SER SER A . n 
A 1 152 GLY 152 148 148 GLY GLY A . n 
A 1 153 PRO 153 149 149 PRO PRO A . n 
A 1 154 VAL 154 150 150 VAL VAL A . n 
A 1 155 PHE 155 151 151 PHE PHE A . n 
A 1 156 THR 156 152 152 THR THR A . n 
A 1 157 ASP 157 153 153 ASP ASP A . n 
A 1 158 SER 158 154 154 SER SER A . n 
A 1 159 GLY 159 155 155 GLY GLY A . n 
A 1 160 ILE 160 156 156 ILE ILE A . n 
A 1 161 HIS 161 157 157 HIS HIS A . n 
A 1 162 ILE 162 158 158 ILE ILE A . n 
A 1 163 ILE 163 159 159 ILE ILE A . n 
A 1 164 LEU 164 160 160 LEU LEU A . n 
A 1 165 ARG 165 161 161 ARG ARG A . n 
A 1 166 THR 166 162 162 THR THR A . n 
A 1 167 GLU 167 163 163 GLU GLU A . n 
# 
loop_
_pdbx_nonpoly_scheme.asym_id 
_pdbx_nonpoly_scheme.entity_id 
_pdbx_nonpoly_scheme.mon_id 
_pdbx_nonpoly_scheme.ndb_seq_num 
_pdbx_nonpoly_scheme.pdb_seq_num 
_pdbx_nonpoly_scheme.auth_seq_num 
_pdbx_nonpoly_scheme.pdb_mon_id 
_pdbx_nonpoly_scheme.auth_mon_id 
_pdbx_nonpoly_scheme.pdb_strand_id 
_pdbx_nonpoly_scheme.pdb_ins_code 
B 2 12P 1   1164 1164 12P 12P A . 
C 3 4GE 1   1165 1165 4GE 4GE A . 
D 4 HOH 1   2001 2001 HOH HOH A . 
D 4 HOH 2   2002 2002 HOH HOH A . 
D 4 HOH 3   2003 2003 HOH HOH A . 
D 4 HOH 4   2004 2004 HOH HOH A . 
D 4 HOH 5   2005 2005 HOH HOH A . 
D 4 HOH 6   2006 2006 HOH HOH A . 
D 4 HOH 7   2007 2007 HOH HOH A . 
D 4 HOH 8   2008 2008 HOH HOH A . 
D 4 HOH 9   2009 2009 HOH HOH A . 
D 4 HOH 10  2010 2010 HOH HOH A . 
D 4 HOH 11  2011 2011 HOH HOH A . 
D 4 HOH 12  2012 2012 HOH HOH A . 
D 4 HOH 13  2013 2013 HOH HOH A . 
D 4 HOH 14  2014 2014 HOH HOH A . 
D 4 HOH 15  2015 2015 HOH HOH A . 
D 4 HOH 16  2016 2016 HOH HOH A . 
D 4 HOH 17  2017 2017 HOH HOH A . 
D 4 HOH 18  2018 2018 HOH HOH A . 
D 4 HOH 19  2019 2019 HOH HOH A . 
D 4 HOH 20  2020 2020 HOH HOH A . 
D 4 HOH 21  2021 2021 HOH HOH A . 
D 4 HOH 22  2022 2022 HOH HOH A . 
D 4 HOH 23  2023 2023 HOH HOH A . 
D 4 HOH 24  2024 2024 HOH HOH A . 
D 4 HOH 25  2025 2025 HOH HOH A . 
D 4 HOH 26  2026 2026 HOH HOH A . 
D 4 HOH 27  2027 2027 HOH HOH A . 
D 4 HOH 28  2028 2028 HOH HOH A . 
D 4 HOH 29  2029 2029 HOH HOH A . 
D 4 HOH 30  2030 2030 HOH HOH A . 
D 4 HOH 31  2031 2031 HOH HOH A . 
D 4 HOH 32  2032 2032 HOH HOH A . 
D 4 HOH 33  2033 2033 HOH HOH A . 
D 4 HOH 34  2034 2034 HOH HOH A . 
D 4 HOH 35  2035 2035 HOH HOH A . 
D 4 HOH 36  2036 2036 HOH HOH A . 
D 4 HOH 37  2037 2037 HOH HOH A . 
D 4 HOH 38  2038 2038 HOH HOH A . 
D 4 HOH 39  2039 2039 HOH HOH A . 
D 4 HOH 40  2040 2040 HOH HOH A . 
D 4 HOH 41  2041 2041 HOH HOH A . 
D 4 HOH 42  2042 2042 HOH HOH A . 
D 4 HOH 43  2043 2043 HOH HOH A . 
D 4 HOH 44  2044 2044 HOH HOH A . 
D 4 HOH 45  2045 2045 HOH HOH A . 
D 4 HOH 46  2046 2046 HOH HOH A . 
D 4 HOH 47  2047 2047 HOH HOH A . 
D 4 HOH 48  2048 2048 HOH HOH A . 
D 4 HOH 49  2049 2049 HOH HOH A . 
D 4 HOH 50  2050 2050 HOH HOH A . 
D 4 HOH 51  2051 2051 HOH HOH A . 
D 4 HOH 52  2052 2052 HOH HOH A . 
D 4 HOH 53  2053 2053 HOH HOH A . 
D 4 HOH 54  2054 2054 HOH HOH A . 
D 4 HOH 55  2055 2055 HOH HOH A . 
D 4 HOH 56  2056 2056 HOH HOH A . 
D 4 HOH 57  2057 2057 HOH HOH A . 
D 4 HOH 58  2058 2058 HOH HOH A . 
D 4 HOH 59  2059 2059 HOH HOH A . 
D 4 HOH 60  2060 2060 HOH HOH A . 
D 4 HOH 61  2061 2061 HOH HOH A . 
D 4 HOH 62  2062 2062 HOH HOH A . 
D 4 HOH 63  2063 2063 HOH HOH A . 
D 4 HOH 64  2064 2064 HOH HOH A . 
D 4 HOH 65  2065 2065 HOH HOH A . 
D 4 HOH 66  2066 2066 HOH HOH A . 
D 4 HOH 67  2067 2067 HOH HOH A . 
D 4 HOH 68  2068 2068 HOH HOH A . 
D 4 HOH 69  2069 2069 HOH HOH A . 
D 4 HOH 70  2070 2070 HOH HOH A . 
D 4 HOH 71  2071 2071 HOH HOH A . 
D 4 HOH 72  2072 2072 HOH HOH A . 
D 4 HOH 73  2073 2073 HOH HOH A . 
D 4 HOH 74  2074 2074 HOH HOH A . 
D 4 HOH 75  2075 2075 HOH HOH A . 
D 4 HOH 76  2076 2076 HOH HOH A . 
D 4 HOH 77  2077 2077 HOH HOH A . 
D 4 HOH 78  2078 2078 HOH HOH A . 
D 4 HOH 79  2079 2079 HOH HOH A . 
D 4 HOH 80  2080 2080 HOH HOH A . 
D 4 HOH 81  2081 2081 HOH HOH A . 
D 4 HOH 82  2082 2082 HOH HOH A . 
D 4 HOH 83  2083 2083 HOH HOH A . 
D 4 HOH 84  2084 2084 HOH HOH A . 
D 4 HOH 85  2085 2085 HOH HOH A . 
D 4 HOH 86  2086 2086 HOH HOH A . 
D 4 HOH 87  2087 2087 HOH HOH A . 
D 4 HOH 88  2088 2088 HOH HOH A . 
D 4 HOH 89  2089 2089 HOH HOH A . 
D 4 HOH 90  2090 2090 HOH HOH A . 
D 4 HOH 91  2091 2091 HOH HOH A . 
D 4 HOH 92  2092 2092 HOH HOH A . 
D 4 HOH 93  2093 2093 HOH HOH A . 
D 4 HOH 94  2094 2094 HOH HOH A . 
D 4 HOH 95  2095 2095 HOH HOH A . 
D 4 HOH 96  2096 2096 HOH HOH A . 
D 4 HOH 97  2097 2097 HOH HOH A . 
D 4 HOH 98  2098 2098 HOH HOH A . 
D 4 HOH 99  2099 2099 HOH HOH A . 
D 4 HOH 100 2100 2100 HOH HOH A . 
D 4 HOH 101 2101 2101 HOH HOH A . 
D 4 HOH 102 2102 2102 HOH HOH A . 
D 4 HOH 103 2103 2103 HOH HOH A . 
D 4 HOH 104 2104 2104 HOH HOH A . 
# 
_pdbx_struct_assembly.id                   1 
_pdbx_struct_assembly.details              author_and_software_defined_assembly 
_pdbx_struct_assembly.method_details       PISA 
_pdbx_struct_assembly.oligomeric_details   monomeric 
_pdbx_struct_assembly.oligomeric_count     1 
# 
_pdbx_struct_assembly_gen.assembly_id       1 
_pdbx_struct_assembly_gen.oper_expression   1 
_pdbx_struct_assembly_gen.asym_id_list      A,B,C,D 
# 
_pdbx_struct_oper_list.id                   1 
_pdbx_struct_oper_list.type                 'identity operation' 
_pdbx_struct_oper_list.name                 1_555 
_pdbx_struct_oper_list.symmetry_operation   x,y,z 
_pdbx_struct_oper_list.matrix[1][1]         1.0000000000 
_pdbx_struct_oper_list.matrix[1][2]         0.0000000000 
_pdbx_struct_oper_list.matrix[1][3]         0.0000000000 
_pdbx_struct_oper_list.vector[1]            0.0000000000 
_pdbx_struct_oper_list.matrix[2][1]         0.0000000000 
_pdbx_struct_oper_list.matrix[2][2]         1.0000000000 
_pdbx_struct_oper_list.matrix[2][3]         0.0000000000 
_pdbx_struct_oper_list.vector[2]            0.0000000000 
_pdbx_struct_oper_list.matrix[3][1]         0.0000000000 
_pdbx_struct_oper_list.matrix[3][2]         0.0000000000 
_pdbx_struct_oper_list.matrix[3][3]         1.0000000000 
_pdbx_struct_oper_list.vector[3]            0.0000000000 
# 
loop_
_pdbx_audit_revision_history.ordinal 
_pdbx_audit_revision_history.data_content_type 
_pdbx_audit_revision_history.major_revision 
_pdbx_audit_revision_history.minor_revision 
_pdbx_audit_revision_history.revision_date 
1 'Structure model' 1 0 2011-01-12 
2 'Structure model' 1 1 2011-12-07 
3 'Structure model' 1 2 2019-01-30 
4 'Structure model' 1 3 2019-02-06 
5 'Structure model' 1 4 2023-12-20 
# 
_pdbx_audit_revision_details.ordinal             1 
_pdbx_audit_revision_details.revision_ordinal    1 
_pdbx_audit_revision_details.data_content_type   'Structure model' 
_pdbx_audit_revision_details.provider            repository 
_pdbx_audit_revision_details.type                'Initial release' 
_pdbx_audit_revision_details.description         ? 
_pdbx_audit_revision_details.details             ? 
# 
loop_
_pdbx_audit_revision_group.ordinal 
_pdbx_audit_revision_group.revision_ordinal 
_pdbx_audit_revision_group.data_content_type 
_pdbx_audit_revision_group.group 
1  2 'Structure model' 'Atomic model'              
2  2 'Structure model' 'Database references'       
3  2 'Structure model' 'Version format compliance' 
4  3 'Structure model' 'Data collection'           
5  3 'Structure model' 'Experimental preparation'  
6  3 'Structure model' Other                       
7  4 'Structure model' 'Data collection'           
8  4 'Structure model' 'Experimental preparation'  
9  5 'Structure model' 'Data collection'           
10 5 'Structure model' 'Database references'       
11 5 'Structure model' 'Derived calculations'      
12 5 'Structure model' Other                       
13 5 'Structure model' 'Refinement description'    
# 
loop_
_pdbx_audit_revision_category.ordinal 
_pdbx_audit_revision_category.revision_ordinal 
_pdbx_audit_revision_category.data_content_type 
_pdbx_audit_revision_category.category 
1  3 'Structure model' exptl_crystal_grow            
2  3 'Structure model' pdbx_database_proc            
3  3 'Structure model' pdbx_database_status          
4  4 'Structure model' exptl_crystal_grow            
5  5 'Structure model' chem_comp_atom                
6  5 'Structure model' chem_comp_bond                
7  5 'Structure model' database_2                    
8  5 'Structure model' pdbx_database_status          
9  5 'Structure model' pdbx_initial_refinement_model 
10 5 'Structure model' struct_site                   
# 
loop_
_pdbx_audit_revision_item.ordinal 
_pdbx_audit_revision_item.revision_ordinal 
_pdbx_audit_revision_item.data_content_type 
_pdbx_audit_revision_item.item 
1 3 'Structure model' '_exptl_crystal_grow.method'                  
2 3 'Structure model' '_pdbx_database_status.recvd_author_approval' 
3 4 'Structure model' '_exptl_crystal_grow.temp'                    
4 5 'Structure model' '_database_2.pdbx_DOI'                        
5 5 'Structure model' '_database_2.pdbx_database_accession'         
6 5 'Structure model' '_pdbx_database_status.status_code_sf'        
7 5 'Structure model' '_struct_site.pdbx_auth_asym_id'              
8 5 'Structure model' '_struct_site.pdbx_auth_comp_id'              
9 5 'Structure model' '_struct_site.pdbx_auth_seq_id'               
# 
loop_
_software.name 
_software.classification 
_software.version 
_software.citation_id 
_software.pdbx_ordinal 
_software.date 
_software.type 
_software.location 
_software.language 
REFMAC refinement       5.5.0109 ? 1 ? ? ? ? 
d*TREK 'data reduction' .        ? 2 ? ? ? ? 
d*TREK 'data scaling'   .        ? 3 ? ? ? ? 
AMoRE  phasing          .        ? 4 ? ? ? ? 
# 
_pdbx_entry_details.entry_id                 2XPB 
_pdbx_entry_details.compound_details         'ENGINEERED RESIDUE IN CHAIN A, ARG  14 TO ALA' 
_pdbx_entry_details.source_details           ? 
_pdbx_entry_details.nonpolymer_details       ? 
_pdbx_entry_details.sequence_details         ? 
_pdbx_entry_details.has_ligand_of_interest   ? 
# 
_pdbx_validate_close_contact.id               1 
_pdbx_validate_close_contact.PDB_model_num    1 
_pdbx_validate_close_contact.auth_atom_id_1   OE2 
_pdbx_validate_close_contact.auth_asym_id_1   A 
_pdbx_validate_close_contact.auth_comp_id_1   GLU 
_pdbx_validate_close_contact.auth_seq_id_1    101 
_pdbx_validate_close_contact.PDB_ins_code_1   ? 
_pdbx_validate_close_contact.label_alt_id_1   ? 
_pdbx_validate_close_contact.auth_atom_id_2   O 
_pdbx_validate_close_contact.auth_asym_id_2   A 
_pdbx_validate_close_contact.auth_comp_id_2   HOH 
_pdbx_validate_close_contact.auth_seq_id_2    2063 
_pdbx_validate_close_contact.PDB_ins_code_2   ? 
_pdbx_validate_close_contact.label_alt_id_2   ? 
_pdbx_validate_close_contact.dist             2.14 
# 
loop_
_pdbx_validate_rmsd_bond.id 
_pdbx_validate_rmsd_bond.PDB_model_num 
_pdbx_validate_rmsd_bond.auth_atom_id_1 
_pdbx_validate_rmsd_bond.auth_asym_id_1 
_pdbx_validate_rmsd_bond.auth_comp_id_1 
_pdbx_validate_rmsd_bond.auth_seq_id_1 
_pdbx_validate_rmsd_bond.PDB_ins_code_1 
_pdbx_validate_rmsd_bond.label_alt_id_1 
_pdbx_validate_rmsd_bond.auth_atom_id_2 
_pdbx_validate_rmsd_bond.auth_asym_id_2 
_pdbx_validate_rmsd_bond.auth_comp_id_2 
_pdbx_validate_rmsd_bond.auth_seq_id_2 
_pdbx_validate_rmsd_bond.PDB_ins_code_2 
_pdbx_validate_rmsd_bond.label_alt_id_2 
_pdbx_validate_rmsd_bond.bond_value 
_pdbx_validate_rmsd_bond.bond_target_value 
_pdbx_validate_rmsd_bond.bond_deviation 
_pdbx_validate_rmsd_bond.bond_standard_deviation 
_pdbx_validate_rmsd_bond.linker_flag 
1 1 CZ A PHE 25 ? ? CE2 A PHE 25 ? ? 1.493 1.369 0.124 0.019 N 
2 1 CD A GLU 35 ? ? OE2 A GLU 35 ? ? 1.358 1.252 0.106 0.011 N 
# 
loop_
_pdbx_validate_rmsd_angle.id 
_pdbx_validate_rmsd_angle.PDB_model_num 
_pdbx_validate_rmsd_angle.auth_atom_id_1 
_pdbx_validate_rmsd_angle.auth_asym_id_1 
_pdbx_validate_rmsd_angle.auth_comp_id_1 
_pdbx_validate_rmsd_angle.auth_seq_id_1 
_pdbx_validate_rmsd_angle.PDB_ins_code_1 
_pdbx_validate_rmsd_angle.label_alt_id_1 
_pdbx_validate_rmsd_angle.auth_atom_id_2 
_pdbx_validate_rmsd_angle.auth_asym_id_2 
_pdbx_validate_rmsd_angle.auth_comp_id_2 
_pdbx_validate_rmsd_angle.auth_seq_id_2 
_pdbx_validate_rmsd_angle.PDB_ins_code_2 
_pdbx_validate_rmsd_angle.label_alt_id_2 
_pdbx_validate_rmsd_angle.auth_atom_id_3 
_pdbx_validate_rmsd_angle.auth_asym_id_3 
_pdbx_validate_rmsd_angle.auth_comp_id_3 
_pdbx_validate_rmsd_angle.auth_seq_id_3 
_pdbx_validate_rmsd_angle.PDB_ins_code_3 
_pdbx_validate_rmsd_angle.label_alt_id_3 
_pdbx_validate_rmsd_angle.angle_value 
_pdbx_validate_rmsd_angle.angle_target_value 
_pdbx_validate_rmsd_angle.angle_deviation 
_pdbx_validate_rmsd_angle.angle_standard_deviation 
_pdbx_validate_rmsd_angle.linker_flag 
1 1 NE A ARG 17  ? ? CZ A ARG 17  ? ? NH2 A ARG 17  ? ? 117.29 120.30 -3.01 0.50 N 
2 1 NE A ARG 119 ? ? CZ A ARG 119 ? ? NH1 A ARG 119 ? ? 123.80 120.30 3.50  0.50 N 
# 
loop_
_pdbx_unobs_or_zero_occ_atoms.id 
_pdbx_unobs_or_zero_occ_atoms.PDB_model_num 
_pdbx_unobs_or_zero_occ_atoms.polymer_flag 
_pdbx_unobs_or_zero_occ_atoms.occupancy_flag 
_pdbx_unobs_or_zero_occ_atoms.auth_asym_id 
_pdbx_unobs_or_zero_occ_atoms.auth_comp_id 
_pdbx_unobs_or_zero_occ_atoms.auth_seq_id 
_pdbx_unobs_or_zero_occ_atoms.PDB_ins_code 
_pdbx_unobs_or_zero_occ_atoms.auth_atom_id 
_pdbx_unobs_or_zero_occ_atoms.label_alt_id 
_pdbx_unobs_or_zero_occ_atoms.label_asym_id 
_pdbx_unobs_or_zero_occ_atoms.label_comp_id 
_pdbx_unobs_or_zero_occ_atoms.label_seq_id 
_pdbx_unobs_or_zero_occ_atoms.label_atom_id 
1  1 Y 1 A GLU 12   ? CG  ? A GLU 16 CG  
2  1 Y 1 A GLU 12   ? CD  ? A GLU 16 CD  
3  1 Y 1 A GLU 12   ? OE1 ? A GLU 16 OE1 
4  1 Y 1 A GLU 12   ? OE2 ? A GLU 16 OE2 
5  1 N 1 A 12P 1164 ? O37 ? B 12P 1  O37 
6  1 N 1 A 12P 1164 ? C27 ? B 12P 1  C27 
7  1 N 1 A 12P 1164 ? C26 ? B 12P 1  C26 
8  1 N 1 A 12P 1164 ? O25 ? B 12P 1  O25 
9  1 N 1 A 12P 1164 ? C24 ? B 12P 1  C24 
10 1 N 1 A 12P 1164 ? C23 ? B 12P 1  C23 
11 1 N 1 A 12P 1164 ? O22 ? B 12P 1  O22 
12 1 N 1 A 12P 1164 ? C21 ? B 12P 1  C21 
13 1 N 1 A 12P 1164 ? C20 ? B 12P 1  C20 
14 1 N 1 A 12P 1164 ? O19 ? B 12P 1  O19 
15 1 N 1 A 12P 1164 ? C18 ? B 12P 1  C18 
16 1 N 1 A 12P 1164 ? C17 ? B 12P 1  C17 
17 1 N 1 A 12P 1164 ? O16 ? B 12P 1  O16 
18 1 N 1 A 12P 1164 ? C15 ? B 12P 1  C15 
19 1 N 1 A 12P 1164 ? C14 ? B 12P 1  C14 
20 1 N 1 A 12P 1164 ? O13 ? B 12P 1  O13 
21 1 N 1 A 12P 1164 ? C12 ? B 12P 1  C12 
22 1 N 1 A 12P 1164 ? C11 ? B 12P 1  C11 
23 1 N 1 A 12P 1164 ? O10 ? B 12P 1  O10 
24 1 N 1 A 12P 1164 ? C9  ? B 12P 1  C9  
25 1 N 1 A 12P 1164 ? C8  ? B 12P 1  C8  
26 1 N 1 A 12P 1164 ? O7  ? B 12P 1  O7  
27 1 N 1 A 12P 1164 ? C6  ? B 12P 1  C6  
28 1 N 1 A 12P 1164 ? C5  ? B 12P 1  C5  
29 1 N 1 A 12P 1164 ? O4  ? B 12P 1  O4  
30 1 N 1 A 12P 1164 ? C3  ? B 12P 1  C3  
31 1 N 1 A 12P 1164 ? C2  ? B 12P 1  C2  
32 1 N 1 A 12P 1164 ? O1  ? B 12P 1  O1  
# 
loop_
_pdbx_unobs_or_zero_occ_residues.id 
_pdbx_unobs_or_zero_occ_residues.PDB_model_num 
_pdbx_unobs_or_zero_occ_residues.polymer_flag 
_pdbx_unobs_or_zero_occ_residues.occupancy_flag 
_pdbx_unobs_or_zero_occ_residues.auth_asym_id 
_pdbx_unobs_or_zero_occ_residues.auth_comp_id 
_pdbx_unobs_or_zero_occ_residues.auth_seq_id 
_pdbx_unobs_or_zero_occ_residues.PDB_ins_code 
_pdbx_unobs_or_zero_occ_residues.label_asym_id 
_pdbx_unobs_or_zero_occ_residues.label_comp_id 
_pdbx_unobs_or_zero_occ_residues.label_seq_id 
1  1 Y 1 A GLY -3 ? A GLY 1  
2  1 Y 1 A SER -2 ? A SER 2  
3  1 Y 1 A HIS -1 ? A HIS 3  
4  1 Y 1 A GLY 0  ? A GLY 4  
5  1 Y 1 A MET 1  ? A MET 5  
6  1 Y 1 A ALA 2  ? A ALA 6  
7  1 Y 1 A ASP 3  ? A ASP 7  
8  1 Y 1 A GLU 4  ? A GLU 8  
9  1 Y 1 A GLU 5  ? A GLU 9  
10 1 Y 1 A LYS 6  ? A LYS 10 
11 1 Y 1 A ASN 40 ? A ASN 44 
12 1 Y 1 A SER 41 ? A SER 45 
13 1 Y 1 A SER 42 ? A SER 46 
14 1 Y 1 A SER 43 ? A SER 47 
15 1 Y 1 A GLY 44 ? A GLY 48 
16 1 Y 1 A GLY 45 ? A GLY 49 
17 1 Y 1 A LYS 46 ? A LYS 50 
18 1 Y 1 A ASN 47 ? A ASN 51 
19 1 Y 1 A GLY 48 ? A GLY 52 
20 1 Y 1 A GLN 49 ? A GLN 53 
21 1 Y 1 A GLY 50 ? A GLY 54 
# 
loop_
_chem_comp_atom.comp_id 
_chem_comp_atom.atom_id 
_chem_comp_atom.type_symbol 
_chem_comp_atom.pdbx_aromatic_flag 
_chem_comp_atom.pdbx_stereo_config 
_chem_comp_atom.pdbx_ordinal 
12P O37  O  N N 1   
12P C36  C  N N 2   
12P C35  C  N N 3   
12P O34  O  N N 4   
12P C33  C  N N 5   
12P C32  C  N N 6   
12P O31  O  N N 7   
12P C30  C  N N 8   
12P C29  C  N N 9   
12P O28  O  N N 10  
12P C27  C  N N 11  
12P C26  C  N N 12  
12P O25  O  N N 13  
12P C24  C  N N 14  
12P C23  C  N N 15  
12P O22  O  N N 16  
12P C21  C  N N 17  
12P C20  C  N N 18  
12P O19  O  N N 19  
12P C18  C  N N 20  
12P C17  C  N N 21  
12P O16  O  N N 22  
12P C15  C  N N 23  
12P C14  C  N N 24  
12P O13  O  N N 25  
12P C12  C  N N 26  
12P C11  C  N N 27  
12P O10  O  N N 28  
12P C9   C  N N 29  
12P C8   C  N N 30  
12P O7   O  N N 31  
12P C6   C  N N 32  
12P C5   C  N N 33  
12P O4   O  N N 34  
12P C3   C  N N 35  
12P C2   C  N N 36  
12P O1   O  N N 37  
12P H37  H  N N 38  
12P H361 H  N N 39  
12P H362 H  N N 40  
12P H351 H  N N 41  
12P H352 H  N N 42  
12P H331 H  N N 43  
12P H332 H  N N 44  
12P H321 H  N N 45  
12P H322 H  N N 46  
12P H301 H  N N 47  
12P H302 H  N N 48  
12P H291 H  N N 49  
12P H292 H  N N 50  
12P H271 H  N N 51  
12P H272 H  N N 52  
12P H261 H  N N 53  
12P H262 H  N N 54  
12P H241 H  N N 55  
12P H242 H  N N 56  
12P H231 H  N N 57  
12P H232 H  N N 58  
12P H211 H  N N 59  
12P H212 H  N N 60  
12P H201 H  N N 61  
12P H202 H  N N 62  
12P H181 H  N N 63  
12P H182 H  N N 64  
12P H171 H  N N 65  
12P H172 H  N N 66  
12P H151 H  N N 67  
12P H152 H  N N 68  
12P H141 H  N N 69  
12P H142 H  N N 70  
12P H121 H  N N 71  
12P H122 H  N N 72  
12P H111 H  N N 73  
12P H112 H  N N 74  
12P H91  H  N N 75  
12P H92  H  N N 76  
12P H81  H  N N 77  
12P H82  H  N N 78  
12P H61  H  N N 79  
12P H62  H  N N 80  
12P H51  H  N N 81  
12P H52  H  N N 82  
12P H31  H  N N 83  
12P H32  H  N N 84  
12P H21  H  N N 85  
12P H22  H  N N 86  
12P HO1  H  N N 87  
4GE C5   C  Y N 88  
4GE C6   C  Y N 89  
4GE CL1  CL N N 90  
4GE C1   C  Y N 91  
4GE C2   C  Y N 92  
4GE C3   C  Y N 93  
4GE C4   C  Y N 94  
4GE C7   C  Y N 95  
4GE N8   N  Y N 96  
4GE N11  N  Y N 97  
4GE C10  C  Y N 98  
4GE C13  C  N N 99  
4GE O15  O  N N 100 
4GE O14  O  N N 101 
4GE C9   C  Y N 102 
4GE C16  C  N N 103 
4GE O18  O  N N 104 
4GE N17  N  N N 105 
4GE C21  C  N N 106 
4GE C19  C  N N 107 
4GE C20  C  Y N 108 
4GE C22  C  Y N 109 
4GE C23  C  Y N 110 
4GE C24  C  Y N 111 
4GE C25  C  Y N 112 
4GE C26  C  Y N 113 
4GE H5   H  N N 114 
4GE H1   H  N N 115 
4GE H2   H  N N 116 
4GE H3   H  N N 117 
4GE H8   H  N N 118 
4GE H14  H  N N 119 
4GE H211 H  N N 120 
4GE H212 H  N N 121 
4GE H213 H  N N 122 
4GE H191 H  N N 123 
4GE H192 H  N N 124 
4GE H22  H  N N 125 
4GE H26  H  N N 126 
4GE H23  H  N N 127 
4GE H24  H  N N 128 
4GE H25  H  N N 129 
ALA N    N  N N 130 
ALA CA   C  N S 131 
ALA C    C  N N 132 
ALA O    O  N N 133 
ALA CB   C  N N 134 
ALA OXT  O  N N 135 
ALA H    H  N N 136 
ALA H2   H  N N 137 
ALA HA   H  N N 138 
ALA HB1  H  N N 139 
ALA HB2  H  N N 140 
ALA HB3  H  N N 141 
ALA HXT  H  N N 142 
ARG N    N  N N 143 
ARG CA   C  N S 144 
ARG C    C  N N 145 
ARG O    O  N N 146 
ARG CB   C  N N 147 
ARG CG   C  N N 148 
ARG CD   C  N N 149 
ARG NE   N  N N 150 
ARG CZ   C  N N 151 
ARG NH1  N  N N 152 
ARG NH2  N  N N 153 
ARG OXT  O  N N 154 
ARG H    H  N N 155 
ARG H2   H  N N 156 
ARG HA   H  N N 157 
ARG HB2  H  N N 158 
ARG HB3  H  N N 159 
ARG HG2  H  N N 160 
ARG HG3  H  N N 161 
ARG HD2  H  N N 162 
ARG HD3  H  N N 163 
ARG HE   H  N N 164 
ARG HH11 H  N N 165 
ARG HH12 H  N N 166 
ARG HH21 H  N N 167 
ARG HH22 H  N N 168 
ARG HXT  H  N N 169 
ASN N    N  N N 170 
ASN CA   C  N S 171 
ASN C    C  N N 172 
ASN O    O  N N 173 
ASN CB   C  N N 174 
ASN CG   C  N N 175 
ASN OD1  O  N N 176 
ASN ND2  N  N N 177 
ASN OXT  O  N N 178 
ASN H    H  N N 179 
ASN H2   H  N N 180 
ASN HA   H  N N 181 
ASN HB2  H  N N 182 
ASN HB3  H  N N 183 
ASN HD21 H  N N 184 
ASN HD22 H  N N 185 
ASN HXT  H  N N 186 
ASP N    N  N N 187 
ASP CA   C  N S 188 
ASP C    C  N N 189 
ASP O    O  N N 190 
ASP CB   C  N N 191 
ASP CG   C  N N 192 
ASP OD1  O  N N 193 
ASP OD2  O  N N 194 
ASP OXT  O  N N 195 
ASP H    H  N N 196 
ASP H2   H  N N 197 
ASP HA   H  N N 198 
ASP HB2  H  N N 199 
ASP HB3  H  N N 200 
ASP HD2  H  N N 201 
ASP HXT  H  N N 202 
CYS N    N  N N 203 
CYS CA   C  N R 204 
CYS C    C  N N 205 
CYS O    O  N N 206 
CYS CB   C  N N 207 
CYS SG   S  N N 208 
CYS OXT  O  N N 209 
CYS H    H  N N 210 
CYS H2   H  N N 211 
CYS HA   H  N N 212 
CYS HB2  H  N N 213 
CYS HB3  H  N N 214 
CYS HG   H  N N 215 
CYS HXT  H  N N 216 
GLN N    N  N N 217 
GLN CA   C  N S 218 
GLN C    C  N N 219 
GLN O    O  N N 220 
GLN CB   C  N N 221 
GLN CG   C  N N 222 
GLN CD   C  N N 223 
GLN OE1  O  N N 224 
GLN NE2  N  N N 225 
GLN OXT  O  N N 226 
GLN H    H  N N 227 
GLN H2   H  N N 228 
GLN HA   H  N N 229 
GLN HB2  H  N N 230 
GLN HB3  H  N N 231 
GLN HG2  H  N N 232 
GLN HG3  H  N N 233 
GLN HE21 H  N N 234 
GLN HE22 H  N N 235 
GLN HXT  H  N N 236 
GLU N    N  N N 237 
GLU CA   C  N S 238 
GLU C    C  N N 239 
GLU O    O  N N 240 
GLU CB   C  N N 241 
GLU CG   C  N N 242 
GLU CD   C  N N 243 
GLU OE1  O  N N 244 
GLU OE2  O  N N 245 
GLU OXT  O  N N 246 
GLU H    H  N N 247 
GLU H2   H  N N 248 
GLU HA   H  N N 249 
GLU HB2  H  N N 250 
GLU HB3  H  N N 251 
GLU HG2  H  N N 252 
GLU HG3  H  N N 253 
GLU HE2  H  N N 254 
GLU HXT  H  N N 255 
GLY N    N  N N 256 
GLY CA   C  N N 257 
GLY C    C  N N 258 
GLY O    O  N N 259 
GLY OXT  O  N N 260 
GLY H    H  N N 261 
GLY H2   H  N N 262 
GLY HA2  H  N N 263 
GLY HA3  H  N N 264 
GLY HXT  H  N N 265 
HIS N    N  N N 266 
HIS CA   C  N S 267 
HIS C    C  N N 268 
HIS O    O  N N 269 
HIS CB   C  N N 270 
HIS CG   C  Y N 271 
HIS ND1  N  Y N 272 
HIS CD2  C  Y N 273 
HIS CE1  C  Y N 274 
HIS NE2  N  Y N 275 
HIS OXT  O  N N 276 
HIS H    H  N N 277 
HIS H2   H  N N 278 
HIS HA   H  N N 279 
HIS HB2  H  N N 280 
HIS HB3  H  N N 281 
HIS HD1  H  N N 282 
HIS HD2  H  N N 283 
HIS HE1  H  N N 284 
HIS HE2  H  N N 285 
HIS HXT  H  N N 286 
HOH O    O  N N 287 
HOH H1   H  N N 288 
HOH H2   H  N N 289 
ILE N    N  N N 290 
ILE CA   C  N S 291 
ILE C    C  N N 292 
ILE O    O  N N 293 
ILE CB   C  N S 294 
ILE CG1  C  N N 295 
ILE CG2  C  N N 296 
ILE CD1  C  N N 297 
ILE OXT  O  N N 298 
ILE H    H  N N 299 
ILE H2   H  N N 300 
ILE HA   H  N N 301 
ILE HB   H  N N 302 
ILE HG12 H  N N 303 
ILE HG13 H  N N 304 
ILE HG21 H  N N 305 
ILE HG22 H  N N 306 
ILE HG23 H  N N 307 
ILE HD11 H  N N 308 
ILE HD12 H  N N 309 
ILE HD13 H  N N 310 
ILE HXT  H  N N 311 
LEU N    N  N N 312 
LEU CA   C  N S 313 
LEU C    C  N N 314 
LEU O    O  N N 315 
LEU CB   C  N N 316 
LEU CG   C  N N 317 
LEU CD1  C  N N 318 
LEU CD2  C  N N 319 
LEU OXT  O  N N 320 
LEU H    H  N N 321 
LEU H2   H  N N 322 
LEU HA   H  N N 323 
LEU HB2  H  N N 324 
LEU HB3  H  N N 325 
LEU HG   H  N N 326 
LEU HD11 H  N N 327 
LEU HD12 H  N N 328 
LEU HD13 H  N N 329 
LEU HD21 H  N N 330 
LEU HD22 H  N N 331 
LEU HD23 H  N N 332 
LEU HXT  H  N N 333 
LYS N    N  N N 334 
LYS CA   C  N S 335 
LYS C    C  N N 336 
LYS O    O  N N 337 
LYS CB   C  N N 338 
LYS CG   C  N N 339 
LYS CD   C  N N 340 
LYS CE   C  N N 341 
LYS NZ   N  N N 342 
LYS OXT  O  N N 343 
LYS H    H  N N 344 
LYS H2   H  N N 345 
LYS HA   H  N N 346 
LYS HB2  H  N N 347 
LYS HB3  H  N N 348 
LYS HG2  H  N N 349 
LYS HG3  H  N N 350 
LYS HD2  H  N N 351 
LYS HD3  H  N N 352 
LYS HE2  H  N N 353 
LYS HE3  H  N N 354 
LYS HZ1  H  N N 355 
LYS HZ2  H  N N 356 
LYS HZ3  H  N N 357 
LYS HXT  H  N N 358 
MET N    N  N N 359 
MET CA   C  N S 360 
MET C    C  N N 361 
MET O    O  N N 362 
MET CB   C  N N 363 
MET CG   C  N N 364 
MET SD   S  N N 365 
MET CE   C  N N 366 
MET OXT  O  N N 367 
MET H    H  N N 368 
MET H2   H  N N 369 
MET HA   H  N N 370 
MET HB2  H  N N 371 
MET HB3  H  N N 372 
MET HG2  H  N N 373 
MET HG3  H  N N 374 
MET HE1  H  N N 375 
MET HE2  H  N N 376 
MET HE3  H  N N 377 
MET HXT  H  N N 378 
PHE N    N  N N 379 
PHE CA   C  N S 380 
PHE C    C  N N 381 
PHE O    O  N N 382 
PHE CB   C  N N 383 
PHE CG   C  Y N 384 
PHE CD1  C  Y N 385 
PHE CD2  C  Y N 386 
PHE CE1  C  Y N 387 
PHE CE2  C  Y N 388 
PHE CZ   C  Y N 389 
PHE OXT  O  N N 390 
PHE H    H  N N 391 
PHE H2   H  N N 392 
PHE HA   H  N N 393 
PHE HB2  H  N N 394 
PHE HB3  H  N N 395 
PHE HD1  H  N N 396 
PHE HD2  H  N N 397 
PHE HE1  H  N N 398 
PHE HE2  H  N N 399 
PHE HZ   H  N N 400 
PHE HXT  H  N N 401 
PRO N    N  N N 402 
PRO CA   C  N S 403 
PRO C    C  N N 404 
PRO O    O  N N 405 
PRO CB   C  N N 406 
PRO CG   C  N N 407 
PRO CD   C  N N 408 
PRO OXT  O  N N 409 
PRO H    H  N N 410 
PRO HA   H  N N 411 
PRO HB2  H  N N 412 
PRO HB3  H  N N 413 
PRO HG2  H  N N 414 
PRO HG3  H  N N 415 
PRO HD2  H  N N 416 
PRO HD3  H  N N 417 
PRO HXT  H  N N 418 
SER N    N  N N 419 
SER CA   C  N S 420 
SER C    C  N N 421 
SER O    O  N N 422 
SER CB   C  N N 423 
SER OG   O  N N 424 
SER OXT  O  N N 425 
SER H    H  N N 426 
SER H2   H  N N 427 
SER HA   H  N N 428 
SER HB2  H  N N 429 
SER HB3  H  N N 430 
SER HG   H  N N 431 
SER HXT  H  N N 432 
THR N    N  N N 433 
THR CA   C  N S 434 
THR C    C  N N 435 
THR O    O  N N 436 
THR CB   C  N R 437 
THR OG1  O  N N 438 
THR CG2  C  N N 439 
THR OXT  O  N N 440 
THR H    H  N N 441 
THR H2   H  N N 442 
THR HA   H  N N 443 
THR HB   H  N N 444 
THR HG1  H  N N 445 
THR HG21 H  N N 446 
THR HG22 H  N N 447 
THR HG23 H  N N 448 
THR HXT  H  N N 449 
TRP N    N  N N 450 
TRP CA   C  N S 451 
TRP C    C  N N 452 
TRP O    O  N N 453 
TRP CB   C  N N 454 
TRP CG   C  Y N 455 
TRP CD1  C  Y N 456 
TRP CD2  C  Y N 457 
TRP NE1  N  Y N 458 
TRP CE2  C  Y N 459 
TRP CE3  C  Y N 460 
TRP CZ2  C  Y N 461 
TRP CZ3  C  Y N 462 
TRP CH2  C  Y N 463 
TRP OXT  O  N N 464 
TRP H    H  N N 465 
TRP H2   H  N N 466 
TRP HA   H  N N 467 
TRP HB2  H  N N 468 
TRP HB3  H  N N 469 
TRP HD1  H  N N 470 
TRP HE1  H  N N 471 
TRP HE3  H  N N 472 
TRP HZ2  H  N N 473 
TRP HZ3  H  N N 474 
TRP HH2  H  N N 475 
TRP HXT  H  N N 476 
TYR N    N  N N 477 
TYR CA   C  N S 478 
TYR C    C  N N 479 
TYR O    O  N N 480 
TYR CB   C  N N 481 
TYR CG   C  Y N 482 
TYR CD1  C  Y N 483 
TYR CD2  C  Y N 484 
TYR CE1  C  Y N 485 
TYR CE2  C  Y N 486 
TYR CZ   C  Y N 487 
TYR OH   O  N N 488 
TYR OXT  O  N N 489 
TYR H    H  N N 490 
TYR H2   H  N N 491 
TYR HA   H  N N 492 
TYR HB2  H  N N 493 
TYR HB3  H  N N 494 
TYR HD1  H  N N 495 
TYR HD2  H  N N 496 
TYR HE1  H  N N 497 
TYR HE2  H  N N 498 
TYR HH   H  N N 499 
TYR HXT  H  N N 500 
VAL N    N  N N 501 
VAL CA   C  N S 502 
VAL C    C  N N 503 
VAL O    O  N N 504 
VAL CB   C  N N 505 
VAL CG1  C  N N 506 
VAL CG2  C  N N 507 
VAL OXT  O  N N 508 
VAL H    H  N N 509 
VAL H2   H  N N 510 
VAL HA   H  N N 511 
VAL HB   H  N N 512 
VAL HG11 H  N N 513 
VAL HG12 H  N N 514 
VAL HG13 H  N N 515 
VAL HG21 H  N N 516 
VAL HG22 H  N N 517 
VAL HG23 H  N N 518 
VAL HXT  H  N N 519 
# 
loop_
_chem_comp_bond.comp_id 
_chem_comp_bond.atom_id_1 
_chem_comp_bond.atom_id_2 
_chem_comp_bond.value_order 
_chem_comp_bond.pdbx_aromatic_flag 
_chem_comp_bond.pdbx_stereo_config 
_chem_comp_bond.pdbx_ordinal 
12P O37 C36  sing N N 1   
12P O37 H37  sing N N 2   
12P C36 C35  sing N N 3   
12P C36 H361 sing N N 4   
12P C36 H362 sing N N 5   
12P C35 O34  sing N N 6   
12P C35 H351 sing N N 7   
12P C35 H352 sing N N 8   
12P O34 C33  sing N N 9   
12P C33 C32  sing N N 10  
12P C33 H331 sing N N 11  
12P C33 H332 sing N N 12  
12P C32 O31  sing N N 13  
12P C32 H321 sing N N 14  
12P C32 H322 sing N N 15  
12P O31 C30  sing N N 16  
12P C30 C29  sing N N 17  
12P C30 H301 sing N N 18  
12P C30 H302 sing N N 19  
12P C29 O28  sing N N 20  
12P C29 H291 sing N N 21  
12P C29 H292 sing N N 22  
12P O28 C27  sing N N 23  
12P C27 C26  sing N N 24  
12P C27 H271 sing N N 25  
12P C27 H272 sing N N 26  
12P C26 O25  sing N N 27  
12P C26 H261 sing N N 28  
12P C26 H262 sing N N 29  
12P O25 C24  sing N N 30  
12P C24 C23  sing N N 31  
12P C24 H241 sing N N 32  
12P C24 H242 sing N N 33  
12P C23 O22  sing N N 34  
12P C23 H231 sing N N 35  
12P C23 H232 sing N N 36  
12P O22 C21  sing N N 37  
12P C21 C20  sing N N 38  
12P C21 H211 sing N N 39  
12P C21 H212 sing N N 40  
12P C20 O19  sing N N 41  
12P C20 H201 sing N N 42  
12P C20 H202 sing N N 43  
12P O19 C18  sing N N 44  
12P C18 C17  sing N N 45  
12P C18 H181 sing N N 46  
12P C18 H182 sing N N 47  
12P C17 O16  sing N N 48  
12P C17 H171 sing N N 49  
12P C17 H172 sing N N 50  
12P O16 C15  sing N N 51  
12P C15 C14  sing N N 52  
12P C15 H151 sing N N 53  
12P C15 H152 sing N N 54  
12P C14 O13  sing N N 55  
12P C14 H141 sing N N 56  
12P C14 H142 sing N N 57  
12P O13 C12  sing N N 58  
12P C12 C11  sing N N 59  
12P C12 H121 sing N N 60  
12P C12 H122 sing N N 61  
12P C11 O10  sing N N 62  
12P C11 H111 sing N N 63  
12P C11 H112 sing N N 64  
12P O10 C9   sing N N 65  
12P C9  C8   sing N N 66  
12P C9  H91  sing N N 67  
12P C9  H92  sing N N 68  
12P C8  O7   sing N N 69  
12P C8  H81  sing N N 70  
12P C8  H82  sing N N 71  
12P O7  C6   sing N N 72  
12P C6  C5   sing N N 73  
12P C6  H61  sing N N 74  
12P C6  H62  sing N N 75  
12P C5  O4   sing N N 76  
12P C5  H51  sing N N 77  
12P C5  H52  sing N N 78  
12P O4  C3   sing N N 79  
12P C3  C2   sing N N 80  
12P C3  H31  sing N N 81  
12P C3  H32  sing N N 82  
12P C2  O1   sing N N 83  
12P C2  H21  sing N N 84  
12P C2  H22  sing N N 85  
12P O1  HO1  sing N N 86  
4GE C5  C6   sing Y N 87  
4GE C5  C4   doub Y N 88  
4GE C6  CL1  sing N N 89  
4GE C6  C1   doub Y N 90  
4GE C1  C2   sing Y N 91  
4GE C2  C3   doub Y N 92  
4GE C3  C4   sing Y N 93  
4GE C4  C7   sing Y N 94  
4GE C7  N8   sing Y N 95  
4GE C7  N11  doub Y N 96  
4GE N8  C9   sing Y N 97  
4GE N11 C10  sing Y N 98  
4GE C10 C13  sing N N 99  
4GE C10 C9   doub Y N 100 
4GE C13 O15  doub N N 101 
4GE C13 O14  sing N N 102 
4GE C9  C16  sing N N 103 
4GE C16 O18  doub N N 104 
4GE C16 N17  sing N N 105 
4GE N17 C21  sing N N 106 
4GE N17 C19  sing N N 107 
4GE C19 C20  sing N N 108 
4GE C20 C22  sing Y N 109 
4GE C20 C26  doub Y N 110 
4GE C22 C23  doub Y N 111 
4GE C23 C24  sing Y N 112 
4GE C24 C25  doub Y N 113 
4GE C25 C26  sing Y N 114 
4GE C5  H5   sing N N 115 
4GE C1  H1   sing N N 116 
4GE C2  H2   sing N N 117 
4GE C3  H3   sing N N 118 
4GE N8  H8   sing N N 119 
4GE O14 H14  sing N N 120 
4GE C21 H211 sing N N 121 
4GE C21 H212 sing N N 122 
4GE C21 H213 sing N N 123 
4GE C19 H191 sing N N 124 
4GE C19 H192 sing N N 125 
4GE C22 H22  sing N N 126 
4GE C26 H26  sing N N 127 
4GE C23 H23  sing N N 128 
4GE C24 H24  sing N N 129 
4GE C25 H25  sing N N 130 
ALA N   CA   sing N N 131 
ALA N   H    sing N N 132 
ALA N   H2   sing N N 133 
ALA CA  C    sing N N 134 
ALA CA  CB   sing N N 135 
ALA CA  HA   sing N N 136 
ALA C   O    doub N N 137 
ALA C   OXT  sing N N 138 
ALA CB  HB1  sing N N 139 
ALA CB  HB2  sing N N 140 
ALA CB  HB3  sing N N 141 
ALA OXT HXT  sing N N 142 
ARG N   CA   sing N N 143 
ARG N   H    sing N N 144 
ARG N   H2   sing N N 145 
ARG CA  C    sing N N 146 
ARG CA  CB   sing N N 147 
ARG CA  HA   sing N N 148 
ARG C   O    doub N N 149 
ARG C   OXT  sing N N 150 
ARG CB  CG   sing N N 151 
ARG CB  HB2  sing N N 152 
ARG CB  HB3  sing N N 153 
ARG CG  CD   sing N N 154 
ARG CG  HG2  sing N N 155 
ARG CG  HG3  sing N N 156 
ARG CD  NE   sing N N 157 
ARG CD  HD2  sing N N 158 
ARG CD  HD3  sing N N 159 
ARG NE  CZ   sing N N 160 
ARG NE  HE   sing N N 161 
ARG CZ  NH1  sing N N 162 
ARG CZ  NH2  doub N N 163 
ARG NH1 HH11 sing N N 164 
ARG NH1 HH12 sing N N 165 
ARG NH2 HH21 sing N N 166 
ARG NH2 HH22 sing N N 167 
ARG OXT HXT  sing N N 168 
ASN N   CA   sing N N 169 
ASN N   H    sing N N 170 
ASN N   H2   sing N N 171 
ASN CA  C    sing N N 172 
ASN CA  CB   sing N N 173 
ASN CA  HA   sing N N 174 
ASN C   O    doub N N 175 
ASN C   OXT  sing N N 176 
ASN CB  CG   sing N N 177 
ASN CB  HB2  sing N N 178 
ASN CB  HB3  sing N N 179 
ASN CG  OD1  doub N N 180 
ASN CG  ND2  sing N N 181 
ASN ND2 HD21 sing N N 182 
ASN ND2 HD22 sing N N 183 
ASN OXT HXT  sing N N 184 
ASP N   CA   sing N N 185 
ASP N   H    sing N N 186 
ASP N   H2   sing N N 187 
ASP CA  C    sing N N 188 
ASP CA  CB   sing N N 189 
ASP CA  HA   sing N N 190 
ASP C   O    doub N N 191 
ASP C   OXT  sing N N 192 
ASP CB  CG   sing N N 193 
ASP CB  HB2  sing N N 194 
ASP CB  HB3  sing N N 195 
ASP CG  OD1  doub N N 196 
ASP CG  OD2  sing N N 197 
ASP OD2 HD2  sing N N 198 
ASP OXT HXT  sing N N 199 
CYS N   CA   sing N N 200 
CYS N   H    sing N N 201 
CYS N   H2   sing N N 202 
CYS CA  C    sing N N 203 
CYS CA  CB   sing N N 204 
CYS CA  HA   sing N N 205 
CYS C   O    doub N N 206 
CYS C   OXT  sing N N 207 
CYS CB  SG   sing N N 208 
CYS CB  HB2  sing N N 209 
CYS CB  HB3  sing N N 210 
CYS SG  HG   sing N N 211 
CYS OXT HXT  sing N N 212 
GLN N   CA   sing N N 213 
GLN N   H    sing N N 214 
GLN N   H2   sing N N 215 
GLN CA  C    sing N N 216 
GLN CA  CB   sing N N 217 
GLN CA  HA   sing N N 218 
GLN C   O    doub N N 219 
GLN C   OXT  sing N N 220 
GLN CB  CG   sing N N 221 
GLN CB  HB2  sing N N 222 
GLN CB  HB3  sing N N 223 
GLN CG  CD   sing N N 224 
GLN CG  HG2  sing N N 225 
GLN CG  HG3  sing N N 226 
GLN CD  OE1  doub N N 227 
GLN CD  NE2  sing N N 228 
GLN NE2 HE21 sing N N 229 
GLN NE2 HE22 sing N N 230 
GLN OXT HXT  sing N N 231 
GLU N   CA   sing N N 232 
GLU N   H    sing N N 233 
GLU N   H2   sing N N 234 
GLU CA  C    sing N N 235 
GLU CA  CB   sing N N 236 
GLU CA  HA   sing N N 237 
GLU C   O    doub N N 238 
GLU C   OXT  sing N N 239 
GLU CB  CG   sing N N 240 
GLU CB  HB2  sing N N 241 
GLU CB  HB3  sing N N 242 
GLU CG  CD   sing N N 243 
GLU CG  HG2  sing N N 244 
GLU CG  HG3  sing N N 245 
GLU CD  OE1  doub N N 246 
GLU CD  OE2  sing N N 247 
GLU OE2 HE2  sing N N 248 
GLU OXT HXT  sing N N 249 
GLY N   CA   sing N N 250 
GLY N   H    sing N N 251 
GLY N   H2   sing N N 252 
GLY CA  C    sing N N 253 
GLY CA  HA2  sing N N 254 
GLY CA  HA3  sing N N 255 
GLY C   O    doub N N 256 
GLY C   OXT  sing N N 257 
GLY OXT HXT  sing N N 258 
HIS N   CA   sing N N 259 
HIS N   H    sing N N 260 
HIS N   H2   sing N N 261 
HIS CA  C    sing N N 262 
HIS CA  CB   sing N N 263 
HIS CA  HA   sing N N 264 
HIS C   O    doub N N 265 
HIS C   OXT  sing N N 266 
HIS CB  CG   sing N N 267 
HIS CB  HB2  sing N N 268 
HIS CB  HB3  sing N N 269 
HIS CG  ND1  sing Y N 270 
HIS CG  CD2  doub Y N 271 
HIS ND1 CE1  doub Y N 272 
HIS ND1 HD1  sing N N 273 
HIS CD2 NE2  sing Y N 274 
HIS CD2 HD2  sing N N 275 
HIS CE1 NE2  sing Y N 276 
HIS CE1 HE1  sing N N 277 
HIS NE2 HE2  sing N N 278 
HIS OXT HXT  sing N N 279 
HOH O   H1   sing N N 280 
HOH O   H2   sing N N 281 
ILE N   CA   sing N N 282 
ILE N   H    sing N N 283 
ILE N   H2   sing N N 284 
ILE CA  C    sing N N 285 
ILE CA  CB   sing N N 286 
ILE CA  HA   sing N N 287 
ILE C   O    doub N N 288 
ILE C   OXT  sing N N 289 
ILE CB  CG1  sing N N 290 
ILE CB  CG2  sing N N 291 
ILE CB  HB   sing N N 292 
ILE CG1 CD1  sing N N 293 
ILE CG1 HG12 sing N N 294 
ILE CG1 HG13 sing N N 295 
ILE CG2 HG21 sing N N 296 
ILE CG2 HG22 sing N N 297 
ILE CG2 HG23 sing N N 298 
ILE CD1 HD11 sing N N 299 
ILE CD1 HD12 sing N N 300 
ILE CD1 HD13 sing N N 301 
ILE OXT HXT  sing N N 302 
LEU N   CA   sing N N 303 
LEU N   H    sing N N 304 
LEU N   H2   sing N N 305 
LEU CA  C    sing N N 306 
LEU CA  CB   sing N N 307 
LEU CA  HA   sing N N 308 
LEU C   O    doub N N 309 
LEU C   OXT  sing N N 310 
LEU CB  CG   sing N N 311 
LEU CB  HB2  sing N N 312 
LEU CB  HB3  sing N N 313 
LEU CG  CD1  sing N N 314 
LEU CG  CD2  sing N N 315 
LEU CG  HG   sing N N 316 
LEU CD1 HD11 sing N N 317 
LEU CD1 HD12 sing N N 318 
LEU CD1 HD13 sing N N 319 
LEU CD2 HD21 sing N N 320 
LEU CD2 HD22 sing N N 321 
LEU CD2 HD23 sing N N 322 
LEU OXT HXT  sing N N 323 
LYS N   CA   sing N N 324 
LYS N   H    sing N N 325 
LYS N   H2   sing N N 326 
LYS CA  C    sing N N 327 
LYS CA  CB   sing N N 328 
LYS CA  HA   sing N N 329 
LYS C   O    doub N N 330 
LYS C   OXT  sing N N 331 
LYS CB  CG   sing N N 332 
LYS CB  HB2  sing N N 333 
LYS CB  HB3  sing N N 334 
LYS CG  CD   sing N N 335 
LYS CG  HG2  sing N N 336 
LYS CG  HG3  sing N N 337 
LYS CD  CE   sing N N 338 
LYS CD  HD2  sing N N 339 
LYS CD  HD3  sing N N 340 
LYS CE  NZ   sing N N 341 
LYS CE  HE2  sing N N 342 
LYS CE  HE3  sing N N 343 
LYS NZ  HZ1  sing N N 344 
LYS NZ  HZ2  sing N N 345 
LYS NZ  HZ3  sing N N 346 
LYS OXT HXT  sing N N 347 
MET N   CA   sing N N 348 
MET N   H    sing N N 349 
MET N   H2   sing N N 350 
MET CA  C    sing N N 351 
MET CA  CB   sing N N 352 
MET CA  HA   sing N N 353 
MET C   O    doub N N 354 
MET C   OXT  sing N N 355 
MET CB  CG   sing N N 356 
MET CB  HB2  sing N N 357 
MET CB  HB3  sing N N 358 
MET CG  SD   sing N N 359 
MET CG  HG2  sing N N 360 
MET CG  HG3  sing N N 361 
MET SD  CE   sing N N 362 
MET CE  HE1  sing N N 363 
MET CE  HE2  sing N N 364 
MET CE  HE3  sing N N 365 
MET OXT HXT  sing N N 366 
PHE N   CA   sing N N 367 
PHE N   H    sing N N 368 
PHE N   H2   sing N N 369 
PHE CA  C    sing N N 370 
PHE CA  CB   sing N N 371 
PHE CA  HA   sing N N 372 
PHE C   O    doub N N 373 
PHE C   OXT  sing N N 374 
PHE CB  CG   sing N N 375 
PHE CB  HB2  sing N N 376 
PHE CB  HB3  sing N N 377 
PHE CG  CD1  doub Y N 378 
PHE CG  CD2  sing Y N 379 
PHE CD1 CE1  sing Y N 380 
PHE CD1 HD1  sing N N 381 
PHE CD2 CE2  doub Y N 382 
PHE CD2 HD2  sing N N 383 
PHE CE1 CZ   doub Y N 384 
PHE CE1 HE1  sing N N 385 
PHE CE2 CZ   sing Y N 386 
PHE CE2 HE2  sing N N 387 
PHE CZ  HZ   sing N N 388 
PHE OXT HXT  sing N N 389 
PRO N   CA   sing N N 390 
PRO N   CD   sing N N 391 
PRO N   H    sing N N 392 
PRO CA  C    sing N N 393 
PRO CA  CB   sing N N 394 
PRO CA  HA   sing N N 395 
PRO C   O    doub N N 396 
PRO C   OXT  sing N N 397 
PRO CB  CG   sing N N 398 
PRO CB  HB2  sing N N 399 
PRO CB  HB3  sing N N 400 
PRO CG  CD   sing N N 401 
PRO CG  HG2  sing N N 402 
PRO CG  HG3  sing N N 403 
PRO CD  HD2  sing N N 404 
PRO CD  HD3  sing N N 405 
PRO OXT HXT  sing N N 406 
SER N   CA   sing N N 407 
SER N   H    sing N N 408 
SER N   H2   sing N N 409 
SER CA  C    sing N N 410 
SER CA  CB   sing N N 411 
SER CA  HA   sing N N 412 
SER C   O    doub N N 413 
SER C   OXT  sing N N 414 
SER CB  OG   sing N N 415 
SER CB  HB2  sing N N 416 
SER CB  HB3  sing N N 417 
SER OG  HG   sing N N 418 
SER OXT HXT  sing N N 419 
THR N   CA   sing N N 420 
THR N   H    sing N N 421 
THR N   H2   sing N N 422 
THR CA  C    sing N N 423 
THR CA  CB   sing N N 424 
THR CA  HA   sing N N 425 
THR C   O    doub N N 426 
THR C   OXT  sing N N 427 
THR CB  OG1  sing N N 428 
THR CB  CG2  sing N N 429 
THR CB  HB   sing N N 430 
THR OG1 HG1  sing N N 431 
THR CG2 HG21 sing N N 432 
THR CG2 HG22 sing N N 433 
THR CG2 HG23 sing N N 434 
THR OXT HXT  sing N N 435 
TRP N   CA   sing N N 436 
TRP N   H    sing N N 437 
TRP N   H2   sing N N 438 
TRP CA  C    sing N N 439 
TRP CA  CB   sing N N 440 
TRP CA  HA   sing N N 441 
TRP C   O    doub N N 442 
TRP C   OXT  sing N N 443 
TRP CB  CG   sing N N 444 
TRP CB  HB2  sing N N 445 
TRP CB  HB3  sing N N 446 
TRP CG  CD1  doub Y N 447 
TRP CG  CD2  sing Y N 448 
TRP CD1 NE1  sing Y N 449 
TRP CD1 HD1  sing N N 450 
TRP CD2 CE2  doub Y N 451 
TRP CD2 CE3  sing Y N 452 
TRP NE1 CE2  sing Y N 453 
TRP NE1 HE1  sing N N 454 
TRP CE2 CZ2  sing Y N 455 
TRP CE3 CZ3  doub Y N 456 
TRP CE3 HE3  sing N N 457 
TRP CZ2 CH2  doub Y N 458 
TRP CZ2 HZ2  sing N N 459 
TRP CZ3 CH2  sing Y N 460 
TRP CZ3 HZ3  sing N N 461 
TRP CH2 HH2  sing N N 462 
TRP OXT HXT  sing N N 463 
TYR N   CA   sing N N 464 
TYR N   H    sing N N 465 
TYR N   H2   sing N N 466 
TYR CA  C    sing N N 467 
TYR CA  CB   sing N N 468 
TYR CA  HA   sing N N 469 
TYR C   O    doub N N 470 
TYR C   OXT  sing N N 471 
TYR CB  CG   sing N N 472 
TYR CB  HB2  sing N N 473 
TYR CB  HB3  sing N N 474 
TYR CG  CD1  doub Y N 475 
TYR CG  CD2  sing Y N 476 
TYR CD1 CE1  sing Y N 477 
TYR CD1 HD1  sing N N 478 
TYR CD2 CE2  doub Y N 479 
TYR CD2 HD2  sing N N 480 
TYR CE1 CZ   doub Y N 481 
TYR CE1 HE1  sing N N 482 
TYR CE2 CZ   sing Y N 483 
TYR CE2 HE2  sing N N 484 
TYR CZ  OH   sing N N 485 
TYR OH  HH   sing N N 486 
TYR OXT HXT  sing N N 487 
VAL N   CA   sing N N 488 
VAL N   H    sing N N 489 
VAL N   H2   sing N N 490 
VAL CA  C    sing N N 491 
VAL CA  CB   sing N N 492 
VAL CA  HA   sing N N 493 
VAL C   O    doub N N 494 
VAL C   OXT  sing N N 495 
VAL CB  CG1  sing N N 496 
VAL CB  CG2  sing N N 497 
VAL CB  HB   sing N N 498 
VAL CG1 HG11 sing N N 499 
VAL CG1 HG12 sing N N 500 
VAL CG1 HG13 sing N N 501 
VAL CG2 HG21 sing N N 502 
VAL CG2 HG22 sing N N 503 
VAL CG2 HG23 sing N N 504 
VAL OXT HXT  sing N N 505 
# 
loop_
_pdbx_entity_nonpoly.entity_id 
_pdbx_entity_nonpoly.name 
_pdbx_entity_nonpoly.comp_id 
2 'DODECAETHYLENE GLYCOL'                                                         12P 
3 '5-[BENZYL(METHYL)CARBAMOYL]-2-(3-CHLOROPHENYL)-1H-IMIDAZOLE-4-CARBOXYLIC ACID' 4GE 
4 water                                                                           HOH 
# 
_pdbx_initial_refinement_model.id               1 
_pdbx_initial_refinement_model.entity_id_list   ? 
_pdbx_initial_refinement_model.type             'experimental model' 
_pdbx_initial_refinement_model.source_name      PDB 
_pdbx_initial_refinement_model.accession_code   3KCE 
_pdbx_initial_refinement_model.details          'PDB ENTRY 3KCE' 
# 
